data_8T4Y
#
_entry.id   8T4Y
#
loop_
_entity.id
_entity.type
_entity.pdbx_description
1 polymer 'Potassium/sodium hyperpolarization-activated cyclic nucleotide-gated channel 1'
2 non-polymer "ADENOSINE-3',5'-CYCLIC-MONOPHOSPHATE"
#
_entity_poly.entity_id   1
_entity_poly.type   'polypeptide(L)'
_entity_poly.pdbx_seq_one_letter_code
;MEGGGKPNSSSNSRDDGNSVFPAKASATGAGPAAAEKRLGTPPGGGGAGAKEHGNSVCFKVDGGGGGGGGGGGGEEPAGG
FEDAEGPRRQYGFMQRQFTSMLQPGVNKFSLRMFGSQKAVEKEQERVKTAGFWIIHPYSDFRFYWDLIMLIMMVGNLVII
PVGITFFTEQTTTPWIIFNVASDTVCLLDLIMNFRTGTVNEDSSEIILDPKVIKMNYLKSWFVVDFISSIPVDYIFLIVE
KGMDSEVYKTARALRIVRFTKILCLLRLLRLSRLIRYIHQWEEIFHMTYDLASAVVRIFNLIGMMLLLAHWDGCLQFLVP
LLQDFPPDCWVSLNEMVNDSWGKQYSYALFKAMSHMLCIGYGAQAPVSMSDLWITMLSMIVGATCYAMFVGHATALIQSL
DSSRRQYQEKYKQVEQYMSFHKLPADMRQKIHDYYEHRYQGKIFDEENILNELNDPLREEIVNFNCRKLVATMPLFANAD
PNFVTAMLSKLRFEVFQPGDYIIREGAVGKKMYFIQHGVAGVITKSSKEMKLTDGSYFGEICLLTKGRRTASVRADTYCR
LYSLSVDNFNEVLEEYPMMRRAFETVAIDRLDRIGKKNSILLQKFQKDLNTGVFNNQENEILKQIVKHDREMVQAIAPIN
YPQMTTLNSTSSTTTPTSRMRTQSPPVYTATSLSHSNLHSPSPSTQTPQPSAILSPCSYTTAVCSPPVQSPLAARTFHYA
SPTASQLSLMQQQPQQQVQQSQPPQTQPQQPSPQPQTPGSSTPKNEVHKSTQALHNTNLTREVRPLSASQPSLPHEVSTL
ISRPHPTVGESLASIPQPVTAVPGTGLQAGGRSTVPQRVTLFRQMSSGAIPPNRGVPPAPPPPAAALPRESSSVLNTDPD
AEKPRFASNL
;
_entity_poly.pdbx_strand_id   A,D,C,B
#
loop_
_chem_comp.id
_chem_comp.type
_chem_comp.name
_chem_comp.formula
CMP non-polymer ADENOSINE-3',5'-CYCLIC-MONOPHOSPHATE 'C10 H12 N5 O6 P'
#
# COMPACT_ATOMS: atom_id res chain seq x y z
N LYS A 108 19.01 -27.55 -5.89
CA LYS A 108 17.67 -27.05 -6.14
C LYS A 108 17.26 -26.04 -5.07
N PHE A 109 15.99 -26.13 -4.64
CA PHE A 109 15.51 -25.22 -3.61
C PHE A 109 16.24 -25.45 -2.29
N SER A 110 16.46 -26.71 -1.92
CA SER A 110 17.20 -27.01 -0.70
C SER A 110 18.63 -26.50 -0.77
N LEU A 111 19.27 -26.66 -1.93
CA LEU A 111 20.64 -26.17 -2.08
C LEU A 111 20.70 -24.66 -1.95
N ARG A 112 19.74 -23.94 -2.55
CA ARG A 112 19.71 -22.49 -2.42
C ARG A 112 19.43 -22.07 -0.99
N MET A 113 18.55 -22.78 -0.30
CA MET A 113 18.24 -22.43 1.08
C MET A 113 19.39 -22.74 2.03
N PHE A 114 20.25 -23.70 1.67
CA PHE A 114 21.38 -24.05 2.51
C PHE A 114 22.61 -23.19 2.22
N GLY A 115 22.92 -22.99 0.94
CA GLY A 115 24.09 -22.22 0.56
C GLY A 115 24.48 -22.44 -0.88
N SER A 116 25.76 -22.75 -1.11
CA SER A 116 26.26 -23.07 -2.44
C SER A 116 26.44 -24.58 -2.57
N GLN A 117 27.05 -25.00 -3.69
CA GLN A 117 27.30 -26.43 -3.88
C GLN A 117 28.25 -26.98 -2.83
N LYS A 118 29.29 -26.22 -2.48
CA LYS A 118 30.23 -26.67 -1.47
C LYS A 118 29.55 -26.80 -0.11
N ALA A 119 28.72 -25.82 0.26
CA ALA A 119 28.01 -25.88 1.54
C ALA A 119 27.04 -27.05 1.58
N VAL A 120 26.33 -27.29 0.47
CA VAL A 120 25.39 -28.40 0.41
C VAL A 120 26.13 -29.73 0.55
N GLU A 121 27.27 -29.85 -0.14
CA GLU A 121 28.06 -31.08 -0.05
C GLU A 121 28.59 -31.29 1.35
N LYS A 122 29.05 -30.21 2.01
CA LYS A 122 29.53 -30.33 3.38
C LYS A 122 28.41 -30.75 4.32
N GLU A 123 27.22 -30.17 4.16
CA GLU A 123 26.09 -30.55 4.99
C GLU A 123 25.71 -32.01 4.77
N GLN A 124 25.71 -32.46 3.52
CA GLN A 124 25.39 -33.85 3.22
C GLN A 124 26.42 -34.80 3.83
N GLU A 125 27.70 -34.43 3.75
CA GLU A 125 28.74 -35.26 4.35
C GLU A 125 28.61 -35.30 5.86
N ARG A 126 28.29 -34.16 6.49
CA ARG A 126 28.09 -34.14 7.93
C ARG A 126 26.91 -35.00 8.34
N VAL A 127 25.81 -34.94 7.57
CA VAL A 127 24.66 -35.76 7.87
C VAL A 127 25.00 -37.25 7.72
N LYS A 128 25.72 -37.60 6.65
CA LYS A 128 26.12 -38.99 6.45
C LYS A 128 27.06 -39.47 7.55
N THR A 129 28.00 -38.63 7.96
CA THR A 129 28.94 -38.99 9.01
C THR A 129 28.33 -38.79 10.39
N ILE A 135 18.11 -39.08 5.84
CA ILE A 135 17.01 -39.07 6.80
C ILE A 135 16.61 -37.63 7.12
N HIS A 136 17.47 -36.69 6.74
CA HIS A 136 17.18 -35.29 6.97
C HIS A 136 16.02 -34.84 6.08
N PRO A 137 15.24 -33.84 6.53
CA PRO A 137 14.04 -33.46 5.76
C PRO A 137 14.32 -33.01 4.34
N TYR A 138 15.46 -32.38 4.09
CA TYR A 138 15.81 -31.91 2.74
C TYR A 138 16.46 -33.02 1.92
N SER A 139 15.81 -34.17 1.85
CA SER A 139 16.31 -35.31 1.11
C SER A 139 15.37 -35.66 -0.03
N ASP A 140 15.97 -36.14 -1.13
CA ASP A 140 15.18 -36.44 -2.33
C ASP A 140 14.16 -37.55 -2.05
N PHE A 141 14.55 -38.56 -1.28
CA PHE A 141 13.64 -39.66 -0.97
C PHE A 141 12.40 -39.16 -0.25
N ARG A 142 12.60 -38.36 0.81
CA ARG A 142 11.47 -37.79 1.53
C ARG A 142 10.71 -36.79 0.67
N PHE A 143 11.43 -35.96 -0.09
CA PHE A 143 10.81 -34.96 -0.94
C PHE A 143 10.04 -35.58 -2.11
N TYR A 144 10.20 -36.88 -2.36
CA TYR A 144 9.37 -37.57 -3.33
C TYR A 144 8.29 -38.43 -2.69
N TRP A 145 8.55 -38.97 -1.49
CA TRP A 145 7.58 -39.81 -0.80
C TRP A 145 6.49 -38.99 -0.11
N ASP A 146 6.73 -37.70 0.16
CA ASP A 146 5.72 -36.88 0.79
C ASP A 146 4.48 -36.76 -0.10
N LEU A 147 4.69 -36.68 -1.41
CA LEU A 147 3.56 -36.60 -2.34
C LEU A 147 2.72 -37.87 -2.29
N ILE A 148 3.36 -39.03 -2.24
CA ILE A 148 2.62 -40.29 -2.15
C ILE A 148 1.87 -40.37 -0.82
N MET A 149 2.52 -39.94 0.26
CA MET A 149 1.86 -39.94 1.56
C MET A 149 0.64 -39.02 1.57
N LEU A 150 0.77 -37.84 0.95
CA LEU A 150 -0.35 -36.91 0.88
C LEU A 150 -1.47 -37.46 0.02
N ILE A 151 -1.14 -38.14 -1.08
CA ILE A 151 -2.16 -38.76 -1.92
C ILE A 151 -2.91 -39.84 -1.15
N MET A 152 -2.17 -40.66 -0.39
CA MET A 152 -2.82 -41.69 0.41
C MET A 152 -3.71 -41.07 1.49
N MET A 153 -3.24 -39.99 2.12
CA MET A 153 -4.04 -39.31 3.13
C MET A 153 -5.31 -38.73 2.52
N VAL A 154 -5.21 -38.14 1.34
CA VAL A 154 -6.38 -37.59 0.67
C VAL A 154 -7.36 -38.69 0.31
N GLY A 155 -6.86 -39.81 -0.20
CA GLY A 155 -7.75 -40.93 -0.50
C GLY A 155 -8.44 -41.46 0.74
N ASN A 156 -7.72 -41.58 1.84
CA ASN A 156 -8.32 -42.04 3.09
C ASN A 156 -9.37 -41.06 3.59
N LEU A 157 -9.08 -39.75 3.50
CA LEU A 157 -10.04 -38.75 3.97
C LEU A 157 -11.27 -38.69 3.06
N VAL A 158 -11.12 -39.08 1.80
CA VAL A 158 -12.28 -39.11 0.90
C VAL A 158 -13.08 -40.40 1.08
N ILE A 159 -12.43 -41.49 1.46
CA ILE A 159 -13.11 -42.77 1.57
C ILE A 159 -13.73 -43.00 2.94
N ILE A 160 -13.18 -42.37 4.00
CA ILE A 160 -13.71 -42.59 5.34
C ILE A 160 -15.17 -42.17 5.48
N PRO A 161 -15.60 -41.00 5.00
CA PRO A 161 -17.04 -40.69 5.06
C PRO A 161 -17.90 -41.68 4.30
N VAL A 162 -17.41 -42.18 3.17
CA VAL A 162 -18.18 -43.18 2.41
C VAL A 162 -18.37 -44.44 3.22
N GLY A 163 -17.30 -44.91 3.87
CA GLY A 163 -17.42 -46.09 4.71
C GLY A 163 -18.32 -45.86 5.91
N ILE A 164 -18.25 -44.66 6.49
CA ILE A 164 -19.12 -44.33 7.62
C ILE A 164 -20.58 -44.36 7.20
N THR A 165 -20.88 -43.79 6.03
CA THR A 165 -22.25 -43.84 5.51
C THR A 165 -22.68 -45.27 5.22
N PHE A 166 -21.78 -46.08 4.67
CA PHE A 166 -22.07 -47.48 4.42
C PHE A 166 -22.10 -48.31 5.69
N PHE A 167 -21.61 -47.77 6.81
CA PHE A 167 -21.60 -48.43 8.11
C PHE A 167 -20.82 -49.74 8.12
N THR A 168 -19.93 -49.92 7.13
CA THR A 168 -19.10 -51.12 7.01
C THR A 168 -19.93 -52.40 6.98
N GLU A 169 -21.16 -52.31 6.46
CA GLU A 169 -22.02 -53.49 6.39
C GLU A 169 -21.51 -54.46 5.34
N GLN A 170 -20.96 -53.96 4.24
CA GLN A 170 -20.45 -54.77 3.14
C GLN A 170 -19.00 -54.43 2.84
N THR A 171 -18.18 -54.35 3.90
CA THR A 171 -16.77 -54.03 3.76
C THR A 171 -16.05 -55.26 3.19
N THR A 172 -16.24 -55.47 1.88
CA THR A 172 -15.67 -56.62 1.20
C THR A 172 -14.21 -56.36 0.87
N THR A 173 -13.64 -57.21 0.01
CA THR A 173 -12.23 -57.06 -0.36
C THR A 173 -11.88 -55.72 -0.97
N PRO A 174 -12.65 -55.15 -1.91
CA PRO A 174 -12.26 -53.85 -2.47
C PRO A 174 -12.13 -52.74 -1.43
N TRP A 175 -12.92 -52.79 -0.36
CA TRP A 175 -12.87 -51.78 0.69
C TRP A 175 -11.94 -52.17 1.84
N ILE A 176 -11.93 -53.44 2.22
CA ILE A 176 -11.05 -53.89 3.29
C ILE A 176 -9.59 -53.74 2.87
N ILE A 177 -9.28 -54.08 1.61
CA ILE A 177 -7.92 -53.94 1.12
C ILE A 177 -7.51 -52.47 1.09
N PHE A 178 -8.42 -51.59 0.67
CA PHE A 178 -8.11 -50.16 0.66
C PHE A 178 -7.86 -49.65 2.07
N ASN A 179 -8.68 -50.07 3.03
CA ASN A 179 -8.49 -49.64 4.42
C ASN A 179 -7.16 -50.15 4.97
N VAL A 180 -6.81 -51.40 4.65
CA VAL A 180 -5.54 -51.96 5.11
C VAL A 180 -4.36 -51.22 4.50
N ALA A 181 -4.47 -50.89 3.20
CA ALA A 181 -3.40 -50.13 2.55
C ALA A 181 -3.25 -48.74 3.17
N SER A 182 -4.37 -48.07 3.45
CA SER A 182 -4.31 -46.77 4.09
C SER A 182 -3.68 -46.86 5.48
N ASP A 183 -4.06 -47.88 6.25
CA ASP A 183 -3.48 -48.05 7.58
C ASP A 183 -1.98 -48.33 7.49
N THR A 184 -1.56 -49.15 6.52
CA THR A 184 -0.14 -49.43 6.36
C THR A 184 0.63 -48.18 5.95
N VAL A 185 0.05 -47.38 5.06
CA VAL A 185 0.70 -46.13 4.67
C VAL A 185 0.84 -45.18 5.85
N CYS A 186 -0.22 -45.08 6.67
CA CYS A 186 -0.16 -44.22 7.85
C CYS A 186 0.88 -44.72 8.84
N LEU A 187 0.97 -46.04 9.03
CA LEU A 187 1.97 -46.60 9.94
C LEU A 187 3.38 -46.35 9.44
N LEU A 188 3.60 -46.50 8.12
CA LEU A 188 4.91 -46.22 7.55
C LEU A 188 5.26 -44.75 7.70
N ASP A 189 4.28 -43.86 7.50
CA ASP A 189 4.54 -42.43 7.68
C ASP A 189 4.89 -42.11 9.13
N LEU A 190 4.19 -42.72 10.08
CA LEU A 190 4.50 -42.49 11.49
C LEU A 190 5.88 -43.02 11.84
N ILE A 191 6.25 -44.19 11.30
CA ILE A 191 7.57 -44.75 11.57
C ILE A 191 8.65 -43.86 10.99
N MET A 192 8.45 -43.34 9.78
CA MET A 192 9.43 -42.45 9.18
C MET A 192 9.55 -41.15 9.97
N ASN A 193 8.42 -40.60 10.43
CA ASN A 193 8.44 -39.39 11.23
C ASN A 193 9.08 -39.61 12.59
N PHE A 194 9.06 -40.84 13.10
CA PHE A 194 9.70 -41.13 14.38
C PHE A 194 11.21 -40.88 14.30
N ARG A 195 11.83 -41.29 13.20
CA ARG A 195 13.26 -41.10 13.02
C ARG A 195 13.55 -39.73 12.40
N ASP A 209 22.16 -37.18 19.71
CA ASP A 209 21.60 -36.19 18.78
C ASP A 209 20.30 -36.64 18.12
N PRO A 210 20.27 -37.82 17.47
CA PRO A 210 19.02 -38.24 16.81
C PRO A 210 18.00 -38.79 17.79
N LYS A 211 18.47 -39.47 18.84
CA LYS A 211 17.57 -39.99 19.85
C LYS A 211 16.85 -38.87 20.60
N VAL A 212 17.58 -37.81 20.95
CA VAL A 212 16.97 -36.69 21.65
C VAL A 212 15.96 -35.99 20.75
N ILE A 213 16.30 -35.82 19.46
CA ILE A 213 15.38 -35.19 18.53
C ILE A 213 14.11 -36.03 18.37
N LYS A 214 14.28 -37.35 18.26
CA LYS A 214 13.12 -38.23 18.15
C LYS A 214 12.25 -38.18 19.39
N MET A 215 12.88 -38.16 20.58
CA MET A 215 12.11 -38.05 21.82
C MET A 215 11.36 -36.73 21.90
N ASN A 216 12.00 -35.63 21.50
CA ASN A 216 11.33 -34.33 21.51
C ASN A 216 10.15 -34.31 20.53
N TYR A 217 10.35 -34.88 19.34
CA TYR A 217 9.27 -34.93 18.36
C TYR A 217 8.10 -35.77 18.86
N LEU A 218 8.40 -36.91 19.51
CA LEU A 218 7.35 -37.74 20.06
C LEU A 218 6.60 -37.02 21.17
N LYS A 219 7.33 -36.33 22.05
CA LYS A 219 6.68 -35.58 23.13
C LYS A 219 5.85 -34.42 22.60
N SER A 220 6.25 -33.85 21.46
CA SER A 220 5.53 -32.70 20.92
C SER A 220 4.31 -33.12 20.11
N TRP A 221 4.52 -33.75 18.96
CA TRP A 221 3.41 -34.08 18.08
C TRP A 221 3.44 -35.50 17.52
N PHE A 222 4.58 -36.18 17.50
CA PHE A 222 4.66 -37.47 16.81
C PHE A 222 3.82 -38.53 17.51
N VAL A 223 3.71 -38.46 18.84
CA VAL A 223 2.93 -39.45 19.57
C VAL A 223 1.46 -39.37 19.22
N VAL A 224 0.92 -38.15 19.11
CA VAL A 224 -0.49 -37.99 18.77
C VAL A 224 -0.77 -38.52 17.38
N ASP A 225 0.10 -38.21 16.41
CA ASP A 225 -0.08 -38.71 15.05
C ASP A 225 0.02 -40.23 15.00
N PHE A 226 0.98 -40.80 15.74
CA PHE A 226 1.12 -42.26 15.76
C PHE A 226 -0.11 -42.91 16.38
N ILE A 227 -0.67 -42.32 17.43
CA ILE A 227 -1.89 -42.85 18.03
C ILE A 227 -3.04 -42.76 17.03
N SER A 228 -3.14 -41.65 16.30
CA SER A 228 -4.16 -41.49 15.29
C SER A 228 -3.97 -42.43 14.11
N SER A 229 -2.74 -42.87 13.84
CA SER A 229 -2.43 -43.77 12.74
C SER A 229 -2.31 -45.18 13.30
N ILE A 230 -3.43 -45.91 13.33
CA ILE A 230 -3.46 -47.26 13.87
C ILE A 230 -4.54 -48.07 13.15
N PRO A 231 -4.34 -49.37 12.94
CA PRO A 231 -5.38 -50.18 12.30
C PRO A 231 -6.47 -50.58 13.29
N VAL A 232 -7.46 -49.69 13.46
CA VAL A 232 -8.52 -49.93 14.44
C VAL A 232 -9.36 -51.15 14.10
N ASP A 233 -9.30 -51.62 12.86
CA ASP A 233 -10.04 -52.83 12.49
C ASP A 233 -9.55 -54.04 13.28
N TYR A 234 -8.23 -54.17 13.43
CA TYR A 234 -7.68 -55.28 14.21
C TYR A 234 -8.09 -55.18 15.67
N ILE A 235 -8.10 -53.97 16.23
CA ILE A 235 -8.51 -53.77 17.61
C ILE A 235 -9.98 -54.15 17.79
N PHE A 236 -10.83 -53.75 16.84
CA PHE A 236 -12.24 -54.10 16.90
C PHE A 236 -12.43 -55.61 16.80
N LEU A 237 -11.69 -56.26 15.91
CA LEU A 237 -11.78 -57.71 15.79
C LEU A 237 -11.34 -58.41 17.08
N ILE A 238 -10.27 -57.92 17.70
CA ILE A 238 -9.79 -58.51 18.95
C ILE A 238 -10.83 -58.31 20.06
N VAL A 239 -11.44 -57.13 20.11
CA VAL A 239 -12.46 -56.86 21.13
C VAL A 239 -13.67 -57.77 20.92
N GLU A 240 -14.10 -57.94 19.66
CA GLU A 240 -15.23 -58.82 19.39
C GLU A 240 -14.91 -60.28 19.68
N LYS A 241 -13.64 -60.68 19.49
CA LYS A 241 -13.25 -62.06 19.78
C LYS A 241 -13.38 -62.37 21.26
N GLY A 242 -12.99 -61.43 22.13
CA GLY A 242 -13.08 -61.63 23.56
C GLY A 242 -14.48 -61.51 24.10
N ARG A 252 -24.35 -55.85 20.69
CA ARG A 252 -23.94 -54.47 20.54
C ARG A 252 -23.32 -54.23 19.16
N ALA A 253 -23.96 -54.77 18.12
CA ALA A 253 -23.46 -54.59 16.76
C ALA A 253 -23.51 -53.12 16.36
N LEU A 254 -24.60 -52.43 16.70
CA LEU A 254 -24.69 -51.00 16.40
C LEU A 254 -23.64 -50.21 17.16
N ARG A 255 -23.43 -50.55 18.43
CA ARG A 255 -22.39 -49.87 19.21
C ARG A 255 -21.01 -50.14 18.64
N ILE A 256 -20.76 -51.37 18.20
CA ILE A 256 -19.47 -51.70 17.60
C ILE A 256 -19.26 -50.92 16.31
N VAL A 257 -20.31 -50.81 15.49
CA VAL A 257 -20.21 -50.05 14.24
C VAL A 257 -19.95 -48.58 14.54
N ARG A 258 -20.64 -48.03 15.55
CA ARG A 258 -20.43 -46.64 15.91
C ARG A 258 -19.01 -46.40 16.41
N PHE A 259 -18.48 -47.34 17.21
CA PHE A 259 -17.11 -47.22 17.70
C PHE A 259 -16.12 -47.29 16.54
N THR A 260 -16.35 -48.19 15.59
CA THR A 260 -15.47 -48.29 14.42
C THR A 260 -15.51 -47.00 13.61
N LYS A 261 -16.70 -46.43 13.42
CA LYS A 261 -16.81 -45.17 12.69
C LYS A 261 -16.10 -44.04 13.41
N ILE A 262 -16.23 -43.99 14.74
CA ILE A 262 -15.55 -42.96 15.52
C ILE A 262 -14.04 -43.11 15.41
N LEU A 263 -13.54 -44.36 15.46
CA LEU A 263 -12.11 -44.59 15.31
C LEU A 263 -11.63 -44.19 13.92
N CYS A 264 -12.41 -44.49 12.88
CA CYS A 264 -12.04 -44.09 11.53
C CYS A 264 -12.01 -42.58 11.39
N LEU A 265 -12.97 -41.89 11.99
CA LEU A 265 -12.98 -40.43 11.96
C LEU A 265 -11.78 -39.86 12.70
N LEU A 266 -11.44 -40.42 13.86
CA LEU A 266 -10.28 -39.96 14.61
C LEU A 266 -8.97 -40.27 13.89
N ARG A 267 -8.96 -41.29 13.04
CA ARG A 267 -7.75 -41.62 12.28
C ARG A 267 -7.41 -40.55 11.24
N LEU A 268 -8.32 -39.61 10.98
CA LEU A 268 -8.09 -38.54 10.02
C LEU A 268 -7.31 -37.36 10.61
N LEU A 269 -6.59 -37.57 11.72
CA LEU A 269 -5.84 -36.50 12.35
C LEU A 269 -4.55 -36.17 11.61
N ARG A 270 -4.27 -36.83 10.49
CA ARG A 270 -3.10 -36.54 9.66
C ARG A 270 -3.25 -35.24 8.86
N LEU A 271 -4.30 -34.46 9.15
CA LEU A 271 -4.52 -33.22 8.43
C LEU A 271 -3.39 -32.23 8.67
N SER A 272 -2.79 -32.23 9.87
CA SER A 272 -1.67 -31.35 10.15
C SER A 272 -0.48 -31.68 9.26
N ARG A 273 -0.14 -32.96 9.15
CA ARG A 273 0.96 -33.37 8.28
C ARG A 273 0.63 -33.08 6.82
N LEU A 274 -0.63 -33.28 6.42
CA LEU A 274 -1.02 -32.97 5.06
C LEU A 274 -0.88 -31.49 4.75
N ILE A 275 -1.26 -30.63 5.69
CA ILE A 275 -1.14 -29.19 5.51
C ILE A 275 0.33 -28.79 5.45
N ARG A 276 1.16 -29.39 6.30
CA ARG A 276 2.59 -29.10 6.25
C ARG A 276 3.20 -29.50 4.91
N TYR A 277 2.82 -30.67 4.39
CA TYR A 277 3.32 -31.11 3.09
C TYR A 277 2.82 -30.19 1.98
N ILE A 278 1.57 -29.73 2.07
CA ILE A 278 1.03 -28.83 1.06
C ILE A 278 1.77 -27.51 1.09
N HIS A 279 2.07 -26.99 2.29
CA HIS A 279 2.84 -25.76 2.40
C HIS A 279 4.24 -25.93 1.83
N GLN A 280 4.88 -27.08 2.10
CA GLN A 280 6.20 -27.33 1.54
C GLN A 280 6.15 -27.37 0.02
N TRP A 281 5.13 -28.04 -0.53
CA TRP A 281 5.00 -28.11 -1.99
C TRP A 281 4.76 -26.73 -2.58
N GLU A 282 3.94 -25.91 -1.91
CA GLU A 282 3.70 -24.55 -2.39
C GLU A 282 4.98 -23.73 -2.37
N GLU A 283 5.78 -23.88 -1.32
CA GLU A 283 7.05 -23.16 -1.24
C GLU A 283 8.05 -23.67 -2.27
N ILE A 284 7.96 -24.93 -2.67
CA ILE A 284 8.95 -25.49 -3.58
C ILE A 284 8.57 -25.34 -5.05
N PHE A 285 7.29 -25.26 -5.38
CA PHE A 285 6.85 -25.31 -6.76
C PHE A 285 6.02 -24.11 -7.18
N HIS A 286 5.15 -23.61 -6.30
CA HIS A 286 4.29 -22.48 -6.67
C HIS A 286 5.10 -21.22 -6.96
N MET A 287 6.27 -21.06 -6.35
CA MET A 287 7.14 -19.93 -6.61
C MET A 287 8.11 -20.17 -7.75
N THR A 288 8.13 -21.38 -8.33
CA THR A 288 9.04 -21.66 -9.43
C THR A 288 8.71 -20.81 -10.66
N TYR A 289 7.42 -20.67 -10.99
CA TYR A 289 7.00 -19.83 -12.09
C TYR A 289 6.18 -18.64 -11.62
N ASP A 290 5.08 -18.89 -10.91
CA ASP A 290 4.23 -17.84 -10.33
C ASP A 290 3.80 -16.80 -11.36
N LEU A 291 3.76 -17.17 -12.65
CA LEU A 291 3.41 -16.22 -13.69
C LEU A 291 2.50 -16.82 -14.75
N ALA A 292 1.73 -17.86 -14.41
CA ALA A 292 0.83 -18.48 -15.37
C ALA A 292 -0.46 -17.69 -15.55
N SER A 293 -0.77 -16.75 -14.65
CA SER A 293 -1.99 -15.95 -14.71
C SER A 293 -3.23 -16.85 -14.74
N ALA A 294 -3.19 -17.94 -13.98
CA ALA A 294 -4.27 -18.91 -13.92
C ALA A 294 -4.83 -18.96 -12.50
N VAL A 295 -6.07 -19.42 -12.40
CA VAL A 295 -6.76 -19.50 -11.10
C VAL A 295 -6.41 -20.86 -10.52
N VAL A 296 -5.26 -20.93 -9.86
CA VAL A 296 -4.85 -22.15 -9.16
C VAL A 296 -5.23 -22.07 -7.69
N ARG A 297 -4.98 -20.93 -7.05
CA ARG A 297 -5.42 -20.74 -5.67
C ARG A 297 -6.94 -20.81 -5.58
N ILE A 298 -7.64 -20.28 -6.58
CA ILE A 298 -9.10 -20.39 -6.61
C ILE A 298 -9.52 -21.85 -6.58
N PHE A 299 -8.86 -22.69 -7.39
CA PHE A 299 -9.14 -24.12 -7.33
C PHE A 299 -8.75 -24.72 -5.98
N ASN A 300 -7.73 -24.16 -5.33
CA ASN A 300 -7.36 -24.65 -4.00
C ASN A 300 -8.49 -24.44 -3.00
N LEU A 301 -9.01 -23.21 -2.92
CA LEU A 301 -10.15 -22.99 -2.02
C LEU A 301 -11.40 -23.73 -2.50
N ILE A 302 -11.55 -23.95 -3.80
CA ILE A 302 -12.69 -24.73 -4.28
C ILE A 302 -12.61 -26.15 -3.74
N GLY A 303 -11.43 -26.77 -3.82
CA GLY A 303 -11.27 -28.10 -3.28
C GLY A 303 -11.43 -28.14 -1.77
N MET A 304 -10.92 -27.11 -1.08
CA MET A 304 -11.10 -27.05 0.37
C MET A 304 -12.58 -26.97 0.73
N MET A 305 -13.34 -26.14 0.02
CA MET A 305 -14.77 -26.02 0.27
C MET A 305 -15.49 -27.33 -0.06
N LEU A 306 -15.08 -28.01 -1.13
CA LEU A 306 -15.69 -29.29 -1.46
C LEU A 306 -15.44 -30.32 -0.37
N LEU A 307 -14.21 -30.36 0.16
CA LEU A 307 -13.91 -31.29 1.25
C LEU A 307 -14.70 -30.93 2.51
N LEU A 308 -14.82 -29.65 2.82
CA LEU A 308 -15.60 -29.23 3.98
C LEU A 308 -17.07 -29.61 3.82
N ALA A 309 -17.61 -29.44 2.61
CA ALA A 309 -18.99 -29.83 2.35
C ALA A 309 -19.17 -31.34 2.46
N HIS A 310 -18.21 -32.11 1.97
CA HIS A 310 -18.29 -33.56 2.11
C HIS A 310 -18.27 -33.98 3.58
N TRP A 311 -17.41 -33.36 4.38
CA TRP A 311 -17.37 -33.65 5.81
C TRP A 311 -18.68 -33.27 6.49
N ASP A 312 -19.24 -32.11 6.12
CA ASP A 312 -20.50 -31.67 6.71
C ASP A 312 -21.64 -32.62 6.35
N GLY A 313 -21.69 -33.07 5.10
CA GLY A 313 -22.71 -34.03 4.71
C GLY A 313 -22.54 -35.36 5.40
N CYS A 314 -21.29 -35.81 5.56
CA CYS A 314 -21.04 -37.05 6.29
C CYS A 314 -21.52 -36.94 7.73
N LEU A 315 -21.25 -35.80 8.38
CA LEU A 315 -21.72 -35.61 9.75
C LEU A 315 -23.23 -35.55 9.82
N GLN A 316 -23.87 -34.82 8.88
CA GLN A 316 -25.32 -34.68 8.89
C GLN A 316 -26.03 -35.98 8.52
N PHE A 317 -25.33 -36.91 7.88
CA PHE A 317 -25.90 -38.23 7.62
C PHE A 317 -25.63 -39.22 8.74
N LEU A 318 -24.47 -39.10 9.40
CA LEU A 318 -24.13 -40.01 10.48
C LEU A 318 -24.86 -39.68 11.77
N VAL A 319 -25.19 -38.41 12.00
CA VAL A 319 -25.92 -38.04 13.22
C VAL A 319 -27.25 -38.76 13.34
N PRO A 320 -28.10 -38.80 12.30
CA PRO A 320 -29.28 -39.68 12.39
C PRO A 320 -28.90 -41.14 12.51
N LEU A 321 -27.81 -41.56 11.86
CA LEU A 321 -27.36 -42.95 11.96
C LEU A 321 -26.82 -43.25 13.35
N LEU A 322 -26.13 -42.28 13.97
CA LEU A 322 -25.61 -42.49 15.32
C LEU A 322 -26.75 -42.71 16.30
N GLN A 323 -27.83 -41.95 16.20
CA GLN A 323 -29.00 -42.13 17.04
C GLN A 323 -29.99 -43.13 16.47
N ASP A 324 -29.70 -43.71 15.29
CA ASP A 324 -30.55 -44.63 14.54
C ASP A 324 -31.81 -43.97 14.00
N PHE A 325 -31.96 -42.66 14.16
CA PHE A 325 -33.10 -41.87 13.69
C PHE A 325 -34.43 -42.48 14.13
N PRO A 326 -34.76 -42.44 15.43
CA PRO A 326 -36.06 -42.95 15.88
C PRO A 326 -37.22 -42.16 15.30
N PRO A 327 -37.26 -40.80 15.48
CA PRO A 327 -38.48 -40.09 15.06
C PRO A 327 -38.47 -39.76 13.57
N ASP A 328 -39.46 -38.98 13.13
CA ASP A 328 -39.62 -38.62 11.72
C ASP A 328 -38.73 -37.42 11.41
N CYS A 329 -37.44 -37.68 11.27
CA CYS A 329 -36.49 -36.69 10.76
C CYS A 329 -36.58 -36.69 9.23
N TRP A 330 -35.58 -36.15 8.56
CA TRP A 330 -35.58 -36.12 7.10
C TRP A 330 -35.54 -37.51 6.51
N VAL A 331 -34.88 -38.44 7.20
CA VAL A 331 -34.72 -39.80 6.69
C VAL A 331 -36.08 -40.48 6.56
N SER A 332 -36.92 -40.35 7.58
CA SER A 332 -38.28 -40.85 7.50
C SER A 332 -39.17 -39.95 6.65
N LEU A 333 -38.81 -38.67 6.50
CA LEU A 333 -39.63 -37.77 5.70
C LEU A 333 -39.54 -38.10 4.22
N ASN A 334 -38.34 -38.43 3.72
CA ASN A 334 -38.17 -38.74 2.31
C ASN A 334 -37.96 -40.23 2.04
N GLU A 335 -37.94 -41.06 3.10
CA GLU A 335 -37.70 -42.50 2.97
C GLU A 335 -36.39 -42.78 2.24
N MET A 336 -35.36 -42.00 2.59
CA MET A 336 -34.06 -42.17 1.95
C MET A 336 -33.40 -43.49 2.30
N VAL A 337 -33.77 -44.09 3.45
CA VAL A 337 -33.22 -45.40 3.81
C VAL A 337 -33.63 -46.45 2.80
N ASN A 338 -34.91 -46.44 2.40
CA ASN A 338 -35.38 -47.38 1.40
C ASN A 338 -34.86 -47.06 0.00
N ASP A 339 -34.36 -45.85 -0.22
CA ASP A 339 -33.81 -45.47 -1.51
C ASP A 339 -32.39 -45.97 -1.65
N SER A 340 -31.80 -45.74 -2.82
CA SER A 340 -30.43 -46.17 -3.07
C SER A 340 -29.46 -45.33 -2.24
N TRP A 341 -28.27 -45.91 -1.99
CA TRP A 341 -27.24 -45.20 -1.25
C TRP A 341 -26.80 -43.94 -1.98
N GLY A 342 -26.73 -44.00 -3.32
CA GLY A 342 -26.38 -42.82 -4.08
C GLY A 342 -27.38 -41.69 -3.93
N LYS A 343 -28.67 -42.03 -3.91
CA LYS A 343 -29.71 -41.02 -3.74
C LYS A 343 -29.61 -40.35 -2.37
N GLN A 344 -29.43 -41.16 -1.31
CA GLN A 344 -29.29 -40.61 0.03
C GLN A 344 -28.04 -39.73 0.13
N TYR A 345 -26.94 -40.17 -0.48
CA TYR A 345 -25.74 -39.34 -0.49
C TYR A 345 -25.99 -38.03 -1.22
N SER A 346 -26.74 -38.07 -2.32
CA SER A 346 -27.04 -36.86 -3.07
C SER A 346 -27.86 -35.88 -2.23
N TYR A 347 -28.88 -36.39 -1.52
CA TYR A 347 -29.68 -35.51 -0.68
C TYR A 347 -28.86 -34.91 0.47
N ALA A 348 -28.05 -35.74 1.11
CA ALA A 348 -27.21 -35.26 2.20
C ALA A 348 -26.24 -34.19 1.72
N LEU A 349 -25.56 -34.46 0.60
CA LEU A 349 -24.68 -33.46 0.01
C LEU A 349 -25.45 -32.22 -0.44
N PHE A 350 -26.71 -32.40 -0.86
CA PHE A 350 -27.52 -31.26 -1.27
C PHE A 350 -27.71 -30.28 -0.12
N LYS A 351 -28.15 -30.79 1.03
CA LYS A 351 -28.32 -29.86 2.16
C LYS A 351 -26.97 -29.40 2.70
N ALA A 352 -25.94 -30.24 2.61
CA ALA A 352 -24.62 -29.81 3.05
C ALA A 352 -24.15 -28.61 2.26
N MET A 353 -24.32 -28.65 0.93
CA MET A 353 -23.91 -27.55 0.09
C MET A 353 -24.82 -26.34 0.28
N SER A 354 -26.13 -26.58 0.47
CA SER A 354 -27.06 -25.47 0.67
C SER A 354 -26.72 -24.69 1.95
N HIS A 355 -26.45 -25.40 3.05
CA HIS A 355 -26.12 -24.72 4.30
C HIS A 355 -24.72 -24.13 4.25
N MET A 356 -23.75 -24.86 3.68
CA MET A 356 -22.39 -24.34 3.61
C MET A 356 -22.34 -23.09 2.74
N LEU A 357 -23.10 -23.08 1.64
CA LEU A 357 -23.30 -21.86 0.88
C LEU A 357 -24.30 -20.95 1.58
N CYS A 358 -24.38 -19.72 1.08
CA CYS A 358 -25.41 -18.77 1.53
C CYS A 358 -26.65 -18.87 0.64
N ILE A 359 -27.13 -20.10 0.43
CA ILE A 359 -28.32 -20.37 -0.36
C ILE A 359 -29.23 -21.20 0.54
N GLY A 360 -30.20 -20.55 1.17
CA GLY A 360 -31.01 -21.24 2.15
C GLY A 360 -32.20 -21.98 1.56
N TYR A 361 -32.02 -23.25 1.26
CA TYR A 361 -33.13 -24.05 0.78
C TYR A 361 -33.46 -25.01 1.89
N GLY A 362 -33.02 -24.68 3.11
CA GLY A 362 -33.22 -25.56 4.24
C GLY A 362 -34.65 -25.68 4.68
N ALA A 363 -34.96 -26.76 5.41
CA ALA A 363 -36.32 -26.98 5.89
C ALA A 363 -36.76 -25.83 6.78
N GLN A 364 -38.05 -25.54 6.78
CA GLN A 364 -38.56 -24.48 7.61
C GLN A 364 -38.04 -24.69 9.02
N ALA A 365 -38.06 -25.93 9.48
CA ALA A 365 -37.57 -26.24 10.81
C ALA A 365 -37.39 -27.74 10.98
N PRO A 366 -36.75 -28.15 12.08
CA PRO A 366 -36.54 -29.58 12.32
C PRO A 366 -37.47 -30.16 13.40
N VAL A 367 -37.87 -31.43 13.25
CA VAL A 367 -38.75 -32.07 14.22
C VAL A 367 -37.99 -32.48 15.47
N SER A 368 -36.77 -32.97 15.32
CA SER A 368 -36.02 -33.56 16.42
C SER A 368 -35.43 -32.46 17.30
N MET A 369 -34.49 -32.83 18.17
CA MET A 369 -33.86 -31.90 19.11
C MET A 369 -32.41 -31.60 18.76
N SER A 370 -31.61 -32.62 18.47
CA SER A 370 -30.19 -32.38 18.15
C SER A 370 -30.00 -31.87 16.72
N ASP A 371 -31.00 -32.07 15.85
CA ASP A 371 -30.85 -31.66 14.46
C ASP A 371 -30.67 -30.16 14.35
N LEU A 372 -31.41 -29.38 15.16
CA LEU A 372 -31.22 -27.94 15.14
C LEU A 372 -29.79 -27.56 15.49
N TRP A 373 -29.23 -28.19 16.53
CA TRP A 373 -27.88 -27.84 16.95
C TRP A 373 -26.83 -28.21 15.90
N ILE A 374 -26.96 -29.39 15.30
CA ILE A 374 -25.98 -29.74 14.27
C ILE A 374 -26.16 -28.84 13.05
N THR A 375 -27.37 -28.37 12.79
CA THR A 375 -27.54 -27.42 11.69
C THR A 375 -26.94 -26.05 12.02
N MET A 376 -26.98 -25.64 13.30
CA MET A 376 -26.24 -24.44 13.68
C MET A 376 -24.75 -24.62 13.44
N LEU A 377 -24.22 -25.78 13.80
CA LEU A 377 -22.80 -26.04 13.56
C LEU A 377 -22.49 -25.97 12.06
N SER A 378 -23.34 -26.60 11.24
CA SER A 378 -23.15 -26.58 9.80
C SER A 378 -23.23 -25.16 9.24
N MET A 379 -24.20 -24.38 9.71
CA MET A 379 -24.33 -23.01 9.24
C MET A 379 -23.12 -22.19 9.62
N ILE A 380 -22.58 -22.40 10.82
CA ILE A 380 -21.41 -21.65 11.26
C ILE A 380 -20.20 -21.98 10.39
N VAL A 381 -19.95 -23.28 10.16
CA VAL A 381 -18.77 -23.64 9.37
C VAL A 381 -18.94 -23.17 7.93
N GLY A 382 -20.16 -23.25 7.40
CA GLY A 382 -20.39 -22.75 6.06
C GLY A 382 -20.20 -21.25 5.93
N ALA A 383 -20.66 -20.50 6.94
CA ALA A 383 -20.46 -19.05 6.94
C ALA A 383 -18.97 -18.71 6.98
N THR A 384 -18.22 -19.39 7.84
CA THR A 384 -16.79 -19.15 7.91
C THR A 384 -16.10 -19.48 6.59
N CYS A 385 -16.48 -20.61 5.97
CA CYS A 385 -15.89 -20.99 4.70
C CYS A 385 -16.23 -19.98 3.61
N TYR A 386 -17.47 -19.50 3.56
CA TYR A 386 -17.85 -18.53 2.54
C TYR A 386 -17.14 -17.21 2.75
N ALA A 387 -16.99 -16.78 4.00
CA ALA A 387 -16.25 -15.55 4.28
C ALA A 387 -14.79 -15.67 3.85
N MET A 388 -14.16 -16.81 4.16
CA MET A 388 -12.78 -17.01 3.74
C MET A 388 -12.67 -17.08 2.23
N PHE A 389 -13.67 -17.68 1.57
CA PHE A 389 -13.70 -17.74 0.11
C PHE A 389 -13.74 -16.32 -0.46
N VAL A 390 -14.63 -15.49 0.06
CA VAL A 390 -14.76 -14.12 -0.43
C VAL A 390 -13.46 -13.35 -0.19
N GLY A 391 -12.85 -13.55 0.98
CA GLY A 391 -11.60 -12.87 1.28
C GLY A 391 -10.48 -13.26 0.33
N HIS A 392 -10.34 -14.56 0.07
CA HIS A 392 -9.32 -15.01 -0.88
C HIS A 392 -9.60 -14.47 -2.27
N ALA A 393 -10.88 -14.45 -2.67
CA ALA A 393 -11.23 -13.96 -3.99
C ALA A 393 -10.86 -12.49 -4.16
N THR A 394 -11.21 -11.66 -3.16
CA THR A 394 -10.88 -10.24 -3.29
C THR A 394 -9.37 -10.00 -3.18
N ALA A 395 -8.66 -10.82 -2.39
CA ALA A 395 -7.21 -10.70 -2.34
C ALA A 395 -6.60 -11.00 -3.71
N LEU A 396 -7.06 -12.07 -4.35
CA LEU A 396 -6.57 -12.40 -5.69
C LEU A 396 -6.92 -11.30 -6.69
N ILE A 397 -8.13 -10.75 -6.60
CA ILE A 397 -8.54 -9.69 -7.51
C ILE A 397 -7.64 -8.47 -7.34
N GLN A 398 -7.36 -8.08 -6.10
CA GLN A 398 -6.50 -6.95 -5.84
C GLN A 398 -5.08 -7.21 -6.35
N SER A 399 -4.58 -8.42 -6.14
CA SER A 399 -3.22 -8.74 -6.58
C SER A 399 -3.12 -8.82 -8.11
N LEU A 400 -4.24 -9.10 -8.78
CA LEU A 400 -4.19 -9.28 -10.23
C LEU A 400 -3.92 -7.96 -10.96
N ASP A 401 -4.64 -6.91 -10.58
CA ASP A 401 -4.59 -5.63 -11.28
C ASP A 401 -3.60 -4.64 -10.65
N SER A 402 -2.53 -5.14 -10.04
CA SER A 402 -1.63 -4.29 -9.27
C SER A 402 -0.97 -3.22 -10.15
N SER A 403 -0.43 -3.62 -11.30
CA SER A 403 0.33 -2.69 -12.12
C SER A 403 -0.56 -1.54 -12.60
N ARG A 404 -1.75 -1.86 -13.08
CA ARG A 404 -2.71 -0.83 -13.46
C ARG A 404 -3.05 0.07 -12.28
N ARG A 405 -3.17 -0.52 -11.09
CA ARG A 405 -3.50 0.28 -9.90
C ARG A 405 -2.41 1.30 -9.61
N GLN A 406 -1.15 0.87 -9.59
CA GLN A 406 -0.08 1.82 -9.30
C GLN A 406 0.07 2.85 -10.41
N TYR A 407 -0.10 2.45 -11.67
CA TYR A 407 0.00 3.43 -12.74
C TYR A 407 -1.11 4.49 -12.63
N GLN A 408 -2.34 4.04 -12.37
CA GLN A 408 -3.44 4.99 -12.19
C GLN A 408 -3.18 5.90 -11.00
N GLU A 409 -2.69 5.32 -9.89
CA GLU A 409 -2.39 6.13 -8.71
C GLU A 409 -1.35 7.20 -9.03
N LYS A 410 -0.28 6.81 -9.72
CA LYS A 410 0.79 7.76 -10.03
C LYS A 410 0.29 8.85 -10.97
N TYR A 411 -0.47 8.50 -12.00
CA TYR A 411 -0.94 9.51 -12.93
C TYR A 411 -1.94 10.45 -12.29
N LYS A 412 -2.85 9.92 -11.48
CA LYS A 412 -3.78 10.79 -10.76
C LYS A 412 -3.02 11.69 -9.79
N GLN A 413 -1.98 11.14 -9.15
CA GLN A 413 -1.14 11.93 -8.25
C GLN A 413 -0.51 13.12 -8.98
N VAL A 414 0.11 12.87 -10.13
CA VAL A 414 0.80 13.95 -10.83
C VAL A 414 -0.21 14.96 -11.39
N GLU A 415 -1.33 14.47 -11.94
CA GLU A 415 -2.33 15.38 -12.49
C GLU A 415 -2.95 16.22 -11.38
N GLN A 416 -3.15 15.63 -10.20
CA GLN A 416 -3.71 16.36 -9.08
C GLN A 416 -2.74 17.40 -8.54
N TYR A 417 -1.44 17.07 -8.48
CA TYR A 417 -0.45 18.09 -8.14
C TYR A 417 -0.49 19.23 -9.15
N MET A 418 -0.55 18.90 -10.44
CA MET A 418 -0.58 19.92 -11.47
C MET A 418 -1.81 20.79 -11.35
N SER A 419 -2.96 20.19 -11.01
CA SER A 419 -4.17 20.95 -10.78
C SER A 419 -4.05 21.83 -9.54
N PHE A 420 -3.26 21.43 -8.56
CA PHE A 420 -3.06 22.25 -7.37
C PHE A 420 -2.50 23.63 -7.73
N HIS A 421 -1.58 23.67 -8.68
CA HIS A 421 -1.00 24.93 -9.13
C HIS A 421 -1.85 25.63 -10.18
N LYS A 422 -2.96 25.03 -10.59
CA LYS A 422 -3.90 25.63 -11.55
C LYS A 422 -3.19 25.96 -12.87
N LEU A 423 -2.67 24.91 -13.51
CA LEU A 423 -2.02 25.06 -14.80
C LEU A 423 -3.06 25.03 -15.92
N PRO A 424 -2.77 25.66 -17.05
CA PRO A 424 -3.72 25.65 -18.17
C PRO A 424 -3.89 24.24 -18.73
N ALA A 425 -5.02 24.05 -19.43
CA ALA A 425 -5.35 22.74 -19.98
C ALA A 425 -4.33 22.30 -21.02
N ASP A 426 -3.78 23.24 -21.78
CA ASP A 426 -2.72 22.91 -22.73
C ASP A 426 -1.51 22.31 -22.01
N MET A 427 -1.16 22.89 -20.85
CA MET A 427 -0.10 22.31 -20.03
C MET A 427 -0.46 20.89 -19.61
N ARG A 428 -1.72 20.67 -19.23
CA ARG A 428 -2.15 19.33 -18.83
C ARG A 428 -1.97 18.34 -19.97
N GLN A 429 -2.39 18.72 -21.17
CA GLN A 429 -2.27 17.83 -22.31
C GLN A 429 -0.81 17.54 -22.64
N LYS A 430 0.04 18.57 -22.59
CA LYS A 430 1.45 18.38 -22.91
C LYS A 430 2.12 17.46 -21.89
N ILE A 431 1.83 17.66 -20.60
CA ILE A 431 2.42 16.83 -19.56
C ILE A 431 1.93 15.39 -19.70
N HIS A 432 0.65 15.21 -19.97
CA HIS A 432 0.11 13.87 -20.17
C HIS A 432 0.77 13.19 -21.35
N ASP A 433 0.97 13.93 -22.44
CA ASP A 433 1.64 13.36 -23.61
C ASP A 433 3.07 12.94 -23.26
N TYR A 434 3.80 13.80 -22.54
CA TYR A 434 5.16 13.45 -22.16
C TYR A 434 5.19 12.20 -21.29
N TYR A 435 4.29 12.12 -20.31
CA TYR A 435 4.27 10.96 -19.43
C TYR A 435 3.90 9.68 -20.20
N GLU A 436 2.92 9.78 -21.10
CA GLU A 436 2.52 8.61 -21.89
C GLU A 436 3.59 8.21 -22.90
N HIS A 437 4.46 9.13 -23.31
CA HIS A 437 5.48 8.78 -24.28
C HIS A 437 6.78 8.31 -23.65
N ARG A 438 7.13 8.81 -22.47
CA ARG A 438 8.34 8.33 -21.81
C ARG A 438 8.12 6.93 -21.26
N TYR A 439 7.15 6.77 -20.38
CA TYR A 439 6.72 5.46 -19.92
C TYR A 439 5.64 4.95 -20.86
N GLN A 440 5.84 3.75 -21.42
CA GLN A 440 4.86 3.14 -22.32
C GLN A 440 3.71 2.54 -21.51
N GLY A 441 3.03 3.42 -20.77
CA GLY A 441 2.04 2.97 -19.81
C GLY A 441 2.62 2.08 -18.72
N LYS A 442 3.85 2.37 -18.30
CA LYS A 442 4.60 1.52 -17.39
C LYS A 442 5.16 2.35 -16.24
N ILE A 443 5.52 1.66 -15.17
CA ILE A 443 6.19 2.30 -14.04
C ILE A 443 7.39 1.45 -13.65
N PHE A 444 8.49 2.14 -13.32
CA PHE A 444 9.67 1.48 -12.76
C PHE A 444 10.64 2.48 -12.16
N ASP A 445 11.19 2.16 -10.99
CA ASP A 445 12.25 2.95 -10.37
C ASP A 445 13.57 2.52 -11.00
N GLU A 446 13.83 3.07 -12.19
CA GLU A 446 15.01 2.67 -12.96
C GLU A 446 16.29 2.93 -12.18
N GLU A 447 16.38 4.09 -11.52
CA GLU A 447 17.55 4.40 -10.71
C GLU A 447 17.71 3.38 -9.58
N ASN A 448 16.62 3.10 -8.86
CA ASN A 448 16.70 2.17 -7.73
C ASN A 448 17.06 0.77 -8.20
N ILE A 449 16.38 0.28 -9.25
CA ILE A 449 16.62 -1.06 -9.73
C ILE A 449 18.05 -1.20 -10.24
N LEU A 450 18.52 -0.22 -11.02
CA LEU A 450 19.89 -0.26 -11.51
C LEU A 450 20.90 -0.18 -10.39
N ASN A 451 20.61 0.60 -9.33
CA ASN A 451 21.51 0.69 -8.19
C ASN A 451 21.57 -0.63 -7.44
N GLU A 452 20.45 -1.35 -7.35
CA GLU A 452 20.44 -2.60 -6.60
C GLU A 452 21.35 -3.63 -7.24
N LEU A 453 21.31 -3.75 -8.57
CA LEU A 453 22.08 -4.76 -9.28
C LEU A 453 23.58 -4.58 -9.03
N ASN A 454 24.32 -5.67 -9.23
CA ASN A 454 25.75 -5.65 -8.97
C ASN A 454 26.47 -4.98 -10.14
N ASP A 455 27.81 -5.08 -10.14
CA ASP A 455 28.59 -4.41 -11.18
C ASP A 455 28.43 -5.10 -12.53
N PRO A 456 28.73 -6.39 -12.69
CA PRO A 456 28.71 -6.96 -14.05
C PRO A 456 27.34 -6.98 -14.69
N LEU A 457 26.29 -7.31 -13.94
CA LEU A 457 24.95 -7.37 -14.51
C LEU A 457 24.51 -6.01 -15.01
N ARG A 458 24.63 -4.98 -14.16
CA ARG A 458 24.27 -3.63 -14.56
C ARG A 458 25.11 -3.16 -15.74
N GLU A 459 26.41 -3.43 -15.70
CA GLU A 459 27.30 -2.98 -16.77
C GLU A 459 26.93 -3.62 -18.10
N GLU A 460 26.63 -4.92 -18.09
CA GLU A 460 26.32 -5.60 -19.34
C GLU A 460 24.91 -5.24 -19.82
N ILE A 461 24.00 -4.95 -18.89
CA ILE A 461 22.69 -4.44 -19.27
C ILE A 461 22.84 -3.11 -20.00
N VAL A 462 23.68 -2.22 -19.45
CA VAL A 462 23.94 -0.94 -20.11
C VAL A 462 24.58 -1.17 -21.47
N ASN A 463 25.52 -2.11 -21.55
CA ASN A 463 26.18 -2.41 -22.83
C ASN A 463 25.18 -2.87 -23.87
N PHE A 464 24.23 -3.72 -23.48
CA PHE A 464 23.23 -4.18 -24.44
C PHE A 464 22.26 -3.07 -24.82
N ASN A 465 21.85 -2.25 -23.84
CA ASN A 465 20.82 -1.25 -24.11
C ASN A 465 21.29 -0.21 -25.13
N CYS A 466 22.60 0.00 -25.24
CA CYS A 466 23.14 0.98 -26.17
C CYS A 466 24.05 0.33 -27.21
N ARG A 467 23.71 -0.88 -27.66
CA ARG A 467 24.52 -1.55 -28.66
C ARG A 467 24.52 -0.78 -29.97
N LYS A 468 23.40 -0.17 -30.33
CA LYS A 468 23.34 0.64 -31.54
C LYS A 468 24.29 1.83 -31.44
N LEU A 469 24.33 2.49 -30.28
CA LEU A 469 25.19 3.64 -30.09
C LEU A 469 26.66 3.26 -30.25
N VAL A 470 27.10 2.21 -29.55
CA VAL A 470 28.50 1.82 -29.60
C VAL A 470 28.86 1.28 -30.99
N ALA A 471 27.93 0.61 -31.66
CA ALA A 471 28.23 0.05 -32.98
C ALA A 471 28.24 1.11 -34.07
N THR A 472 27.48 2.20 -33.89
CA THR A 472 27.34 3.18 -34.96
C THR A 472 28.46 4.22 -34.93
N MET A 473 28.67 4.87 -33.79
CA MET A 473 29.58 6.00 -33.72
C MET A 473 31.01 5.47 -33.83
N PRO A 474 31.77 5.86 -34.85
CA PRO A 474 33.09 5.23 -35.07
C PRO A 474 34.08 5.43 -33.94
N LEU A 475 33.93 6.47 -33.11
CA LEU A 475 34.89 6.70 -32.03
C LEU A 475 34.87 5.57 -31.02
N PHE A 476 33.70 5.00 -30.74
CA PHE A 476 33.60 3.95 -29.73
C PHE A 476 34.29 2.68 -30.17
N ALA A 477 34.09 2.28 -31.44
CA ALA A 477 34.63 1.01 -31.92
C ALA A 477 36.16 1.01 -31.89
N ASN A 478 36.78 2.09 -32.34
CA ASN A 478 38.24 2.18 -32.39
C ASN A 478 38.78 2.77 -31.08
N ALA A 479 38.42 2.13 -29.97
CA ALA A 479 38.82 2.58 -28.65
C ALA A 479 38.81 1.39 -27.71
N ASP A 480 39.44 1.59 -26.55
CA ASP A 480 39.48 0.55 -25.52
C ASP A 480 38.06 0.27 -25.03
N PRO A 481 37.60 -0.98 -25.08
CA PRO A 481 36.26 -1.29 -24.54
C PRO A 481 36.11 -0.95 -23.07
N ASN A 482 37.21 -0.96 -22.31
CA ASN A 482 37.15 -0.55 -20.92
C ASN A 482 36.67 0.89 -20.80
N PHE A 483 37.22 1.78 -21.63
CA PHE A 483 36.76 3.16 -21.66
C PHE A 483 35.30 3.25 -22.09
N VAL A 484 34.92 2.43 -23.07
CA VAL A 484 33.54 2.45 -23.57
C VAL A 484 32.57 2.13 -22.45
N THR A 485 32.81 1.04 -21.72
CA THR A 485 31.90 0.68 -20.64
C THR A 485 31.99 1.65 -19.48
N ALA A 486 33.19 2.18 -19.19
CA ALA A 486 33.34 3.13 -18.10
C ALA A 486 32.48 4.37 -18.33
N MET A 487 32.47 4.89 -19.57
CA MET A 487 31.61 6.03 -19.84
C MET A 487 30.15 5.61 -19.93
N LEU A 488 29.86 4.46 -20.55
CA LEU A 488 28.48 4.03 -20.72
C LEU A 488 27.77 3.82 -19.39
N SER A 489 28.52 3.47 -18.35
CA SER A 489 27.91 3.21 -17.05
C SER A 489 27.27 4.45 -16.43
N LYS A 490 27.55 5.65 -16.95
CA LYS A 490 27.09 6.88 -16.33
C LYS A 490 26.02 7.61 -17.14
N LEU A 491 25.53 7.02 -18.23
CA LEU A 491 24.52 7.69 -19.03
C LEU A 491 23.17 7.69 -18.32
N ARG A 492 22.29 8.59 -18.78
CA ARG A 492 20.94 8.70 -18.24
C ARG A 492 19.94 8.87 -19.36
N PHE A 493 18.82 8.16 -19.28
CA PHE A 493 17.79 8.24 -20.31
C PHE A 493 17.06 9.57 -20.23
N GLU A 494 16.77 10.15 -21.40
CA GLU A 494 15.97 11.37 -21.49
C GLU A 494 15.13 11.30 -22.76
N VAL A 495 13.97 11.95 -22.71
CA VAL A 495 13.06 12.01 -23.85
C VAL A 495 12.58 13.44 -24.00
N PHE A 496 12.56 13.93 -25.24
CA PHE A 496 12.20 15.31 -25.53
C PHE A 496 11.09 15.36 -26.57
N GLN A 497 10.12 16.23 -26.31
CA GLN A 497 9.02 16.47 -27.22
C GLN A 497 9.51 17.22 -28.47
N PRO A 498 8.81 17.07 -29.59
CA PRO A 498 9.14 17.89 -30.76
C PRO A 498 8.91 19.37 -30.48
N GLY A 499 9.80 20.20 -31.03
CA GLY A 499 9.71 21.64 -30.88
C GLY A 499 10.30 22.20 -29.61
N ASP A 500 10.56 21.36 -28.61
CA ASP A 500 11.12 21.85 -27.35
C ASP A 500 12.61 22.13 -27.50
N TYR A 501 13.03 23.30 -27.05
CA TYR A 501 14.44 23.66 -27.07
C TYR A 501 15.21 22.79 -26.09
N ILE A 502 16.35 22.25 -26.53
CA ILE A 502 17.19 21.45 -25.66
C ILE A 502 18.38 22.24 -25.17
N ILE A 503 19.06 22.93 -26.09
CA ILE A 503 20.22 23.75 -25.76
C ILE A 503 20.01 25.12 -26.39
N ARG A 504 20.10 26.17 -25.58
CA ARG A 504 19.91 27.53 -26.04
C ARG A 504 21.25 28.26 -26.07
N GLU A 505 21.47 29.04 -27.13
CA GLU A 505 22.73 29.75 -27.28
C GLU A 505 22.90 30.77 -26.16
N GLY A 506 24.12 30.85 -25.63
CA GLY A 506 24.47 31.77 -24.58
C GLY A 506 24.29 31.23 -23.17
N ALA A 507 23.54 30.13 -23.00
CA ALA A 507 23.34 29.55 -21.69
C ALA A 507 24.59 28.81 -21.22
N VAL A 508 24.61 28.48 -19.93
CA VAL A 508 25.70 27.72 -19.35
C VAL A 508 25.38 26.23 -19.48
N GLY A 509 26.36 25.46 -19.94
CA GLY A 509 26.18 24.04 -20.18
C GLY A 509 26.57 23.20 -18.98
N LYS A 510 25.89 22.07 -18.82
CA LYS A 510 26.15 21.18 -17.70
C LYS A 510 26.16 19.70 -18.05
N LYS A 511 25.90 19.32 -19.29
CA LYS A 511 25.84 17.90 -19.62
C LYS A 511 26.03 17.70 -21.13
N MET A 512 26.36 16.46 -21.47
CA MET A 512 26.48 16.01 -22.86
C MET A 512 25.11 15.53 -23.34
N TYR A 513 25.01 15.20 -24.62
CA TYR A 513 23.81 14.54 -25.13
C TYR A 513 24.18 13.57 -26.24
N PHE A 514 23.80 12.32 -26.07
CA PHE A 514 23.96 11.27 -27.07
C PHE A 514 22.60 10.97 -27.67
N ILE A 515 22.45 11.20 -28.97
CA ILE A 515 21.18 10.97 -29.65
C ILE A 515 21.06 9.47 -29.88
N GLN A 516 20.32 8.79 -29.01
CA GLN A 516 20.11 7.36 -29.20
C GLN A 516 19.12 7.10 -30.33
N HIS A 517 18.03 7.87 -30.38
CA HIS A 517 17.04 7.68 -31.42
C HIS A 517 16.29 8.99 -31.66
N GLY A 518 15.94 9.24 -32.91
CA GLY A 518 15.27 10.46 -33.29
C GLY A 518 16.21 11.46 -33.94
N VAL A 519 15.63 12.46 -34.58
CA VAL A 519 16.39 13.49 -35.28
C VAL A 519 16.38 14.75 -34.42
N ALA A 520 17.38 15.61 -34.66
CA ALA A 520 17.46 16.89 -33.96
C ALA A 520 18.01 17.92 -34.93
N GLY A 521 17.75 19.19 -34.61
CA GLY A 521 18.18 20.30 -35.46
C GLY A 521 19.14 21.21 -34.73
N VAL A 522 20.18 21.65 -35.44
CA VAL A 522 21.15 22.60 -34.92
C VAL A 522 21.00 23.88 -35.73
N ILE A 523 20.76 24.99 -35.02
CA ILE A 523 20.49 26.28 -35.64
C ILE A 523 21.40 27.33 -35.02
N THR A 524 21.69 28.36 -35.81
CA THR A 524 22.52 29.50 -35.42
C THR A 524 22.35 30.57 -36.47
N LYS A 525 22.21 31.83 -36.02
CA LYS A 525 21.95 32.93 -36.94
C LYS A 525 23.06 33.05 -37.99
N SER A 526 22.66 33.38 -39.22
CA SER A 526 23.58 33.59 -40.33
C SER A 526 24.39 32.35 -40.66
N SER A 527 23.83 31.16 -40.39
CA SER A 527 24.50 29.92 -40.73
C SER A 527 23.53 28.86 -41.24
N LYS A 528 22.31 29.25 -41.61
CA LYS A 528 21.24 28.32 -42.02
C LYS A 528 21.02 27.34 -40.86
N GLU A 529 20.90 26.05 -41.13
CA GLU A 529 20.69 25.06 -40.09
C GLU A 529 21.11 23.71 -40.61
N MET A 530 21.28 22.76 -39.69
CA MET A 530 21.66 21.40 -40.06
C MET A 530 20.93 20.42 -39.15
N LYS A 531 21.07 19.14 -39.46
CA LYS A 531 20.36 18.09 -38.74
C LYS A 531 21.34 17.04 -38.24
N LEU A 532 21.00 16.44 -37.09
CA LEU A 532 21.75 15.35 -36.50
C LEU A 532 20.81 14.15 -36.36
N THR A 533 21.23 13.01 -36.90
CA THR A 533 20.43 11.80 -36.87
C THR A 533 20.82 10.95 -35.65
N ASP A 534 20.36 9.70 -35.62
CA ASP A 534 20.69 8.81 -34.53
C ASP A 534 22.17 8.44 -34.58
N GLY A 535 22.68 7.96 -33.44
CA GLY A 535 24.08 7.61 -33.34
C GLY A 535 25.03 8.77 -33.42
N SER A 536 24.65 9.91 -32.86
CA SER A 536 25.53 11.08 -32.83
C SER A 536 25.48 11.74 -31.46
N TYR A 537 26.09 12.91 -31.31
CA TYR A 537 26.13 13.54 -30.00
C TYR A 537 26.40 15.03 -30.16
N PHE A 538 26.03 15.78 -29.13
CA PHE A 538 26.34 17.21 -29.08
C PHE A 538 26.50 17.63 -27.62
N GLY A 539 26.91 18.89 -27.45
CA GLY A 539 27.13 19.44 -26.13
C GLY A 539 28.54 19.31 -25.60
N GLU A 540 29.53 19.08 -26.46
CA GLU A 540 30.90 18.92 -25.99
C GLU A 540 31.65 20.24 -25.87
N ILE A 541 31.23 21.29 -26.57
CA ILE A 541 31.98 22.55 -26.58
C ILE A 541 32.04 23.14 -25.17
N CYS A 542 30.88 23.26 -24.52
CA CYS A 542 30.86 23.88 -23.19
C CYS A 542 31.55 23.01 -22.17
N LEU A 543 31.38 21.68 -22.26
CA LEU A 543 32.06 20.80 -21.33
C LEU A 543 33.57 20.78 -21.52
N LEU A 544 34.04 21.09 -22.73
CA LEU A 544 35.48 21.11 -23.00
C LEU A 544 36.09 22.46 -22.59
N THR A 545 35.61 23.55 -23.17
CA THR A 545 36.20 24.86 -22.95
C THR A 545 35.70 25.53 -21.67
N LYS A 546 34.72 24.95 -20.98
CA LYS A 546 34.13 25.53 -19.77
C LYS A 546 33.62 26.95 -20.02
N GLY A 547 32.99 27.14 -21.18
CA GLY A 547 32.45 28.44 -21.53
C GLY A 547 30.94 28.49 -21.52
N ARG A 548 30.34 28.90 -22.64
CA ARG A 548 28.89 28.98 -22.76
C ARG A 548 28.47 28.31 -24.06
N ARG A 549 27.20 27.91 -24.13
CA ARG A 549 26.68 27.25 -25.31
C ARG A 549 26.73 28.20 -26.50
N THR A 550 27.22 27.68 -27.63
CA THR A 550 27.40 28.48 -28.83
C THR A 550 26.18 28.44 -29.74
N ALA A 551 25.80 27.27 -30.20
CA ALA A 551 24.68 27.11 -31.12
C ALA A 551 23.37 26.90 -30.34
N SER A 552 22.31 26.55 -31.05
CA SER A 552 21.04 26.19 -30.43
C SER A 552 20.57 24.86 -30.99
N VAL A 553 19.93 24.06 -30.14
CA VAL A 553 19.52 22.72 -30.49
C VAL A 553 18.04 22.57 -30.23
N ARG A 554 17.30 22.12 -31.25
CA ARG A 554 15.88 21.86 -31.15
C ARG A 554 15.58 20.41 -31.49
N ALA A 555 14.41 19.96 -31.09
CA ALA A 555 13.93 18.61 -31.37
C ALA A 555 12.78 18.69 -32.37
N ASP A 556 12.96 18.06 -33.53
CA ASP A 556 11.93 18.05 -34.56
C ASP A 556 11.02 16.84 -34.46
N THR A 557 11.22 15.99 -33.46
CA THR A 557 10.39 14.80 -33.25
C THR A 557 10.58 14.34 -31.82
N TYR A 558 9.86 13.28 -31.45
CA TYR A 558 10.00 12.69 -30.13
C TYR A 558 11.35 12.00 -30.05
N CYS A 559 12.34 12.65 -29.45
CA CYS A 559 13.72 12.15 -29.51
C CYS A 559 14.13 11.58 -28.16
N ARG A 560 14.72 10.37 -28.20
CA ARG A 560 15.22 9.70 -27.01
C ARG A 560 16.74 9.82 -27.00
N LEU A 561 17.27 10.56 -26.03
CA LEU A 561 18.69 10.85 -25.92
C LEU A 561 19.25 10.28 -24.62
N TYR A 562 20.58 10.28 -24.55
CA TYR A 562 21.30 9.86 -23.35
C TYR A 562 22.17 11.01 -22.88
N SER A 563 21.90 11.48 -21.67
CA SER A 563 22.63 12.60 -21.09
C SER A 563 23.77 12.09 -20.21
N LEU A 564 24.83 12.88 -20.15
CA LEU A 564 26.02 12.57 -19.36
C LEU A 564 26.46 13.83 -18.63
N SER A 565 26.50 13.77 -17.31
CA SER A 565 26.78 14.95 -16.51
C SER A 565 28.22 15.42 -16.71
N VAL A 566 28.45 16.71 -16.42
CA VAL A 566 29.75 17.31 -16.67
C VAL A 566 30.82 16.69 -15.77
N ASP A 567 30.49 16.48 -14.49
CA ASP A 567 31.47 15.93 -13.57
C ASP A 567 31.82 14.49 -13.92
N ASN A 568 30.81 13.68 -14.24
CA ASN A 568 31.06 12.31 -14.65
C ASN A 568 31.88 12.25 -15.93
N PHE A 569 31.54 13.12 -16.90
CA PHE A 569 32.29 13.16 -18.15
C PHE A 569 33.75 13.53 -17.90
N ASN A 570 33.98 14.54 -17.05
CA ASN A 570 35.34 14.97 -16.77
C ASN A 570 36.12 13.86 -16.04
N GLU A 571 35.49 13.19 -15.08
CA GLU A 571 36.18 12.17 -14.32
C GLU A 571 36.47 10.94 -15.17
N VAL A 572 35.58 10.61 -16.10
CA VAL A 572 35.82 9.50 -17.01
C VAL A 572 36.92 9.84 -18.00
N LEU A 573 36.89 11.05 -18.55
CA LEU A 573 37.78 11.43 -19.64
C LEU A 573 39.15 11.91 -19.19
N GLU A 574 39.32 12.23 -17.90
CA GLU A 574 40.57 12.84 -17.45
C GLU A 574 41.75 11.88 -17.60
N GLU A 575 41.56 10.60 -17.31
CA GLU A 575 42.64 9.63 -17.35
C GLU A 575 42.75 8.91 -18.68
N TYR A 576 41.94 9.29 -19.67
CA TYR A 576 41.96 8.70 -21.01
C TYR A 576 42.21 9.84 -22.00
N PRO A 577 43.46 10.30 -22.12
CA PRO A 577 43.72 11.48 -22.95
C PRO A 577 43.46 11.28 -24.43
N MET A 578 43.46 10.04 -24.92
CA MET A 578 43.15 9.81 -26.34
C MET A 578 41.74 10.24 -26.67
N MET A 579 40.78 9.90 -25.80
CA MET A 579 39.40 10.33 -26.01
C MET A 579 39.30 11.85 -25.97
N ARG A 580 40.03 12.49 -25.06
CA ARG A 580 40.03 13.95 -25.00
C ARG A 580 40.57 14.55 -26.29
N ARG A 581 41.66 13.99 -26.83
CA ARG A 581 42.22 14.50 -28.07
C ARG A 581 41.25 14.33 -29.23
N ALA A 582 40.60 13.17 -29.31
CA ALA A 582 39.63 12.94 -30.39
C ALA A 582 38.45 13.91 -30.27
N PHE A 583 37.94 14.10 -29.06
CA PHE A 583 36.84 15.04 -28.85
C PHE A 583 37.27 16.45 -29.21
N GLU A 584 38.49 16.83 -28.85
CA GLU A 584 38.98 18.16 -29.19
C GLU A 584 39.08 18.34 -30.70
N THR A 585 39.56 17.33 -31.40
CA THR A 585 39.69 17.43 -32.86
C THR A 585 38.32 17.56 -33.52
N VAL A 586 37.37 16.70 -33.13
CA VAL A 586 36.04 16.79 -33.74
C VAL A 586 35.35 18.10 -33.36
N ALA A 587 35.59 18.59 -32.14
CA ALA A 587 35.02 19.86 -31.72
C ALA A 587 35.59 21.01 -32.54
N ILE A 588 36.90 20.99 -32.80
CA ILE A 588 37.51 22.01 -33.64
C ILE A 588 36.93 21.97 -35.04
N ASP A 589 36.75 20.75 -35.58
CA ASP A 589 36.17 20.62 -36.91
C ASP A 589 34.76 21.20 -36.95
N ARG A 590 33.93 20.86 -35.95
CA ARG A 590 32.56 21.37 -35.93
C ARG A 590 32.53 22.89 -35.77
N LEU A 591 33.38 23.43 -34.90
CA LEU A 591 33.40 24.87 -34.68
C LEU A 591 33.87 25.61 -35.94
N ASP A 592 34.87 25.08 -36.63
CA ASP A 592 35.27 25.65 -37.91
C ASP A 592 34.16 25.56 -38.94
N ARG A 593 33.36 24.48 -38.89
CA ARG A 593 32.20 24.38 -39.76
C ARG A 593 31.21 25.51 -39.48
N ILE A 594 30.96 25.78 -38.19
CA ILE A 594 30.10 26.91 -37.83
C ILE A 594 30.76 28.22 -38.21
N GLY A 595 32.04 28.38 -37.86
CA GLY A 595 32.76 29.59 -38.18
C GLY A 595 33.44 30.22 -36.97
N LYS A 596 32.79 30.15 -35.81
CA LYS A 596 33.38 30.68 -34.60
C LYS A 596 34.62 29.88 -34.21
N LYS A 597 35.59 30.55 -33.61
CA LYS A 597 36.84 29.93 -33.19
C LYS A 597 37.03 30.13 -31.70
N ASN A 598 37.25 29.04 -30.97
CA ASN A 598 37.50 29.09 -29.53
C ASN A 598 39.00 29.18 -29.29
N SER A 599 39.42 30.23 -28.59
CA SER A 599 40.84 30.43 -28.32
C SER A 599 41.38 29.33 -27.42
N ILE A 600 40.60 28.92 -26.41
CA ILE A 600 41.07 27.89 -25.49
C ILE A 600 41.25 26.56 -26.21
N LEU A 601 40.27 26.18 -27.02
CA LEU A 601 40.37 24.92 -27.76
C LEU A 601 41.51 24.95 -28.77
N LEU A 602 41.69 26.09 -29.45
CA LEU A 602 42.80 26.21 -30.39
C LEU A 602 44.14 26.11 -29.69
N GLN A 603 44.27 26.75 -28.52
CA GLN A 603 45.50 26.66 -27.76
C GLN A 603 45.76 25.23 -27.29
N LYS A 604 44.72 24.53 -26.84
CA LYS A 604 44.87 23.15 -26.42
C LYS A 604 45.31 22.27 -27.59
N PHE A 605 44.72 22.48 -28.76
CA PHE A 605 45.11 21.70 -29.94
C PHE A 605 46.55 21.99 -30.34
N GLN A 606 46.96 23.27 -30.27
CA GLN A 606 48.34 23.61 -30.59
C GLN A 606 49.31 22.98 -29.59
N LYS A 607 48.97 22.98 -28.31
CA LYS A 607 49.82 22.35 -27.31
C LYS A 607 49.90 20.85 -27.52
N ASP A 608 48.79 20.21 -27.88
CA ASP A 608 48.80 18.78 -28.17
C ASP A 608 49.66 18.47 -29.38
N LEU A 609 49.57 19.30 -30.43
CA LEU A 609 50.42 19.12 -31.60
C LEU A 609 51.89 19.28 -31.25
N ASN A 610 52.21 20.28 -30.42
CA ASN A 610 53.58 20.47 -29.97
C ASN A 610 54.02 19.40 -28.97
N THR A 611 53.07 18.69 -28.36
CA THR A 611 53.41 17.64 -27.42
C THR A 611 53.88 16.39 -28.14
N GLY A 612 54.32 15.40 -27.36
CA GLY A 612 54.83 14.16 -27.91
C GLY A 612 53.79 13.16 -28.33
N VAL A 613 52.51 13.46 -28.14
CA VAL A 613 51.43 12.53 -28.54
C VAL A 613 51.11 12.85 -29.99
N PHE A 614 51.90 12.24 -30.88
CA PHE A 614 51.74 12.43 -32.33
C PHE A 614 51.88 11.09 -33.04
N ASN A 615 51.24 10.06 -32.50
CA ASN A 615 51.30 8.73 -33.09
C ASN A 615 50.64 8.73 -34.46
N ASN A 616 51.29 8.04 -35.42
CA ASN A 616 50.75 7.99 -36.78
C ASN A 616 49.41 7.27 -36.82
N GLN A 617 49.29 6.15 -36.11
CA GLN A 617 48.03 5.43 -36.06
C GLN A 617 46.94 6.25 -35.38
N GLU A 618 47.29 6.92 -34.28
CA GLU A 618 46.32 7.77 -33.60
C GLU A 618 45.90 8.94 -34.49
N ASN A 619 46.85 9.54 -35.19
CA ASN A 619 46.53 10.64 -36.10
C ASN A 619 45.62 10.17 -37.23
N GLU A 620 45.89 8.99 -37.79
CA GLU A 620 45.04 8.46 -38.85
C GLU A 620 43.63 8.16 -38.34
N ILE A 621 43.53 7.60 -37.14
CA ILE A 621 42.23 7.31 -36.55
C ILE A 621 41.45 8.60 -36.32
N LEU A 622 42.13 9.63 -35.80
CA LEU A 622 41.49 10.91 -35.57
C LEU A 622 41.02 11.54 -36.89
N LYS A 623 41.85 11.45 -37.93
CA LYS A 623 41.47 11.99 -39.23
C LYS A 623 40.26 11.26 -39.80
N GLN A 624 40.24 9.93 -39.67
CA GLN A 624 39.08 9.17 -40.15
C GLN A 624 37.82 9.52 -39.37
N ILE A 625 37.95 9.67 -38.06
CA ILE A 625 36.79 10.04 -37.24
C ILE A 625 36.29 11.42 -37.62
N VAL A 626 37.20 12.36 -37.86
CA VAL A 626 36.82 13.70 -38.24
C VAL A 626 36.12 13.70 -39.60
N LYS A 627 36.64 12.91 -40.55
CA LYS A 627 36.00 12.82 -41.85
C LYS A 627 34.61 12.22 -41.75
N HIS A 628 34.44 11.18 -40.94
CA HIS A 628 33.12 10.58 -40.75
C HIS A 628 32.16 11.57 -40.10
N ASP A 629 32.64 12.31 -39.10
CA ASP A 629 31.79 13.31 -38.45
C ASP A 629 31.39 14.41 -39.42
N ARG A 630 32.32 14.85 -40.26
CA ARG A 630 32.00 15.88 -41.26
C ARG A 630 30.98 15.35 -42.26
N GLU A 631 31.14 14.11 -42.70
CA GLU A 631 30.16 13.53 -43.63
C GLU A 631 28.78 13.43 -42.99
N MET A 632 28.72 13.01 -41.72
CA MET A 632 27.44 12.92 -41.03
C MET A 632 26.81 14.29 -40.84
N VAL A 633 27.62 15.30 -40.50
CA VAL A 633 27.10 16.64 -40.30
C VAL A 633 26.59 17.22 -41.61
N GLN A 634 27.26 16.92 -42.73
CA GLN A 634 26.80 17.37 -44.02
C GLN A 634 25.45 16.74 -44.36
N ALA A 635 25.26 15.47 -44.03
CA ALA A 635 24.00 14.77 -44.28
C ALA A 635 22.92 15.25 -43.32
N LYS B 108 6.76 -2.88 33.20
CA LYS B 108 6.05 -3.58 32.13
C LYS B 108 5.58 -2.61 31.05
N PHE B 109 4.36 -2.85 30.55
CA PHE B 109 3.81 -1.96 29.52
C PHE B 109 3.61 -0.56 30.05
N SER B 110 3.10 -0.42 31.29
CA SER B 110 2.92 0.89 31.88
C SER B 110 4.25 1.59 32.08
N LEU B 111 5.27 0.86 32.52
CA LEU B 111 6.58 1.46 32.71
C LEU B 111 7.16 1.96 31.39
N ARG B 112 7.02 1.17 30.33
CA ARG B 112 7.50 1.61 29.01
C ARG B 112 6.72 2.82 28.52
N MET B 113 5.40 2.84 28.74
CA MET B 113 4.59 3.96 28.29
C MET B 113 4.87 5.23 29.09
N PHE B 114 5.34 5.09 30.33
CA PHE B 114 5.63 6.24 31.17
C PHE B 114 7.06 6.74 30.96
N GLY B 115 8.03 5.84 30.94
CA GLY B 115 9.42 6.22 30.78
C GLY B 115 10.38 5.11 31.15
N SER B 116 11.35 5.42 32.01
CA SER B 116 12.29 4.44 32.52
C SER B 116 11.90 4.05 33.95
N GLN B 117 12.76 3.28 34.60
CA GLN B 117 12.50 2.88 35.98
C GLN B 117 12.46 4.09 36.91
N LYS B 118 13.39 5.04 36.71
CA LYS B 118 13.41 6.24 37.54
C LYS B 118 12.14 7.07 37.34
N ALA B 119 11.71 7.23 36.09
CA ALA B 119 10.49 7.99 35.82
C ALA B 119 9.26 7.30 36.42
N VAL B 120 9.19 5.98 36.31
CA VAL B 120 8.07 5.24 36.87
C VAL B 120 8.05 5.37 38.39
N GLU B 121 9.22 5.27 39.02
CA GLU B 121 9.30 5.42 40.47
C GLU B 121 8.90 6.83 40.90
N LYS B 122 9.34 7.85 40.15
CA LYS B 122 8.95 9.22 40.48
C LYS B 122 7.45 9.42 40.34
N GLU B 123 6.85 8.88 39.28
CA GLU B 123 5.41 8.99 39.10
C GLU B 123 4.66 8.28 40.23
N GLN B 124 5.13 7.10 40.62
CA GLN B 124 4.49 6.38 41.72
C GLN B 124 4.59 7.14 43.03
N GLU B 125 5.76 7.74 43.29
CA GLU B 125 5.93 8.54 44.50
C GLU B 125 5.03 9.77 44.48
N ARG B 126 4.91 10.42 43.33
CA ARG B 126 4.03 11.58 43.22
C ARG B 126 2.58 11.19 43.44
N VAL B 127 2.16 10.05 42.90
CA VAL B 127 0.79 9.58 43.10
C VAL B 127 0.56 9.25 44.57
N LYS B 128 1.52 8.59 45.21
CA LYS B 128 1.38 8.27 46.63
C LYS B 128 1.34 9.52 47.49
N THR B 129 2.18 10.50 47.16
CA THR B 129 2.23 11.75 47.92
C THR B 129 1.12 12.70 47.47
N ILE B 135 -4.46 4.08 43.05
CA ILE B 135 -5.79 4.40 42.54
C ILE B 135 -5.70 4.84 41.08
N HIS B 136 -4.48 5.13 40.63
CA HIS B 136 -4.27 5.52 39.25
C HIS B 136 -4.52 4.33 38.32
N PRO B 137 -4.95 4.59 37.08
CA PRO B 137 -5.33 3.48 36.18
C PRO B 137 -4.21 2.49 35.92
N TYR B 138 -2.96 2.94 35.88
CA TYR B 138 -1.83 2.06 35.61
C TYR B 138 -1.34 1.39 36.89
N SER B 139 -2.25 0.75 37.62
CA SER B 139 -1.94 0.09 38.88
C SER B 139 -2.20 -1.41 38.75
N ASP B 140 -1.39 -2.20 39.45
CA ASP B 140 -1.50 -3.65 39.36
C ASP B 140 -2.84 -4.15 39.88
N PHE B 141 -3.33 -3.53 40.96
CA PHE B 141 -4.61 -3.95 41.52
C PHE B 141 -5.74 -3.76 40.51
N ARG B 142 -5.81 -2.58 39.88
CA ARG B 142 -6.83 -2.34 38.87
C ARG B 142 -6.57 -3.20 37.62
N PHE B 143 -5.31 -3.32 37.22
CA PHE B 143 -4.95 -4.11 36.04
C PHE B 143 -5.19 -5.60 36.23
N TYR B 144 -5.44 -6.04 37.46
CA TYR B 144 -5.85 -7.42 37.71
C TYR B 144 -7.34 -7.56 37.98
N TRP B 145 -7.96 -6.54 38.58
CA TRP B 145 -9.39 -6.59 38.87
C TRP B 145 -10.26 -6.30 37.65
N ASP B 146 -9.71 -5.65 36.62
CA ASP B 146 -10.49 -5.39 35.42
C ASP B 146 -10.92 -6.68 34.75
N LEU B 147 -10.06 -7.70 34.77
CA LEU B 147 -10.42 -8.98 34.18
C LEU B 147 -11.59 -9.62 34.92
N ILE B 148 -11.57 -9.57 36.26
CA ILE B 148 -12.68 -10.12 37.04
C ILE B 148 -13.96 -9.34 36.77
N MET B 149 -13.85 -8.01 36.68
CA MET B 149 -15.03 -7.20 36.38
C MET B 149 -15.60 -7.54 35.01
N LEU B 150 -14.72 -7.72 34.02
CA LEU B 150 -15.18 -8.08 32.67
C LEU B 150 -15.82 -9.46 32.65
N ILE B 151 -15.26 -10.40 33.41
CA ILE B 151 -15.85 -11.74 33.49
C ILE B 151 -17.24 -11.67 34.11
N MET B 152 -17.38 -10.89 35.18
CA MET B 152 -18.70 -10.72 35.80
C MET B 152 -19.69 -10.06 34.84
N MET B 153 -19.23 -9.05 34.09
CA MET B 153 -20.10 -8.39 33.13
C MET B 153 -20.53 -9.35 32.02
N VAL B 154 -19.61 -10.18 31.55
CA VAL B 154 -19.94 -11.16 30.52
C VAL B 154 -20.95 -12.18 31.05
N GLY B 155 -20.74 -12.66 32.28
CA GLY B 155 -21.70 -13.57 32.87
C GLY B 155 -23.08 -12.96 33.02
N ASN B 156 -23.13 -11.70 33.46
CA ASN B 156 -24.42 -11.02 33.59
C ASN B 156 -25.09 -10.83 32.24
N LEU B 157 -24.31 -10.46 31.21
CA LEU B 157 -24.89 -10.27 29.89
C LEU B 157 -25.33 -11.59 29.27
N VAL B 158 -24.73 -12.71 29.68
CA VAL B 158 -25.16 -14.00 29.19
C VAL B 158 -26.38 -14.51 29.95
N ILE B 159 -26.50 -14.14 31.23
CA ILE B 159 -27.58 -14.67 32.06
C ILE B 159 -28.85 -13.82 31.99
N ILE B 160 -28.72 -12.52 31.67
CA ILE B 160 -29.90 -11.66 31.63
C ILE B 160 -30.92 -12.11 30.59
N PRO B 161 -30.55 -12.44 29.34
CA PRO B 161 -31.57 -12.97 28.41
C PRO B 161 -32.21 -14.25 28.89
N VAL B 162 -31.47 -15.12 29.57
CA VAL B 162 -32.04 -16.35 30.09
C VAL B 162 -33.10 -16.04 31.14
N GLY B 163 -32.80 -15.11 32.05
CA GLY B 163 -33.79 -14.72 33.05
C GLY B 163 -34.99 -14.03 32.44
N ILE B 164 -34.77 -13.22 31.40
CA ILE B 164 -35.89 -12.57 30.71
C ILE B 164 -36.79 -13.61 30.06
N THR B 165 -36.20 -14.61 29.42
CA THR B 165 -37.00 -15.69 28.83
C THR B 165 -37.74 -16.46 29.92
N PHE B 166 -37.09 -16.72 31.05
CA PHE B 166 -37.73 -17.41 32.16
C PHE B 166 -38.74 -16.51 32.88
N PHE B 167 -38.72 -15.20 32.62
CA PHE B 167 -39.65 -14.24 33.22
C PHE B 167 -39.56 -14.20 34.74
N THR B 168 -38.44 -14.68 35.31
CA THR B 168 -38.22 -14.69 36.75
C THR B 168 -39.33 -15.39 37.51
N GLU B 169 -39.98 -16.38 36.87
CA GLU B 169 -41.06 -17.10 37.53
C GLU B 169 -40.52 -18.01 38.62
N GLN B 170 -39.33 -18.58 38.43
CA GLN B 170 -38.70 -19.48 39.38
C GLN B 170 -37.31 -19.00 39.73
N THR B 171 -37.19 -17.70 40.05
CA THR B 171 -35.91 -17.10 40.41
C THR B 171 -35.55 -17.55 41.82
N THR B 172 -35.11 -18.81 41.92
CA THR B 172 -34.78 -19.42 43.21
C THR B 172 -33.38 -18.96 43.65
N THR B 173 -32.85 -19.64 44.66
CA THR B 173 -31.53 -19.28 45.17
C THR B 173 -30.42 -19.33 44.13
N PRO B 174 -30.30 -20.35 43.27
CA PRO B 174 -29.20 -20.35 42.29
C PRO B 174 -29.20 -19.14 41.37
N TRP B 175 -30.37 -18.59 41.05
CA TRP B 175 -30.47 -17.43 40.18
C TRP B 175 -30.51 -16.11 40.95
N ILE B 176 -31.20 -16.08 42.09
CA ILE B 176 -31.24 -14.86 42.89
C ILE B 176 -29.85 -14.53 43.42
N ILE B 177 -29.11 -15.54 43.86
CA ILE B 177 -27.76 -15.32 44.37
C ILE B 177 -26.86 -14.81 43.25
N PHE B 178 -26.99 -15.38 42.05
CA PHE B 178 -26.19 -14.91 40.92
C PHE B 178 -26.52 -13.47 40.57
N ASN B 179 -27.81 -13.11 40.57
CA ASN B 179 -28.20 -11.74 40.29
C ASN B 179 -27.67 -10.78 41.35
N VAL B 180 -27.72 -11.19 42.62
CA VAL B 180 -27.21 -10.35 43.70
C VAL B 180 -25.71 -10.16 43.57
N ALA B 181 -24.99 -11.23 43.22
CA ALA B 181 -23.55 -11.14 43.04
C ALA B 181 -23.20 -10.21 41.88
N SER B 182 -23.95 -10.32 40.78
CA SER B 182 -23.71 -9.43 39.64
C SER B 182 -23.97 -7.98 40.00
N ASP B 183 -25.07 -7.73 40.74
CA ASP B 183 -25.36 -6.36 41.17
C ASP B 183 -24.29 -5.82 42.09
N THR B 184 -23.79 -6.66 43.01
CA THR B 184 -22.73 -6.22 43.92
C THR B 184 -21.45 -5.92 43.16
N VAL B 185 -21.12 -6.76 42.17
CA VAL B 185 -19.93 -6.52 41.36
C VAL B 185 -20.06 -5.21 40.59
N CYS B 186 -21.24 -4.96 40.01
CA CYS B 186 -21.47 -3.72 39.28
C CYS B 186 -21.37 -2.51 40.20
N LEU B 187 -21.93 -2.62 41.41
CA LEU B 187 -21.85 -1.52 42.37
C LEU B 187 -20.41 -1.25 42.78
N LEU B 188 -19.64 -2.31 43.03
CA LEU B 188 -18.23 -2.13 43.37
C LEU B 188 -17.45 -1.49 42.22
N ASP B 189 -17.75 -1.91 40.98
CA ASP B 189 -17.09 -1.31 39.83
C ASP B 189 -17.43 0.17 39.71
N LEU B 190 -18.69 0.53 39.92
CA LEU B 190 -19.09 1.94 39.87
C LEU B 190 -18.42 2.74 40.97
N ILE B 191 -18.33 2.16 42.18
CA ILE B 191 -17.67 2.87 43.29
C ILE B 191 -16.20 3.08 42.98
N MET B 192 -15.53 2.06 42.43
CA MET B 192 -14.12 2.21 42.08
C MET B 192 -13.94 3.24 40.98
N ASN B 193 -14.82 3.24 39.98
CA ASN B 193 -14.73 4.23 38.91
C ASN B 193 -15.03 5.64 39.40
N PHE B 194 -15.80 5.78 40.49
CA PHE B 194 -16.07 7.10 41.04
C PHE B 194 -14.79 7.77 41.51
N ARG B 195 -13.90 7.02 42.15
CA ARG B 195 -12.63 7.56 42.64
C ARG B 195 -11.56 7.49 41.55
N ASP B 209 -7.73 18.28 43.23
CA ASP B 209 -7.30 17.47 42.09
C ASP B 209 -8.13 16.19 41.89
N PRO B 210 -8.28 15.34 42.93
CA PRO B 210 -9.06 14.11 42.73
C PRO B 210 -10.56 14.36 42.75
N LYS B 211 -11.00 15.31 43.57
CA LYS B 211 -12.42 15.65 43.63
C LYS B 211 -12.90 16.22 42.30
N VAL B 212 -12.11 17.12 41.70
CA VAL B 212 -12.49 17.69 40.42
C VAL B 212 -12.53 16.62 39.33
N ILE B 213 -11.55 15.72 39.34
CA ILE B 213 -11.53 14.64 38.35
C ILE B 213 -12.74 13.73 38.53
N LYS B 214 -13.08 13.41 39.78
CA LYS B 214 -14.25 12.57 40.03
C LYS B 214 -15.53 13.26 39.58
N MET B 215 -15.65 14.57 39.85
CA MET B 215 -16.83 15.30 39.41
C MET B 215 -16.93 15.34 37.89
N ASN B 216 -15.80 15.55 37.20
CA ASN B 216 -15.81 15.56 35.74
C ASN B 216 -16.20 14.20 35.18
N TYR B 217 -15.66 13.12 35.78
CA TYR B 217 -16.01 11.78 35.33
C TYR B 217 -17.48 11.48 35.56
N LEU B 218 -18.03 11.91 36.70
CA LEU B 218 -19.45 11.72 36.97
C LEU B 218 -20.31 12.49 35.97
N LYS B 219 -19.92 13.74 35.69
CA LYS B 219 -20.69 14.54 34.74
C LYS B 219 -20.59 13.98 33.32
N SER B 220 -19.48 13.32 32.99
CA SER B 220 -19.30 12.81 31.64
C SER B 220 -19.99 11.45 31.45
N TRP B 221 -19.47 10.41 32.11
CA TRP B 221 -20.01 9.07 31.91
C TRP B 221 -20.25 8.27 33.17
N PHE B 222 -19.63 8.61 34.31
CA PHE B 222 -19.73 7.76 35.48
C PHE B 222 -21.15 7.72 36.04
N VAL B 223 -21.88 8.83 35.93
CA VAL B 223 -23.24 8.88 36.47
C VAL B 223 -24.15 7.91 35.71
N VAL B 224 -24.03 7.86 34.39
CA VAL B 224 -24.87 6.97 33.59
C VAL B 224 -24.59 5.51 33.94
N ASP B 225 -23.30 5.17 34.06
CA ASP B 225 -22.94 3.80 34.42
C ASP B 225 -23.42 3.44 35.81
N PHE B 226 -23.30 4.38 36.76
CA PHE B 226 -23.78 4.13 38.12
C PHE B 226 -25.29 3.93 38.15
N ILE B 227 -26.03 4.72 37.37
CA ILE B 227 -27.46 4.55 37.28
C ILE B 227 -27.80 3.19 36.67
N SER B 228 -27.06 2.79 35.64
CA SER B 228 -27.27 1.48 35.02
C SER B 228 -26.88 0.34 35.96
N SER B 229 -25.98 0.57 36.90
CA SER B 229 -25.54 -0.45 37.84
C SER B 229 -26.29 -0.25 39.16
N ILE B 230 -27.43 -0.90 39.28
CA ILE B 230 -28.26 -0.77 40.48
C ILE B 230 -29.03 -2.07 40.70
N PRO B 231 -29.29 -2.46 41.95
CA PRO B 231 -30.08 -3.67 42.20
C PRO B 231 -31.57 -3.41 42.05
N VAL B 232 -32.07 -3.50 40.82
CA VAL B 232 -33.47 -3.20 40.54
C VAL B 232 -34.42 -4.16 41.24
N ASP B 233 -33.92 -5.32 41.69
CA ASP B 233 -34.77 -6.25 42.41
C ASP B 233 -35.27 -5.65 43.72
N TYR B 234 -34.39 -4.95 44.44
CA TYR B 234 -34.81 -4.28 45.68
C TYR B 234 -35.83 -3.19 45.41
N ILE B 235 -35.64 -2.43 44.32
CA ILE B 235 -36.60 -1.38 43.96
C ILE B 235 -37.95 -1.99 43.63
N PHE B 236 -37.96 -3.10 42.88
CA PHE B 236 -39.22 -3.77 42.55
C PHE B 236 -39.90 -4.29 43.81
N LEU B 237 -39.12 -4.86 44.73
CA LEU B 237 -39.71 -5.36 45.98
C LEU B 237 -40.29 -4.22 46.80
N ILE B 238 -39.61 -3.08 46.85
CA ILE B 238 -40.12 -1.94 47.59
C ILE B 238 -41.39 -1.41 46.94
N VAL B 239 -41.43 -1.36 45.61
CA VAL B 239 -42.62 -0.90 44.91
C VAL B 239 -43.80 -1.83 45.17
N GLU B 240 -43.55 -3.15 45.13
CA GLU B 240 -44.61 -4.10 45.39
C GLU B 240 -45.08 -4.04 46.84
N LYS B 241 -44.18 -3.73 47.77
CA LYS B 241 -44.58 -3.63 49.18
C LYS B 241 -45.56 -2.48 49.39
N GLY B 242 -45.33 -1.35 48.74
CA GLY B 242 -46.20 -0.20 48.87
C GLY B 242 -47.52 -0.36 48.13
N ARG B 252 -51.09 -6.44 38.58
CA ARG B 252 -50.15 -6.06 37.54
C ARG B 252 -48.88 -6.90 37.60
N ALA B 253 -49.05 -8.21 37.80
CA ALA B 253 -47.90 -9.10 37.86
C ALA B 253 -47.15 -9.13 36.53
N LEU B 254 -47.89 -9.17 35.42
CA LEU B 254 -47.25 -9.15 34.10
C LEU B 254 -46.53 -7.82 33.88
N ARG B 255 -47.15 -6.71 34.29
CA ARG B 255 -46.49 -5.41 34.15
C ARG B 255 -45.25 -5.34 35.02
N ILE B 256 -45.31 -5.89 36.24
CA ILE B 256 -44.15 -5.90 37.12
C ILE B 256 -43.02 -6.73 36.51
N VAL B 257 -43.36 -7.88 35.93
CA VAL B 257 -42.35 -8.72 35.30
C VAL B 257 -41.73 -8.01 34.11
N ARG B 258 -42.55 -7.33 33.31
CA ARG B 258 -42.04 -6.58 32.17
C ARG B 258 -41.12 -5.46 32.61
N PHE B 259 -41.49 -4.75 33.69
CA PHE B 259 -40.64 -3.68 34.20
C PHE B 259 -39.32 -4.24 34.72
N THR B 260 -39.36 -5.37 35.41
CA THR B 260 -38.13 -6.00 35.89
C THR B 260 -37.23 -6.42 34.74
N LYS B 261 -37.83 -6.98 33.68
CA LYS B 261 -37.04 -7.37 32.52
C LYS B 261 -36.43 -6.15 31.84
N ILE B 262 -37.19 -5.06 31.74
CA ILE B 262 -36.66 -3.83 31.13
C ILE B 262 -35.51 -3.28 31.96
N LEU B 263 -35.65 -3.31 33.29
CA LEU B 263 -34.57 -2.85 34.16
C LEU B 263 -33.34 -3.72 34.01
N CYS B 264 -33.52 -5.04 33.93
CA CYS B 264 -32.38 -5.93 33.74
C CYS B 264 -31.69 -5.68 32.41
N LEU B 265 -32.48 -5.44 31.34
CA LEU B 265 -31.89 -5.13 30.05
C LEU B 265 -31.13 -3.82 30.09
N LEU B 266 -31.68 -2.80 30.75
CA LEU B 266 -31.00 -1.52 30.87
C LEU B 266 -29.75 -1.61 31.73
N ARG B 267 -29.70 -2.57 32.66
CA ARG B 267 -28.52 -2.77 33.49
C ARG B 267 -27.31 -3.25 32.70
N LEU B 268 -27.50 -3.66 31.44
CA LEU B 268 -26.41 -4.13 30.59
C LEU B 268 -25.66 -2.99 29.91
N LEU B 269 -25.77 -1.76 30.43
CA LEU B 269 -25.09 -0.63 29.82
C LEU B 269 -23.59 -0.59 30.11
N ARG B 270 -23.07 -1.59 30.83
CA ARG B 270 -21.64 -1.70 31.10
C ARG B 270 -20.83 -2.15 29.89
N LEU B 271 -21.47 -2.19 28.71
CA LEU B 271 -20.78 -2.62 27.50
C LEU B 271 -19.66 -1.67 27.13
N SER B 272 -19.82 -0.37 27.42
CA SER B 272 -18.76 0.58 27.13
C SER B 272 -17.51 0.30 27.97
N ARG B 273 -17.71 0.05 29.27
CA ARG B 273 -16.58 -0.29 30.14
C ARG B 273 -15.97 -1.62 29.72
N LEU B 274 -16.81 -2.59 29.33
CA LEU B 274 -16.30 -3.88 28.87
C LEU B 274 -15.44 -3.71 27.62
N ILE B 275 -15.89 -2.88 26.68
CA ILE B 275 -15.12 -2.65 25.45
C ILE B 275 -13.82 -1.93 25.77
N ARG B 276 -13.85 -0.97 26.69
CA ARG B 276 -12.62 -0.29 27.08
C ARG B 276 -11.62 -1.26 27.71
N TYR B 277 -12.12 -2.15 28.58
CA TYR B 277 -11.23 -3.14 29.19
C TYR B 277 -10.69 -4.11 28.15
N ILE B 278 -11.52 -4.50 27.17
CA ILE B 278 -11.06 -5.40 26.12
C ILE B 278 -9.98 -4.71 25.27
N HIS B 279 -10.16 -3.43 24.96
CA HIS B 279 -9.15 -2.70 24.22
C HIS B 279 -7.85 -2.59 25.01
N GLN B 280 -7.95 -2.34 26.31
CA GLN B 280 -6.76 -2.27 27.15
C GLN B 280 -6.03 -3.61 27.17
N TRP B 281 -6.78 -4.71 27.29
CA TRP B 281 -6.17 -6.04 27.29
C TRP B 281 -5.51 -6.32 25.95
N GLU B 282 -6.16 -5.93 24.85
CA GLU B 282 -5.57 -6.13 23.54
C GLU B 282 -4.27 -5.34 23.39
N GLU B 283 -4.26 -4.11 23.88
CA GLU B 283 -3.05 -3.30 23.83
C GLU B 283 -1.96 -3.84 24.73
N ILE B 284 -2.32 -4.53 25.81
CA ILE B 284 -1.31 -4.99 26.77
C ILE B 284 -0.78 -6.39 26.46
N PHE B 285 -1.57 -7.23 25.80
CA PHE B 285 -1.22 -8.64 25.64
C PHE B 285 -1.17 -9.09 24.19
N HIS B 286 -2.08 -8.61 23.34
CA HIS B 286 -2.10 -9.06 21.96
C HIS B 286 -0.85 -8.64 21.20
N MET B 287 -0.21 -7.55 21.60
CA MET B 287 1.03 -7.10 20.98
C MET B 287 2.27 -7.70 21.64
N THR B 288 2.10 -8.47 22.72
CA THR B 288 3.26 -9.08 23.39
C THR B 288 3.97 -10.07 22.49
N TYR B 289 3.21 -10.91 21.78
CA TYR B 289 3.77 -11.86 20.83
C TYR B 289 3.37 -11.54 19.39
N ASP B 290 2.07 -11.49 19.11
CA ASP B 290 1.53 -11.14 17.79
C ASP B 290 2.15 -11.97 16.67
N LEU B 291 2.63 -13.18 16.98
CA LEU B 291 3.27 -14.02 15.97
C LEU B 291 2.87 -15.48 16.09
N ALA B 292 1.71 -15.78 16.66
CA ALA B 292 1.27 -17.16 16.80
C ALA B 292 0.68 -17.72 15.50
N SER B 293 0.36 -16.87 14.54
CA SER B 293 -0.23 -17.29 13.27
C SER B 293 -1.52 -18.09 13.49
N ALA B 294 -2.30 -17.67 14.49
CA ALA B 294 -3.53 -18.33 14.86
C ALA B 294 -4.72 -17.39 14.65
N VAL B 295 -5.89 -17.97 14.49
CA VAL B 295 -7.12 -17.19 14.24
C VAL B 295 -7.69 -16.86 15.62
N VAL B 296 -7.16 -15.79 16.20
CA VAL B 296 -7.69 -15.27 17.47
C VAL B 296 -8.71 -14.17 17.24
N ARG B 297 -8.40 -13.24 16.34
CA ARG B 297 -9.36 -12.21 15.97
C ARG B 297 -10.60 -12.84 15.34
N ILE B 298 -10.41 -13.90 14.55
CA ILE B 298 -11.55 -14.60 13.98
C ILE B 298 -12.46 -15.11 15.08
N PHE B 299 -11.88 -15.70 16.12
CA PHE B 299 -12.67 -16.12 17.27
C PHE B 299 -13.31 -14.93 17.98
N ASN B 300 -12.64 -13.77 17.96
CA ASN B 300 -13.23 -12.57 18.57
C ASN B 300 -14.53 -12.18 17.85
N LEU B 301 -14.48 -12.06 16.52
CA LEU B 301 -15.73 -11.76 15.81
C LEU B 301 -16.72 -12.91 15.90
N ILE B 302 -16.26 -14.15 16.02
CA ILE B 302 -17.19 -15.26 16.19
C ILE B 302 -17.97 -15.11 17.50
N GLY B 303 -17.26 -14.77 18.58
CA GLY B 303 -17.93 -14.55 19.85
C GLY B 303 -18.85 -13.34 19.81
N MET B 304 -18.41 -12.27 19.13
CA MET B 304 -19.27 -11.09 18.99
C MET B 304 -20.55 -11.42 18.24
N MET B 305 -20.45 -12.20 17.16
CA MET B 305 -21.62 -12.60 16.40
C MET B 305 -22.51 -13.52 17.23
N LEU B 306 -21.92 -14.41 18.02
CA LEU B 306 -22.71 -15.27 18.89
C LEU B 306 -23.49 -14.46 19.91
N LEU B 307 -22.84 -13.46 20.52
CA LEU B 307 -23.53 -12.60 21.48
C LEU B 307 -24.64 -11.81 20.81
N LEU B 308 -24.38 -11.28 19.60
CA LEU B 308 -25.41 -10.54 18.88
C LEU B 308 -26.60 -11.45 18.56
N ALA B 309 -26.33 -12.69 18.15
CA ALA B 309 -27.41 -13.63 17.87
C ALA B 309 -28.19 -13.97 19.12
N HIS B 310 -27.50 -14.13 20.25
CA HIS B 310 -28.20 -14.39 21.50
C HIS B 310 -29.11 -13.22 21.88
N TRP B 311 -28.61 -11.99 21.72
CA TRP B 311 -29.43 -10.82 22.00
C TRP B 311 -30.64 -10.75 21.07
N ASP B 312 -30.42 -11.04 19.77
CA ASP B 312 -31.52 -11.01 18.81
C ASP B 312 -32.57 -12.06 19.14
N GLY B 313 -32.14 -13.26 19.51
CA GLY B 313 -33.09 -14.29 19.90
C GLY B 313 -33.85 -13.93 21.17
N CYS B 314 -33.15 -13.33 22.14
CA CYS B 314 -33.82 -12.87 23.35
C CYS B 314 -34.87 -11.84 23.03
N LEU B 315 -34.56 -10.89 22.15
CA LEU B 315 -35.54 -9.87 21.77
C LEU B 315 -36.72 -10.50 21.02
N GLN B 316 -36.43 -11.41 20.09
CA GLN B 316 -37.48 -12.04 19.29
C GLN B 316 -38.35 -12.98 20.12
N PHE B 317 -37.86 -13.44 21.28
CA PHE B 317 -38.68 -14.23 22.17
C PHE B 317 -39.43 -13.37 23.18
N LEU B 318 -38.83 -12.25 23.61
CA LEU B 318 -39.49 -11.38 24.58
C LEU B 318 -40.58 -10.53 23.96
N VAL B 319 -40.45 -10.19 22.67
CA VAL B 319 -41.48 -9.38 22.02
C VAL B 319 -42.84 -10.06 22.05
N PRO B 320 -42.98 -11.34 21.69
CA PRO B 320 -44.27 -12.00 21.93
C PRO B 320 -44.61 -12.07 23.41
N LEU B 321 -43.61 -12.24 24.28
CA LEU B 321 -43.86 -12.27 25.72
C LEU B 321 -44.28 -10.90 26.24
N LEU B 322 -43.69 -9.84 25.69
CA LEU B 322 -44.07 -8.49 26.11
C LEU B 322 -45.53 -8.20 25.80
N GLN B 323 -45.99 -8.61 24.62
CA GLN B 323 -47.39 -8.46 24.25
C GLN B 323 -48.25 -9.65 24.68
N ASP B 324 -47.65 -10.66 25.33
CA ASP B 324 -48.29 -11.90 25.76
C ASP B 324 -48.71 -12.78 24.60
N PHE B 325 -48.39 -12.40 23.36
CA PHE B 325 -48.71 -13.14 22.14
C PHE B 325 -50.19 -13.52 22.07
N PRO B 326 -51.09 -12.54 21.89
CA PRO B 326 -52.52 -12.87 21.76
C PRO B 326 -52.80 -13.70 20.51
N PRO B 327 -52.39 -13.25 19.28
CA PRO B 327 -52.82 -14.00 18.09
C PRO B 327 -51.93 -15.20 17.80
N ASP B 328 -52.15 -15.84 16.65
CA ASP B 328 -51.41 -17.04 16.27
C ASP B 328 -50.11 -16.63 15.60
N CYS B 329 -49.14 -16.20 16.42
CA CYS B 329 -47.78 -15.99 15.97
C CYS B 329 -47.06 -17.35 15.94
N TRP B 330 -45.73 -17.33 15.92
CA TRP B 330 -44.98 -18.58 15.88
C TRP B 330 -45.20 -19.40 17.14
N VAL B 331 -45.41 -18.73 18.26
CA VAL B 331 -45.56 -19.41 19.54
C VAL B 331 -46.79 -20.30 19.53
N SER B 332 -47.91 -19.77 19.03
CA SER B 332 -49.10 -20.58 18.85
C SER B 332 -49.00 -21.50 17.65
N LEU B 333 -48.14 -21.17 16.67
CA LEU B 333 -47.99 -22.02 15.50
C LEU B 333 -47.30 -23.33 15.83
N ASN B 334 -46.27 -23.29 16.67
CA ASN B 334 -45.52 -24.49 17.02
C ASN B 334 -45.82 -24.97 18.44
N GLU B 335 -46.67 -24.26 19.19
CA GLU B 335 -46.98 -24.60 20.58
C GLU B 335 -45.72 -24.69 21.42
N MET B 336 -44.80 -23.74 21.21
CA MET B 336 -43.54 -23.73 21.95
C MET B 336 -43.75 -23.44 23.43
N VAL B 337 -44.84 -22.77 23.79
CA VAL B 337 -45.12 -22.51 25.21
C VAL B 337 -45.34 -23.82 25.95
N ASN B 338 -46.10 -24.74 25.36
CA ASN B 338 -46.32 -26.04 25.98
C ASN B 338 -45.08 -26.92 25.94
N ASP B 339 -44.11 -26.61 25.09
CA ASP B 339 -42.88 -27.38 25.00
C ASP B 339 -41.91 -26.95 26.09
N SER B 340 -40.77 -27.64 26.16
CA SER B 340 -39.77 -27.33 27.16
C SER B 340 -39.12 -25.97 26.87
N TRP B 341 -38.57 -25.37 27.92
CA TRP B 341 -37.88 -24.09 27.76
C TRP B 341 -36.68 -24.23 26.84
N GLY B 342 -35.97 -25.36 26.92
CA GLY B 342 -34.84 -25.58 26.03
C GLY B 342 -35.25 -25.63 24.57
N LYS B 343 -36.38 -26.28 24.28
CA LYS B 343 -36.86 -26.37 22.91
C LYS B 343 -37.22 -24.98 22.36
N GLN B 344 -37.93 -24.19 23.17
CA GLN B 344 -38.30 -22.85 22.74
C GLN B 344 -37.06 -21.99 22.53
N TYR B 345 -36.08 -22.10 23.43
CA TYR B 345 -34.83 -21.38 23.24
C TYR B 345 -34.14 -21.81 21.96
N SER B 346 -34.16 -23.10 21.65
CA SER B 346 -33.53 -23.60 20.43
C SER B 346 -34.21 -23.02 19.19
N TYR B 347 -35.55 -23.00 19.17
CA TYR B 347 -36.25 -22.43 18.01
C TYR B 347 -35.97 -20.94 17.87
N ALA B 348 -35.99 -20.21 18.98
CA ALA B 348 -35.74 -18.77 18.93
C ALA B 348 -34.33 -18.50 18.43
N LEU B 349 -33.34 -19.22 18.97
CA LEU B 349 -31.98 -19.09 18.49
C LEU B 349 -31.85 -19.54 17.04
N PHE B 350 -32.66 -20.51 16.61
CA PHE B 350 -32.62 -20.96 15.23
C PHE B 350 -32.97 -19.83 14.28
N LYS B 351 -34.11 -19.16 14.52
CA LYS B 351 -34.44 -18.05 13.62
C LYS B 351 -33.50 -16.87 13.84
N ALA B 352 -33.01 -16.67 15.06
CA ALA B 352 -32.06 -15.59 15.27
C ALA B 352 -30.82 -15.77 14.41
N MET B 353 -30.29 -17.00 14.38
CA MET B 353 -29.11 -17.28 13.57
C MET B 353 -29.43 -17.25 12.09
N SER B 354 -30.62 -17.72 11.70
CA SER B 354 -31.00 -17.71 10.30
C SER B 354 -31.10 -16.29 9.76
N HIS B 355 -31.72 -15.39 10.51
CA HIS B 355 -31.84 -14.01 10.06
C HIS B 355 -30.51 -13.26 10.17
N MET B 356 -29.77 -13.49 11.26
CA MET B 356 -28.50 -12.81 11.43
C MET B 356 -27.52 -13.24 10.34
N LEU B 357 -27.53 -14.51 9.98
CA LEU B 357 -26.82 -14.98 8.81
C LEU B 357 -27.59 -14.63 7.53
N CYS B 358 -26.91 -14.80 6.40
CA CYS B 358 -27.56 -14.67 5.10
C CYS B 358 -28.08 -16.01 4.61
N ILE B 359 -28.82 -16.69 5.48
CA ILE B 359 -29.43 -17.98 5.18
C ILE B 359 -30.92 -17.82 5.51
N GLY B 360 -31.73 -17.56 4.48
CA GLY B 360 -33.13 -17.26 4.74
C GLY B 360 -34.02 -18.47 4.83
N TYR B 361 -34.21 -18.97 6.04
CA TYR B 361 -35.13 -20.08 6.25
C TYR B 361 -36.33 -19.50 6.95
N GLY B 362 -36.50 -18.18 6.87
CA GLY B 362 -37.58 -17.51 7.56
C GLY B 362 -38.95 -17.83 7.01
N ALA B 363 -39.98 -17.60 7.82
CA ALA B 363 -41.35 -17.87 7.38
C ALA B 363 -41.69 -17.02 6.18
N GLN B 364 -42.57 -17.53 5.32
CA GLN B 364 -42.95 -16.77 4.15
C GLN B 364 -43.34 -15.38 4.58
N ALA B 365 -44.09 -15.28 5.67
CA ALA B 365 -44.51 -13.98 6.18
C ALA B 365 -45.06 -14.12 7.59
N PRO B 366 -45.30 -12.99 8.25
CA PRO B 366 -45.83 -13.02 9.62
C PRO B 366 -47.32 -12.66 9.70
N VAL B 367 -48.03 -13.24 10.67
CA VAL B 367 -49.47 -12.95 10.83
C VAL B 367 -49.68 -11.63 11.55
N SER B 368 -48.86 -11.33 12.55
CA SER B 368 -49.09 -10.18 13.42
C SER B 368 -48.66 -8.90 12.71
N MET B 369 -48.53 -7.80 13.46
CA MET B 369 -48.16 -6.50 12.93
C MET B 369 -46.75 -6.06 13.32
N SER B 370 -46.39 -6.18 14.60
CA SER B 370 -45.06 -5.76 15.03
C SER B 370 -43.98 -6.78 14.66
N ASP B 371 -44.37 -8.03 14.40
CA ASP B 371 -43.39 -9.06 14.08
C ASP B 371 -42.60 -8.73 12.83
N LEU B 372 -43.27 -8.18 11.80
CA LEU B 372 -42.56 -7.78 10.61
C LEU B 372 -41.50 -6.73 10.92
N TRP B 373 -41.84 -5.73 11.74
CA TRP B 373 -40.90 -4.67 12.04
C TRP B 373 -39.70 -5.19 12.85
N ILE B 374 -39.95 -6.04 13.85
CA ILE B 374 -38.82 -6.56 14.61
C ILE B 374 -37.97 -7.46 13.72
N THR B 375 -38.58 -8.14 12.75
CA THR B 375 -37.77 -8.94 11.82
C THR B 375 -36.96 -8.05 10.89
N MET B 376 -37.47 -6.88 10.49
CA MET B 376 -36.64 -5.94 9.77
C MET B 376 -35.44 -5.51 10.60
N LEU B 377 -35.68 -5.23 11.88
CA LEU B 377 -34.57 -4.85 12.76
C LEU B 377 -33.54 -5.98 12.85
N SER B 378 -34.01 -7.22 13.01
CA SER B 378 -33.13 -8.36 13.08
C SER B 378 -32.34 -8.54 11.79
N MET B 379 -33.02 -8.40 10.65
CA MET B 379 -32.35 -8.54 9.36
C MET B 379 -31.28 -7.47 9.19
N ILE B 380 -31.57 -6.25 9.63
CA ILE B 380 -30.60 -5.16 9.50
C ILE B 380 -29.37 -5.43 10.34
N VAL B 381 -29.56 -5.82 11.61
CA VAL B 381 -28.40 -6.05 12.46
C VAL B 381 -27.61 -7.25 11.97
N GLY B 382 -28.29 -8.28 11.48
CA GLY B 382 -27.60 -9.42 10.92
C GLY B 382 -26.80 -9.09 9.68
N ALA B 383 -27.38 -8.26 8.81
CA ALA B 383 -26.65 -7.82 7.61
C ALA B 383 -25.41 -7.03 7.98
N THR B 384 -25.54 -6.11 8.94
CA THR B 384 -24.37 -5.34 9.37
C THR B 384 -23.31 -6.25 9.98
N CYS B 385 -23.73 -7.21 10.80
CA CYS B 385 -22.77 -8.13 11.42
C CYS B 385 -22.07 -8.97 10.37
N TYR B 386 -22.82 -9.47 9.38
CA TYR B 386 -22.20 -10.29 8.34
C TYR B 386 -21.24 -9.48 7.48
N ALA B 387 -21.60 -8.24 7.17
CA ALA B 387 -20.70 -7.38 6.41
C ALA B 387 -19.41 -7.11 7.19
N MET B 388 -19.54 -6.82 8.49
CA MET B 388 -18.35 -6.59 9.30
C MET B 388 -17.51 -7.87 9.41
N PHE B 389 -18.17 -9.03 9.49
CA PHE B 389 -17.48 -10.30 9.52
C PHE B 389 -16.65 -10.48 8.24
N VAL B 390 -17.28 -10.25 7.09
CA VAL B 390 -16.58 -10.41 5.82
C VAL B 390 -15.41 -9.42 5.73
N GLY B 391 -15.62 -8.19 6.18
CA GLY B 391 -14.56 -7.20 6.15
C GLY B 391 -13.37 -7.59 7.01
N HIS B 392 -13.64 -8.06 8.23
CA HIS B 392 -12.55 -8.52 9.09
C HIS B 392 -11.85 -9.72 8.49
N ALA B 393 -12.60 -10.63 7.88
CA ALA B 393 -12.01 -11.82 7.28
C ALA B 393 -11.07 -11.45 6.14
N THR B 394 -11.51 -10.55 5.25
CA THR B 394 -10.63 -10.18 4.14
C THR B 394 -9.45 -9.35 4.61
N ALA B 395 -9.63 -8.53 5.65
CA ALA B 395 -8.50 -7.81 6.22
C ALA B 395 -7.45 -8.77 6.76
N LEU B 396 -7.90 -9.80 7.50
CA LEU B 396 -6.96 -10.78 8.02
C LEU B 396 -6.28 -11.55 6.89
N ILE B 397 -7.05 -11.89 5.85
CA ILE B 397 -6.47 -12.61 4.71
C ILE B 397 -5.39 -11.77 4.04
N GLN B 398 -5.67 -10.48 3.82
CA GLN B 398 -4.68 -9.60 3.20
C GLN B 398 -3.45 -9.46 4.08
N SER B 399 -3.64 -9.32 5.40
CA SER B 399 -2.51 -9.17 6.30
C SER B 399 -1.69 -10.45 6.41
N LEU B 400 -2.30 -11.60 6.15
CA LEU B 400 -1.59 -12.88 6.33
C LEU B 400 -0.50 -13.06 5.29
N ASP B 401 -0.82 -12.83 4.01
CA ASP B 401 0.08 -13.10 2.90
C ASP B 401 0.89 -11.87 2.47
N SER B 402 1.19 -10.98 3.42
CA SER B 402 1.83 -9.71 3.06
C SER B 402 3.19 -9.91 2.42
N SER B 403 4.05 -10.75 3.03
CA SER B 403 5.41 -10.89 2.53
C SER B 403 5.44 -11.43 1.10
N ARG B 404 4.64 -12.46 0.84
CA ARG B 404 4.51 -12.99 -0.51
C ARG B 404 3.99 -11.91 -1.47
N ARG B 405 3.06 -11.08 -1.00
CA ARG B 405 2.51 -10.03 -1.84
C ARG B 405 3.58 -9.04 -2.26
N GLN B 406 4.38 -8.55 -1.31
CA GLN B 406 5.42 -7.58 -1.66
C GLN B 406 6.50 -8.23 -2.52
N TYR B 407 6.86 -9.48 -2.23
CA TYR B 407 7.88 -10.13 -3.08
C TYR B 407 7.39 -10.29 -4.51
N GLN B 408 6.14 -10.73 -4.68
CA GLN B 408 5.58 -10.86 -6.02
C GLN B 408 5.51 -9.50 -6.71
N GLU B 409 5.11 -8.46 -5.97
CA GLU B 409 5.05 -7.13 -6.55
C GLU B 409 6.42 -6.67 -7.02
N LYS B 410 7.44 -6.87 -6.19
CA LYS B 410 8.79 -6.43 -6.55
C LYS B 410 9.32 -7.20 -7.75
N TYR B 411 9.12 -8.52 -7.77
CA TYR B 411 9.64 -9.29 -8.90
C TYR B 411 8.91 -8.97 -10.19
N LYS B 412 7.58 -8.82 -10.13
CA LYS B 412 6.86 -8.42 -11.34
C LYS B 412 7.29 -7.03 -11.78
N GLN B 413 7.54 -6.13 -10.82
CA GLN B 413 8.04 -4.80 -11.13
C GLN B 413 9.35 -4.86 -11.91
N VAL B 414 10.31 -5.62 -11.41
CA VAL B 414 11.62 -5.65 -12.06
C VAL B 414 11.54 -6.36 -13.41
N GLU B 415 10.78 -7.45 -13.49
CA GLU B 415 10.65 -8.16 -14.75
C GLU B 415 9.93 -7.30 -15.78
N GLN B 416 8.94 -6.52 -15.35
CA GLN B 416 8.22 -5.63 -16.25
C GLN B 416 9.11 -4.49 -16.74
N TYR B 417 9.93 -3.93 -15.85
CA TYR B 417 10.92 -2.94 -16.30
C TYR B 417 11.85 -3.56 -17.33
N MET B 418 12.35 -4.77 -17.07
CA MET B 418 13.25 -5.42 -18.00
C MET B 418 12.58 -5.68 -19.34
N SER B 419 11.29 -6.05 -19.32
CA SER B 419 10.55 -6.23 -20.55
C SER B 419 10.35 -4.91 -21.29
N PHE B 420 10.29 -3.79 -20.55
CA PHE B 420 10.15 -2.49 -21.19
C PHE B 420 11.31 -2.23 -22.16
N HIS B 421 12.52 -2.61 -21.78
CA HIS B 421 13.68 -2.43 -22.64
C HIS B 421 13.85 -3.56 -23.66
N LYS B 422 12.98 -4.56 -23.63
CA LYS B 422 12.99 -5.66 -24.58
C LYS B 422 14.33 -6.40 -24.56
N LEU B 423 14.65 -6.96 -23.39
CA LEU B 423 15.86 -7.73 -23.23
C LEU B 423 15.63 -9.17 -23.67
N PRO B 424 16.68 -9.87 -24.12
CA PRO B 424 16.53 -11.26 -24.53
C PRO B 424 16.13 -12.15 -23.37
N ALA B 425 15.56 -13.32 -23.72
CA ALA B 425 15.07 -14.24 -22.69
C ALA B 425 16.20 -14.78 -21.84
N ASP B 426 17.38 -14.96 -22.43
CA ASP B 426 18.55 -15.37 -21.64
C ASP B 426 18.86 -14.34 -20.57
N MET B 427 18.77 -13.05 -20.91
CA MET B 427 18.93 -12.00 -19.91
C MET B 427 17.89 -12.13 -18.81
N ARG B 428 16.64 -12.44 -19.19
CA ARG B 428 15.59 -12.60 -18.20
C ARG B 428 15.92 -13.73 -17.23
N GLN B 429 16.36 -14.86 -17.76
CA GLN B 429 16.69 -16.00 -16.92
C GLN B 429 17.86 -15.68 -16.00
N LYS B 430 18.89 -15.01 -16.53
CA LYS B 430 20.06 -14.69 -15.71
C LYS B 430 19.69 -13.72 -14.59
N ILE B 431 18.88 -12.71 -14.90
CA ILE B 431 18.47 -11.73 -13.88
C ILE B 431 17.60 -12.41 -12.83
N HIS B 432 16.68 -13.28 -13.26
CA HIS B 432 15.85 -14.01 -12.31
C HIS B 432 16.69 -14.89 -11.40
N ASP B 433 17.71 -15.55 -11.96
CA ASP B 433 18.59 -16.38 -11.16
C ASP B 433 19.34 -15.53 -10.13
N TYR B 434 19.87 -14.38 -10.56
CA TYR B 434 20.57 -13.51 -9.63
C TYR B 434 19.66 -13.05 -8.50
N TYR B 435 18.43 -12.64 -8.84
CA TYR B 435 17.51 -12.17 -7.81
C TYR B 435 17.13 -13.29 -6.86
N GLU B 436 16.88 -14.49 -7.38
CA GLU B 436 16.53 -15.61 -6.54
C GLU B 436 17.70 -16.10 -5.69
N HIS B 437 18.94 -15.84 -6.11
CA HIS B 437 20.08 -16.30 -5.33
C HIS B 437 20.56 -15.27 -4.32
N ARG B 438 20.42 -13.98 -4.60
CA ARG B 438 20.81 -12.98 -3.63
C ARG B 438 19.83 -12.93 -2.47
N TYR B 439 18.56 -12.65 -2.78
CA TYR B 439 17.48 -12.77 -1.80
C TYR B 439 16.94 -14.19 -1.84
N GLN B 440 16.91 -14.85 -0.69
CA GLN B 440 16.39 -16.21 -0.60
C GLN B 440 14.85 -16.18 -0.59
N GLY B 441 14.30 -15.64 -1.68
CA GLY B 441 12.87 -15.38 -1.72
C GLY B 441 12.42 -14.39 -0.68
N LYS B 442 13.26 -13.40 -0.37
CA LYS B 442 13.02 -12.48 0.73
C LYS B 442 13.19 -11.05 0.25
N ILE B 443 12.64 -10.11 1.03
CA ILE B 443 12.83 -8.69 0.76
C ILE B 443 13.21 -8.00 2.07
N PHE B 444 14.16 -7.07 1.97
CA PHE B 444 14.51 -6.20 3.09
C PHE B 444 15.34 -5.02 2.64
N ASP B 445 15.03 -3.84 3.19
CA ASP B 445 15.84 -2.64 2.96
C ASP B 445 17.00 -2.68 3.95
N GLU B 446 18.02 -3.45 3.58
CA GLU B 446 19.16 -3.66 4.47
C GLU B 446 19.84 -2.35 4.83
N GLU B 447 20.02 -1.47 3.83
CA GLU B 447 20.63 -0.17 4.10
C GLU B 447 19.77 0.63 5.08
N ASN B 448 18.46 0.70 4.83
CA ASN B 448 17.58 1.48 5.69
C ASN B 448 17.54 0.91 7.11
N ILE B 449 17.37 -0.41 7.22
CA ILE B 449 17.27 -1.04 8.54
C ILE B 449 18.58 -0.85 9.31
N LEU B 450 19.71 -1.08 8.64
CA LEU B 450 21.00 -0.89 9.30
C LEU B 450 21.23 0.56 9.70
N ASN B 451 20.78 1.51 8.88
CA ASN B 451 20.91 2.92 9.22
C ASN B 451 20.05 3.29 10.42
N GLU B 452 18.87 2.69 10.54
CA GLU B 452 17.98 3.03 11.65
C GLU B 452 18.61 2.64 12.99
N LEU B 453 19.22 1.47 13.06
CA LEU B 453 19.76 0.97 14.32
C LEU B 453 20.85 1.90 14.84
N ASN B 454 21.09 1.82 16.14
CA ASN B 454 22.06 2.70 16.79
C ASN B 454 23.48 2.18 16.53
N ASP B 455 24.46 2.77 17.22
CA ASP B 455 25.85 2.38 16.98
C ASP B 455 26.15 0.98 17.51
N PRO B 456 25.95 0.68 18.81
CA PRO B 456 26.41 -0.63 19.30
C PRO B 456 25.68 -1.81 18.68
N LEU B 457 24.36 -1.71 18.50
CA LEU B 457 23.62 -2.84 17.95
C LEU B 457 24.07 -3.15 16.52
N ARG B 458 24.13 -2.11 15.68
CA ARG B 458 24.59 -2.30 14.31
C ARG B 458 26.01 -2.82 14.27
N GLU B 459 26.89 -2.27 15.10
CA GLU B 459 28.30 -2.68 15.11
C GLU B 459 28.43 -4.13 15.51
N GLU B 460 27.69 -4.57 16.53
CA GLU B 460 27.84 -5.95 16.99
C GLU B 460 27.15 -6.91 16.03
N ILE B 461 26.08 -6.46 15.35
CA ILE B 461 25.48 -7.26 14.30
C ILE B 461 26.49 -7.50 13.18
N VAL B 462 27.20 -6.45 12.78
CA VAL B 462 28.23 -6.60 11.75
C VAL B 462 29.33 -7.53 12.25
N ASN B 463 29.73 -7.38 13.51
CA ASN B 463 30.76 -8.24 14.08
C ASN B 463 30.35 -9.71 14.03
N PHE B 464 29.10 -10.01 14.35
CA PHE B 464 28.64 -11.39 14.32
C PHE B 464 28.52 -11.90 12.88
N ASN B 465 28.04 -11.06 11.96
CA ASN B 465 27.78 -11.51 10.60
C ASN B 465 29.06 -11.93 9.89
N CYS B 466 30.20 -11.39 10.30
CA CYS B 466 31.48 -11.70 9.68
C CYS B 466 32.46 -12.34 10.67
N ARG B 467 31.94 -13.17 11.58
CA ARG B 467 32.81 -13.81 12.55
C ARG B 467 33.79 -14.77 11.87
N LYS B 468 33.35 -15.43 10.81
CA LYS B 468 34.25 -16.30 10.06
C LYS B 468 35.40 -15.51 9.44
N LEU B 469 35.08 -14.34 8.87
CA LEU B 469 36.10 -13.52 8.24
C LEU B 469 37.15 -13.08 9.25
N VAL B 470 36.71 -12.52 10.39
CA VAL B 470 37.66 -12.02 11.37
C VAL B 470 38.44 -13.17 12.02
N ALA B 471 37.80 -14.33 12.19
CA ALA B 471 38.49 -15.46 12.82
C ALA B 471 39.47 -16.14 11.87
N THR B 472 39.23 -16.08 10.56
CA THR B 472 40.06 -16.82 9.62
C THR B 472 41.31 -16.05 9.22
N MET B 473 41.13 -14.82 8.72
CA MET B 473 42.23 -14.08 8.13
C MET B 473 43.17 -13.65 9.26
N PRO B 474 44.44 -14.08 9.27
CA PRO B 474 45.31 -13.82 10.43
C PRO B 474 45.56 -12.35 10.70
N LEU B 475 45.43 -11.47 9.71
CA LEU B 475 45.70 -10.05 9.95
C LEU B 475 44.72 -9.45 10.95
N PHE B 476 43.46 -9.88 10.92
CA PHE B 476 42.46 -9.30 11.80
C PHE B 476 42.71 -9.67 13.26
N ALA B 477 43.05 -10.94 13.52
CA ALA B 477 43.21 -11.40 14.90
C ALA B 477 44.36 -10.69 15.60
N ASN B 478 45.49 -10.53 14.91
CA ASN B 478 46.66 -9.89 15.51
C ASN B 478 46.66 -8.39 15.22
N ALA B 479 45.55 -7.75 15.63
CA ALA B 479 45.37 -6.33 15.41
C ALA B 479 44.39 -5.79 16.46
N ASP B 480 44.36 -4.48 16.59
CA ASP B 480 43.47 -3.82 17.52
C ASP B 480 42.02 -4.11 17.13
N PRO B 481 41.20 -4.66 18.03
CA PRO B 481 39.79 -4.88 17.69
C PRO B 481 39.05 -3.60 17.32
N ASN B 482 39.49 -2.45 17.84
CA ASN B 482 38.89 -1.18 17.44
C ASN B 482 39.03 -0.96 15.94
N PHE B 483 40.23 -1.21 15.41
CA PHE B 483 40.44 -1.13 13.97
C PHE B 483 39.58 -2.14 13.22
N VAL B 484 39.46 -3.35 13.77
CA VAL B 484 38.68 -4.40 13.13
C VAL B 484 37.23 -3.94 12.96
N THR B 485 36.61 -3.47 14.04
CA THR B 485 35.22 -3.04 13.95
C THR B 485 35.07 -1.77 13.13
N ALA B 486 36.05 -0.86 13.21
CA ALA B 486 35.97 0.36 12.43
C ALA B 486 35.93 0.07 10.94
N MET B 487 36.76 -0.87 10.47
CA MET B 487 36.68 -1.23 9.06
C MET B 487 35.45 -2.08 8.76
N LEU B 488 35.10 -3.01 9.66
CA LEU B 488 33.96 -3.89 9.41
C LEU B 488 32.66 -3.11 9.27
N SER B 489 32.56 -1.95 9.93
CA SER B 489 31.32 -1.17 9.88
C SER B 489 31.00 -0.64 8.49
N LYS B 490 31.95 -0.69 7.55
CA LYS B 490 31.77 -0.07 6.24
C LYS B 490 31.65 -1.08 5.10
N LEU B 491 31.60 -2.38 5.40
CA LEU B 491 31.51 -3.37 4.34
C LEU B 491 30.11 -3.38 3.72
N ARG B 492 30.02 -3.96 2.53
CA ARG B 492 28.76 -4.07 1.81
C ARG B 492 28.64 -5.47 1.20
N PHE B 493 27.47 -6.07 1.32
CA PHE B 493 27.24 -7.40 0.78
C PHE B 493 27.16 -7.35 -0.74
N GLU B 494 27.77 -8.35 -1.39
CA GLU B 494 27.68 -8.51 -2.83
C GLU B 494 27.65 -9.99 -3.16
N VAL B 495 27.01 -10.32 -4.27
CA VAL B 495 26.91 -11.71 -4.74
C VAL B 495 27.19 -11.72 -6.24
N PHE B 496 28.00 -12.68 -6.67
CA PHE B 496 28.41 -12.77 -8.07
C PHE B 496 28.12 -14.16 -8.62
N GLN B 497 27.58 -14.17 -9.84
CA GLN B 497 27.30 -15.40 -10.56
C GLN B 497 28.60 -16.06 -11.00
N PRO B 498 28.58 -17.38 -11.19
CA PRO B 498 29.75 -18.05 -11.77
C PRO B 498 30.02 -17.55 -13.19
N GLY B 499 31.30 -17.43 -13.52
CA GLY B 499 31.72 -17.01 -14.85
C GLY B 499 31.74 -15.52 -15.07
N ASP B 500 31.10 -14.72 -14.20
CA ASP B 500 31.08 -13.29 -14.39
C ASP B 500 32.40 -12.67 -13.95
N TYR B 501 32.95 -11.81 -14.80
CA TYR B 501 34.19 -11.11 -14.48
C TYR B 501 33.93 -10.12 -13.35
N ILE B 502 34.80 -10.12 -12.36
CA ILE B 502 34.68 -9.17 -11.25
C ILE B 502 35.66 -8.02 -11.41
N ILE B 503 36.92 -8.33 -11.71
CA ILE B 503 37.96 -7.33 -11.91
C ILE B 503 38.66 -7.64 -13.23
N ARG B 504 38.73 -6.67 -14.12
CA ARG B 504 39.35 -6.83 -15.42
C ARG B 504 40.67 -6.06 -15.47
N GLU B 505 41.68 -6.69 -16.05
CA GLU B 505 43.00 -6.09 -16.12
C GLU B 505 42.97 -4.81 -16.93
N GLY B 506 43.66 -3.78 -16.44
CA GLY B 506 43.73 -2.50 -17.11
C GLY B 506 42.66 -1.50 -16.70
N ALA B 507 41.59 -1.95 -16.07
CA ALA B 507 40.54 -1.05 -15.64
C ALA B 507 40.96 -0.26 -14.41
N VAL B 508 40.19 0.78 -14.11
CA VAL B 508 40.42 1.60 -12.93
C VAL B 508 39.67 0.99 -11.75
N GLY B 509 40.34 0.86 -10.62
CA GLY B 509 39.77 0.24 -9.44
C GLY B 509 39.12 1.26 -8.51
N LYS B 510 38.08 0.81 -7.81
CA LYS B 510 37.36 1.69 -6.91
C LYS B 510 36.95 1.05 -5.60
N LYS B 511 37.26 -0.23 -5.37
CA LYS B 511 36.83 -0.88 -4.13
C LYS B 511 37.66 -2.12 -3.87
N MET B 512 37.60 -2.57 -2.61
CA MET B 512 38.22 -3.81 -2.16
C MET B 512 37.24 -4.96 -2.36
N TYR B 513 37.69 -6.19 -2.12
CA TYR B 513 36.77 -7.32 -2.08
C TYR B 513 37.24 -8.33 -1.05
N PHE B 514 36.37 -8.65 -0.11
CA PHE B 514 36.61 -9.69 0.89
C PHE B 514 35.75 -10.90 0.54
N ILE B 515 36.39 -12.03 0.26
CA ILE B 515 35.68 -13.25 -0.11
C ILE B 515 35.11 -13.85 1.17
N GLN B 516 33.83 -13.59 1.44
CA GLN B 516 33.21 -14.20 2.61
C GLN B 516 32.94 -15.67 2.38
N HIS B 517 32.43 -16.03 1.20
CA HIS B 517 32.14 -17.43 0.92
C HIS B 517 32.19 -17.65 -0.58
N GLY B 518 32.68 -18.84 -0.97
CA GLY B 518 32.83 -19.17 -2.37
C GLY B 518 34.28 -19.06 -2.83
N VAL B 519 34.55 -19.65 -3.98
CA VAL B 519 35.89 -19.66 -4.54
C VAL B 519 35.94 -18.63 -5.67
N ALA B 520 37.16 -18.19 -5.99
CA ALA B 520 37.37 -17.25 -7.08
C ALA B 520 38.68 -17.58 -7.76
N GLY B 521 38.82 -17.14 -8.99
CA GLY B 521 40.01 -17.40 -9.79
C GLY B 521 40.73 -16.12 -10.15
N VAL B 522 42.06 -16.15 -10.07
CA VAL B 522 42.92 -15.05 -10.48
C VAL B 522 43.71 -15.50 -11.69
N ILE B 523 43.60 -14.74 -12.78
CA ILE B 523 44.22 -15.09 -14.05
C ILE B 523 45.01 -13.91 -14.58
N THR B 524 46.04 -14.21 -15.35
CA THR B 524 46.92 -13.23 -15.99
C THR B 524 47.75 -13.96 -17.03
N LYS B 525 47.90 -13.34 -18.20
CA LYS B 525 48.61 -13.99 -19.29
C LYS B 525 50.04 -14.35 -18.90
N SER B 526 50.49 -15.52 -19.38
CA SER B 526 51.85 -16.01 -19.15
C SER B 526 52.15 -16.21 -17.67
N SER B 527 51.12 -16.51 -16.88
CA SER B 527 51.33 -16.79 -15.46
C SER B 527 50.42 -17.92 -14.96
N LYS B 528 49.84 -18.70 -15.87
CA LYS B 528 48.87 -19.76 -15.54
C LYS B 528 47.72 -19.10 -14.77
N GLU B 529 47.26 -19.69 -13.66
CA GLU B 529 46.17 -19.11 -12.88
C GLU B 529 46.24 -19.69 -11.48
N MET B 530 45.52 -19.04 -10.56
CA MET B 530 45.46 -19.50 -9.19
C MET B 530 44.05 -19.28 -8.64
N LYS B 531 43.82 -19.80 -7.43
CA LYS B 531 42.50 -19.75 -6.83
C LYS B 531 42.58 -19.11 -5.44
N LEU B 532 41.50 -18.43 -5.08
CA LEU B 532 41.34 -17.84 -3.75
C LEU B 532 40.08 -18.42 -3.13
N THR B 533 40.23 -18.96 -1.92
CA THR B 533 39.12 -19.58 -1.20
C THR B 533 38.47 -18.56 -0.27
N ASP B 534 37.62 -19.04 0.63
CA ASP B 534 36.96 -18.16 1.58
C ASP B 534 37.96 -17.61 2.59
N GLY B 535 37.58 -16.52 3.25
CA GLY B 535 38.46 -15.88 4.20
C GLY B 535 39.70 -15.25 3.59
N SER B 536 39.57 -14.67 2.40
CA SER B 536 40.68 -13.96 1.77
C SER B 536 40.19 -12.66 1.17
N TYR B 537 41.03 -11.97 0.41
CA TYR B 537 40.65 -10.68 -0.14
C TYR B 537 41.52 -10.35 -1.34
N PHE B 538 41.01 -9.46 -2.18
CA PHE B 538 41.78 -8.94 -3.30
C PHE B 538 41.32 -7.51 -3.60
N GLY B 539 42.03 -6.88 -4.53
CA GLY B 539 41.73 -5.51 -4.91
C GLY B 539 42.49 -4.45 -4.16
N GLU B 540 43.60 -4.80 -3.50
CA GLU B 540 44.36 -3.81 -2.73
C GLU B 540 45.38 -3.05 -3.56
N ILE B 541 45.82 -3.60 -4.70
CA ILE B 541 46.89 -2.97 -5.47
C ILE B 541 46.45 -1.60 -5.96
N CYS B 542 45.28 -1.53 -6.60
CA CYS B 542 44.83 -0.26 -7.16
C CYS B 542 44.49 0.74 -6.06
N LEU B 543 43.89 0.28 -4.97
CA LEU B 543 43.57 1.17 -3.87
C LEU B 543 44.82 1.69 -3.16
N LEU B 544 45.92 0.94 -3.22
CA LEU B 544 47.18 1.36 -2.60
C LEU B 544 47.95 2.31 -3.50
N THR B 545 48.32 1.85 -4.70
CA THR B 545 49.16 2.62 -5.60
C THR B 545 48.39 3.64 -6.43
N LYS B 546 47.06 3.65 -6.35
CA LYS B 546 46.22 4.56 -7.13
C LYS B 546 46.52 4.44 -8.62
N GLY B 547 46.70 3.21 -9.09
CA GLY B 547 46.98 2.97 -10.49
C GLY B 547 45.83 2.31 -11.22
N ARG B 548 46.11 1.17 -11.86
CA ARG B 548 45.10 0.42 -12.59
C ARG B 548 45.19 -1.05 -12.19
N ARG B 549 44.09 -1.77 -12.43
CA ARG B 549 44.04 -3.18 -12.08
C ARG B 549 45.06 -3.96 -12.90
N THR B 550 45.80 -4.83 -12.21
CA THR B 550 46.88 -5.58 -12.85
C THR B 550 46.40 -6.94 -13.38
N ALA B 551 45.87 -7.78 -12.49
CA ALA B 551 45.43 -9.11 -12.88
C ALA B 551 43.96 -9.09 -13.28
N SER B 552 43.37 -10.26 -13.45
CA SER B 552 41.94 -10.38 -13.72
C SER B 552 41.35 -11.40 -12.74
N VAL B 553 40.11 -11.15 -12.33
CA VAL B 553 39.44 -11.95 -11.31
C VAL B 553 38.12 -12.45 -11.86
N ARG B 554 37.90 -13.76 -11.80
CA ARG B 554 36.66 -14.39 -12.23
C ARG B 554 36.04 -15.15 -11.07
N ALA B 555 34.76 -15.44 -11.20
CA ALA B 555 34.01 -16.22 -10.22
C ALA B 555 33.69 -17.58 -10.83
N ASP B 556 34.16 -18.65 -10.18
CA ASP B 556 33.90 -20.00 -10.64
C ASP B 556 32.67 -20.62 -9.98
N THR B 557 31.98 -19.87 -9.13
CA THR B 557 30.78 -20.35 -8.46
C THR B 557 30.01 -19.12 -7.96
N TYR B 558 28.85 -19.40 -7.34
CA TYR B 558 28.06 -18.34 -6.76
C TYR B 558 28.78 -17.81 -5.52
N CYS B 559 29.49 -16.69 -5.64
CA CYS B 559 30.36 -16.24 -4.57
C CYS B 559 29.76 -15.03 -3.86
N ARG B 560 29.77 -15.08 -2.53
CA ARG B 560 29.28 -13.98 -1.71
C ARG B 560 30.48 -13.26 -1.12
N LEU B 561 30.67 -12.00 -1.53
CA LEU B 561 31.82 -11.20 -1.14
C LEU B 561 31.36 -9.97 -0.38
N TYR B 562 32.33 -9.29 0.23
CA TYR B 562 32.11 -8.04 0.94
C TYR B 562 32.99 -6.96 0.32
N SER B 563 32.35 -5.94 -0.23
CA SER B 563 33.03 -4.84 -0.88
C SER B 563 33.26 -3.70 0.09
N LEU B 564 34.36 -2.97 -0.13
CA LEU B 564 34.73 -1.83 0.69
C LEU B 564 35.18 -0.71 -0.23
N SER B 565 34.52 0.44 -0.16
CA SER B 565 34.79 1.54 -1.08
C SER B 565 36.17 2.12 -0.84
N VAL B 566 36.70 2.77 -1.88
CA VAL B 566 38.06 3.30 -1.82
C VAL B 566 38.18 4.42 -0.78
N ASP B 567 37.19 5.31 -0.74
CA ASP B 567 37.25 6.42 0.20
C ASP B 567 37.12 5.94 1.64
N ASN B 568 36.20 5.02 1.89
CA ASN B 568 36.07 4.45 3.23
C ASN B 568 37.33 3.71 3.65
N PHE B 569 37.90 2.93 2.73
CA PHE B 569 39.14 2.21 3.04
C PHE B 569 40.27 3.17 3.37
N ASN B 570 40.41 4.24 2.58
CA ASN B 570 41.47 5.22 2.82
C ASN B 570 41.26 5.92 4.15
N GLU B 571 40.02 6.30 4.47
CA GLU B 571 39.76 7.04 5.70
C GLU B 571 39.93 6.15 6.92
N VAL B 572 39.60 4.85 6.80
CA VAL B 572 39.82 3.93 7.90
C VAL B 572 41.30 3.67 8.11
N LEU B 573 42.03 3.46 7.01
CA LEU B 573 43.42 3.01 7.08
C LEU B 573 44.42 4.15 7.27
N GLU B 574 44.01 5.40 7.07
CA GLU B 574 44.99 6.50 7.10
C GLU B 574 45.59 6.68 8.49
N GLU B 575 44.79 6.55 9.54
CA GLU B 575 45.25 6.78 10.90
C GLU B 575 45.73 5.51 11.59
N TYR B 576 45.76 4.38 10.88
CA TYR B 576 46.25 3.10 11.41
C TYR B 576 47.38 2.63 10.52
N PRO B 577 48.58 3.21 10.67
CA PRO B 577 49.68 2.89 9.75
C PRO B 577 50.15 1.46 9.80
N MET B 578 49.91 0.74 10.90
CA MET B 578 50.33 -0.66 10.97
C MET B 578 49.57 -1.50 9.94
N MET B 579 48.26 -1.27 9.80
CA MET B 579 47.49 -1.97 8.78
C MET B 579 47.98 -1.63 7.38
N ARG B 580 48.32 -0.36 7.15
CA ARG B 580 48.87 0.04 5.86
C ARG B 580 50.18 -0.68 5.57
N ARG B 581 51.05 -0.78 6.57
CA ARG B 581 52.33 -1.47 6.37
C ARG B 581 52.12 -2.95 6.07
N ALA B 582 51.21 -3.60 6.81
CA ALA B 582 50.93 -5.01 6.56
C ALA B 582 50.35 -5.23 5.17
N PHE B 583 49.40 -4.38 4.76
CA PHE B 583 48.84 -4.47 3.43
C PHE B 583 49.89 -4.25 2.36
N GLU B 584 50.79 -3.29 2.58
CA GLU B 584 51.86 -3.05 1.62
C GLU B 584 52.78 -4.26 1.51
N THR B 585 53.12 -4.88 2.64
CA THR B 585 54.00 -6.06 2.60
C THR B 585 53.34 -7.21 1.85
N VAL B 586 52.08 -7.51 2.18
CA VAL B 586 51.42 -8.63 1.50
C VAL B 586 51.20 -8.29 0.03
N ALA B 587 50.95 -7.02 -0.31
CA ALA B 587 50.80 -6.63 -1.70
C ALA B 587 52.10 -6.80 -2.47
N ILE B 588 53.23 -6.43 -1.85
CA ILE B 588 54.53 -6.64 -2.48
C ILE B 588 54.78 -8.12 -2.71
N ASP B 589 54.45 -8.94 -1.71
CA ASP B 589 54.63 -10.39 -1.85
C ASP B 589 53.80 -10.93 -3.02
N ARG B 590 52.53 -10.53 -3.10
CA ARG B 590 51.67 -11.00 -4.18
C ARG B 590 52.16 -10.52 -5.53
N LEU B 591 52.59 -9.26 -5.63
CA LEU B 591 53.06 -8.73 -6.89
C LEU B 591 54.33 -9.43 -7.35
N ASP B 592 55.25 -9.70 -6.42
CA ASP B 592 56.43 -10.47 -6.75
C ASP B 592 56.07 -11.89 -7.17
N ARG B 593 55.02 -12.46 -6.57
CA ARG B 593 54.53 -13.75 -7.02
C ARG B 593 54.07 -13.69 -8.46
N ILE B 594 53.34 -12.64 -8.82
CA ILE B 594 52.93 -12.46 -10.21
C ILE B 594 54.15 -12.17 -11.09
N GLY B 595 55.00 -11.25 -10.65
CA GLY B 595 56.19 -10.91 -11.39
C GLY B 595 56.34 -9.42 -11.65
N LYS B 596 55.23 -8.74 -11.87
CA LYS B 596 55.26 -7.29 -12.08
C LYS B 596 55.69 -6.59 -10.78
N LYS B 597 56.40 -5.48 -10.94
CA LYS B 597 56.89 -4.70 -9.82
C LYS B 597 56.34 -3.28 -9.92
N ASN B 598 55.72 -2.81 -8.84
CA ASN B 598 55.19 -1.46 -8.77
C ASN B 598 56.24 -0.54 -8.17
N SER B 599 56.63 0.50 -8.91
CA SER B 599 57.64 1.42 -8.44
C SER B 599 57.17 2.19 -7.21
N ILE B 600 55.90 2.60 -7.19
CA ILE B 600 55.38 3.37 -6.07
C ILE B 600 55.37 2.52 -4.80
N LEU B 601 54.88 1.28 -4.91
CA LEU B 601 54.84 0.40 -3.74
C LEU B 601 56.24 0.06 -3.26
N LEU B 602 57.17 -0.18 -4.18
CA LEU B 602 58.55 -0.45 -3.79
C LEU B 602 59.18 0.74 -3.08
N GLN B 603 58.92 1.94 -3.59
CA GLN B 603 59.45 3.15 -2.95
C GLN B 603 58.84 3.34 -1.56
N LYS B 604 57.54 3.07 -1.42
CA LYS B 604 56.90 3.17 -0.11
C LYS B 604 57.49 2.17 0.87
N PHE B 605 57.73 0.93 0.41
CA PHE B 605 58.32 -0.07 1.28
C PHE B 605 59.74 0.31 1.68
N GLN B 606 60.52 0.86 0.73
CA GLN B 606 61.87 1.29 1.06
C GLN B 606 61.86 2.43 2.07
N LYS B 607 60.93 3.39 1.90
CA LYS B 607 60.82 4.49 2.85
C LYS B 607 60.41 3.98 4.24
N ASP B 608 59.50 3.01 4.28
CA ASP B 608 59.09 2.45 5.57
C ASP B 608 60.25 1.72 6.23
N LEU B 609 61.03 0.98 5.45
CA LEU B 609 62.22 0.31 6.00
C LEU B 609 63.22 1.32 6.53
N ASN B 610 63.43 2.42 5.79
CA ASN B 610 64.33 3.47 6.25
C ASN B 610 63.73 4.27 7.40
N THR B 611 62.43 4.20 7.60
CA THR B 611 61.77 4.92 8.68
C THR B 611 62.02 4.21 10.02
N GLY B 612 61.57 4.85 11.09
CA GLY B 612 61.74 4.33 12.43
C GLY B 612 60.78 3.24 12.84
N VAL B 613 59.82 2.89 12.00
CA VAL B 613 58.83 1.85 12.33
C VAL B 613 59.47 0.53 11.89
N PHE B 614 60.28 -0.03 12.80
CA PHE B 614 60.97 -1.28 12.55
C PHE B 614 60.92 -2.15 13.81
N ASN B 615 59.75 -2.22 14.44
CA ASN B 615 59.58 -3.01 15.64
C ASN B 615 59.79 -4.49 15.34
N ASN B 616 60.50 -5.18 16.24
CA ASN B 616 60.76 -6.60 16.05
C ASN B 616 59.48 -7.41 16.07
N GLN B 617 58.58 -7.12 17.02
CA GLN B 617 57.31 -7.83 17.08
C GLN B 617 56.45 -7.55 15.85
N GLU B 618 56.41 -6.28 15.42
CA GLU B 618 55.66 -5.95 14.22
C GLU B 618 56.25 -6.62 12.98
N ASN B 619 57.58 -6.66 12.89
CA ASN B 619 58.23 -7.32 11.76
C ASN B 619 57.92 -8.81 11.76
N GLU B 620 57.95 -9.45 12.93
CA GLU B 620 57.64 -10.87 13.01
C GLU B 620 56.19 -11.14 12.64
N ILE B 621 55.28 -10.29 13.09
CA ILE B 621 53.87 -10.45 12.75
C ILE B 621 53.66 -10.30 11.25
N LEU B 622 54.32 -9.29 10.65
CA LEU B 622 54.21 -9.10 9.21
C LEU B 622 54.78 -10.29 8.44
N LYS B 623 55.90 -10.82 8.90
CA LYS B 623 56.49 -11.99 8.24
C LYS B 623 55.56 -13.20 8.34
N GLN B 624 54.97 -13.42 9.51
CA GLN B 624 54.04 -14.53 9.66
C GLN B 624 52.81 -14.36 8.77
N ILE B 625 52.29 -13.14 8.70
CA ILE B 625 51.13 -12.87 7.85
C ILE B 625 51.48 -13.10 6.38
N VAL B 626 52.68 -12.67 5.97
CA VAL B 626 53.10 -12.87 4.59
C VAL B 626 53.27 -14.34 4.28
N LYS B 627 53.83 -15.10 5.22
CA LYS B 627 53.98 -16.54 5.00
C LYS B 627 52.63 -17.22 4.89
N HIS B 628 51.68 -16.85 5.76
CA HIS B 628 50.34 -17.43 5.68
C HIS B 628 49.66 -17.07 4.37
N ASP B 629 49.80 -15.83 3.92
CA ASP B 629 49.21 -15.42 2.66
C ASP B 629 49.83 -16.17 1.48
N ARG B 630 51.15 -16.37 1.52
CA ARG B 630 51.82 -17.13 0.46
C ARG B 630 51.35 -18.58 0.45
N GLU B 631 51.20 -19.18 1.63
CA GLU B 631 50.71 -20.55 1.69
C GLU B 631 49.28 -20.66 1.16
N MET B 632 48.43 -19.69 1.51
CA MET B 632 47.06 -19.70 1.01
C MET B 632 47.01 -19.50 -0.51
N VAL B 633 47.86 -18.61 -1.03
CA VAL B 633 47.88 -18.36 -2.47
C VAL B 633 48.39 -19.59 -3.21
N GLN B 634 49.36 -20.30 -2.63
CA GLN B 634 49.83 -21.53 -3.25
C GLN B 634 48.73 -22.58 -3.31
N ALA B 635 47.93 -22.67 -2.27
CA ALA B 635 46.82 -23.62 -2.22
C ALA B 635 45.69 -23.19 -3.15
N LYS C 108 -12.97 30.91 5.68
CA LYS C 108 -13.24 29.51 5.99
C LYS C 108 -12.67 28.60 4.91
N PHE C 109 -13.43 27.55 4.56
CA PHE C 109 -12.99 26.64 3.53
C PHE C 109 -12.86 27.33 2.18
N SER C 110 -13.83 28.18 1.84
CA SER C 110 -13.75 28.92 0.58
C SER C 110 -12.56 29.87 0.56
N LEU C 111 -12.30 30.53 1.69
CA LEU C 111 -11.16 31.44 1.76
C LEU C 111 -9.85 30.68 1.56
N ARG C 112 -9.72 29.52 2.20
CA ARG C 112 -8.52 28.72 2.03
C ARG C 112 -8.37 28.22 0.59
N MET C 113 -9.49 27.82 -0.02
CA MET C 113 -9.44 27.32 -1.39
C MET C 113 -9.14 28.43 -2.39
N PHE C 114 -9.47 29.68 -2.06
CA PHE C 114 -9.22 30.81 -2.94
C PHE C 114 -7.83 31.39 -2.74
N GLY C 115 -7.42 31.60 -1.49
CA GLY C 115 -6.14 32.19 -1.20
C GLY C 115 -6.03 32.68 0.23
N SER C 116 -5.61 33.94 0.40
CA SER C 116 -5.54 34.56 1.70
C SER C 116 -6.72 35.53 1.88
N GLN C 117 -6.70 36.30 2.95
CA GLN C 117 -7.76 37.27 3.19
C GLN C 117 -7.78 38.34 2.10
N LYS C 118 -6.60 38.81 1.68
CA LYS C 118 -6.55 39.82 0.62
C LYS C 118 -7.09 39.26 -0.70
N ALA C 119 -6.72 38.03 -1.04
CA ALA C 119 -7.22 37.43 -2.28
C ALA C 119 -8.72 37.21 -2.22
N VAL C 120 -9.24 36.77 -1.08
CA VAL C 120 -10.68 36.58 -0.94
C VAL C 120 -11.42 37.90 -1.06
N GLU C 121 -10.88 38.95 -0.43
CA GLU C 121 -11.51 40.27 -0.53
C GLU C 121 -11.48 40.79 -1.97
N LYS C 122 -10.37 40.58 -2.67
CA LYS C 122 -10.29 41.01 -4.06
C LYS C 122 -11.29 40.26 -4.92
N GLU C 123 -11.42 38.94 -4.71
CA GLU C 123 -12.39 38.17 -5.47
C GLU C 123 -13.81 38.62 -5.19
N GLN C 124 -14.12 38.89 -3.92
CA GLN C 124 -15.45 39.38 -3.57
C GLN C 124 -15.73 40.73 -4.20
N GLU C 125 -14.75 41.63 -4.20
CA GLU C 125 -14.93 42.93 -4.83
C GLU C 125 -15.13 42.80 -6.33
N ARG C 126 -14.37 41.90 -6.98
CA ARG C 126 -14.53 41.68 -8.40
C ARG C 126 -15.90 41.11 -8.72
N VAL C 127 -16.39 40.18 -7.90
CA VAL C 127 -17.72 39.63 -8.10
C VAL C 127 -18.79 40.71 -7.92
N LYS C 128 -18.64 41.54 -6.89
CA LYS C 128 -19.60 42.62 -6.67
C LYS C 128 -19.57 43.63 -7.80
N THR C 129 -18.39 43.97 -8.29
CA THR C 129 -18.25 44.93 -9.38
C THR C 129 -18.49 44.28 -10.73
N ILE C 135 -23.87 35.90 -5.62
CA ILE C 135 -24.50 34.93 -6.51
C ILE C 135 -23.51 33.83 -6.86
N HIS C 136 -22.24 34.06 -6.56
CA HIS C 136 -21.21 33.06 -6.81
C HIS C 136 -21.39 31.87 -5.88
N PRO C 137 -20.99 30.68 -6.31
CA PRO C 137 -21.25 29.47 -5.49
C PRO C 137 -20.64 29.52 -4.10
N TYR C 138 -19.49 30.15 -3.94
CA TYR C 138 -18.84 30.24 -2.62
C TYR C 138 -19.39 31.41 -1.81
N SER C 139 -20.70 31.46 -1.66
CA SER C 139 -21.37 32.53 -0.92
C SER C 139 -22.09 31.94 0.29
N ASP C 140 -22.13 32.73 1.37
CA ASP C 140 -22.73 32.26 2.61
C ASP C 140 -24.22 31.98 2.43
N PHE C 141 -24.92 32.82 1.67
CA PHE C 141 -26.35 32.62 1.45
C PHE C 141 -26.62 31.28 0.76
N ARG C 142 -25.89 31.00 -0.31
CA ARG C 142 -26.05 29.72 -0.99
C ARG C 142 -25.56 28.57 -0.12
N PHE C 143 -24.43 28.77 0.57
CA PHE C 143 -23.86 27.73 1.43
C PHE C 143 -24.72 27.44 2.65
N TYR C 144 -25.72 28.27 2.93
CA TYR C 144 -26.70 27.98 3.96
C TYR C 144 -28.03 27.49 3.40
N TRP C 145 -28.42 27.97 2.21
CA TRP C 145 -29.68 27.56 1.61
C TRP C 145 -29.60 26.18 0.95
N ASP C 146 -28.40 25.70 0.63
CA ASP C 146 -28.28 24.37 0.03
C ASP C 146 -28.78 23.30 0.99
N LEU C 147 -28.52 23.47 2.29
CA LEU C 147 -29.00 22.50 3.27
C LEU C 147 -30.53 22.45 3.30
N ILE C 148 -31.17 23.62 3.26
CA ILE C 148 -32.64 23.65 3.25
C ILE C 148 -33.17 23.03 1.97
N MET C 149 -32.52 23.31 0.84
CA MET C 149 -32.94 22.71 -0.42
C MET C 149 -32.81 21.19 -0.39
N LEU C 150 -31.70 20.70 0.17
CA LEU C 150 -31.50 19.25 0.28
C LEU C 150 -32.52 18.62 1.21
N ILE C 151 -32.86 19.30 2.32
CA ILE C 151 -33.87 18.79 3.24
C ILE C 151 -35.22 18.70 2.53
N MET C 152 -35.57 19.74 1.77
CA MET C 152 -36.83 19.71 1.03
C MET C 152 -36.83 18.59 -0.01
N MET C 153 -35.71 18.40 -0.70
CA MET C 153 -35.62 17.33 -1.69
C MET C 153 -35.77 15.96 -1.04
N VAL C 154 -35.14 15.78 0.13
CA VAL C 154 -35.25 14.50 0.83
C VAL C 154 -36.68 14.26 1.28
N GLY C 155 -37.34 15.30 1.80
CA GLY C 155 -38.74 15.16 2.18
C GLY C 155 -39.63 14.81 1.00
N ASN C 156 -39.40 15.46 -0.14
CA ASN C 156 -40.19 15.15 -1.33
C ASN C 156 -39.93 13.73 -1.81
N LEU C 157 -38.67 13.28 -1.78
CA LEU C 157 -38.35 11.93 -2.21
C LEU C 157 -38.89 10.89 -1.24
N VAL C 158 -39.08 11.25 0.03
CA VAL C 158 -39.67 10.31 0.98
C VAL C 158 -41.19 10.31 0.88
N ILE C 159 -41.79 11.44 0.50
CA ILE C 159 -43.25 11.53 0.47
C ILE C 159 -43.84 11.08 -0.86
N ILE C 160 -43.09 11.17 -1.96
CA ILE C 160 -43.63 10.81 -3.26
C ILE C 160 -44.05 9.35 -3.33
N PRO C 161 -43.25 8.37 -2.87
CA PRO C 161 -43.75 6.98 -2.87
C PRO C 161 -45.01 6.80 -2.03
N VAL C 162 -45.12 7.52 -0.91
CA VAL C 162 -46.31 7.41 -0.08
C VAL C 162 -47.54 7.91 -0.84
N GLY C 163 -47.40 9.04 -1.52
CA GLY C 163 -48.52 9.54 -2.32
C GLY C 163 -48.86 8.63 -3.49
N ILE C 164 -47.84 8.02 -4.10
CA ILE C 164 -48.08 7.08 -5.19
C ILE C 164 -48.86 5.87 -4.69
N THR C 165 -48.47 5.34 -3.52
CA THR C 165 -49.19 4.23 -2.93
C THR C 165 -50.62 4.63 -2.58
N PHE C 166 -50.79 5.84 -2.04
CA PHE C 166 -52.12 6.34 -1.73
C PHE C 166 -52.91 6.72 -2.99
N PHE C 167 -52.26 6.82 -4.14
CA PHE C 167 -52.89 7.13 -5.42
C PHE C 167 -53.59 8.49 -5.42
N THR C 168 -53.22 9.37 -4.47
CA THR C 168 -53.78 10.71 -4.37
C THR C 168 -55.30 10.69 -4.25
N GLU C 169 -55.85 9.62 -3.67
CA GLU C 169 -57.30 9.52 -3.52
C GLU C 169 -57.81 10.50 -2.46
N GLN C 170 -57.02 10.73 -1.41
CA GLN C 170 -57.38 11.62 -0.32
C GLN C 170 -56.31 12.67 -0.11
N THR C 171 -55.87 13.30 -1.21
CA THR C 171 -54.84 14.33 -1.16
C THR C 171 -55.47 15.60 -0.60
N THR C 172 -55.68 15.60 0.72
CA THR C 172 -56.32 16.71 1.41
C THR C 172 -55.31 17.82 1.65
N THR C 173 -55.68 18.78 2.50
CA THR C 173 -54.80 19.91 2.79
C THR C 173 -53.43 19.50 3.33
N PRO C 174 -53.31 18.58 4.30
CA PRO C 174 -51.96 18.24 4.80
C PRO C 174 -51.01 17.73 3.73
N TRP C 175 -51.52 17.06 2.70
CA TRP C 175 -50.70 16.53 1.61
C TRP C 175 -50.61 17.49 0.43
N ILE C 176 -51.71 18.16 0.08
CA ILE C 176 -51.67 19.12 -1.02
C ILE C 176 -50.76 20.28 -0.67
N ILE C 177 -50.81 20.76 0.56
CA ILE C 177 -49.95 21.86 0.98
C ILE C 177 -48.48 21.44 0.94
N PHE C 178 -48.19 20.20 1.39
CA PHE C 178 -46.82 19.71 1.33
C PHE C 178 -46.32 19.60 -0.11
N ASN C 179 -47.18 19.10 -1.01
CA ASN C 179 -46.79 19.00 -2.41
C ASN C 179 -46.55 20.37 -3.01
N VAL C 180 -47.41 21.35 -2.68
CA VAL C 180 -47.24 22.70 -3.19
C VAL C 180 -45.95 23.32 -2.67
N ALA C 181 -45.65 23.10 -1.38
CA ALA C 181 -44.41 23.62 -0.81
C ALA C 181 -43.19 23.00 -1.48
N SER C 182 -43.23 21.68 -1.72
CA SER C 182 -42.12 21.03 -2.40
C SER C 182 -41.95 21.56 -3.82
N ASP C 183 -43.05 21.77 -4.54
CA ASP C 183 -42.97 22.32 -5.89
C ASP C 183 -42.41 23.72 -5.88
N THR C 184 -42.83 24.55 -4.91
CA THR C 184 -42.31 25.90 -4.80
C THR C 184 -40.83 25.91 -4.49
N VAL C 185 -40.39 25.01 -3.60
CA VAL C 185 -38.97 24.91 -3.27
C VAL C 185 -38.17 24.50 -4.50
N CYS C 186 -38.68 23.52 -5.26
CA CYS C 186 -37.98 23.09 -6.46
C CYS C 186 -37.91 24.21 -7.49
N LEU C 187 -39.00 24.97 -7.65
CA LEU C 187 -39.00 26.08 -8.59
C LEU C 187 -38.01 27.16 -8.17
N LEU C 188 -37.96 27.46 -6.87
CA LEU C 188 -36.98 28.44 -6.38
C LEU C 188 -35.56 27.96 -6.60
N ASP C 189 -35.31 26.67 -6.38
CA ASP C 189 -33.98 26.11 -6.61
C ASP C 189 -33.60 26.21 -8.07
N LEU C 190 -34.53 25.90 -8.97
CA LEU C 190 -34.26 26.01 -10.40
C LEU C 190 -33.99 27.45 -10.81
N ILE C 191 -34.77 28.38 -10.25
CA ILE C 191 -34.56 29.80 -10.58
C ILE C 191 -33.20 30.27 -10.10
N MET C 192 -32.80 29.86 -8.89
CA MET C 192 -31.49 30.23 -8.37
C MET C 192 -30.38 29.61 -9.21
N ASN C 193 -30.54 28.35 -9.61
CA ASN C 193 -29.54 27.71 -10.45
C ASN C 193 -29.47 28.32 -11.84
N PHE C 194 -30.56 28.95 -12.31
CA PHE C 194 -30.52 29.61 -13.61
C PHE C 194 -29.52 30.75 -13.62
N ARG C 195 -29.47 31.53 -12.55
CA ARG C 195 -28.54 32.64 -12.45
C ARG C 195 -27.19 32.18 -11.89
N ASP C 209 -20.89 37.91 -19.74
CA ASP C 209 -20.29 36.94 -18.82
C ASP C 209 -21.33 36.09 -18.07
N PRO C 210 -22.31 36.71 -17.38
CA PRO C 210 -23.28 35.89 -16.63
C PRO C 210 -24.35 35.29 -17.55
N LYS C 211 -24.73 36.02 -18.59
CA LYS C 211 -25.72 35.50 -19.54
C LYS C 211 -25.18 34.28 -20.28
N VAL C 212 -23.91 34.32 -20.71
CA VAL C 212 -23.32 33.19 -21.41
C VAL C 212 -23.22 31.99 -20.47
N ILE C 213 -22.82 32.22 -19.22
CA ILE C 213 -22.72 31.14 -18.25
C ILE C 213 -24.09 30.52 -18.00
N LYS C 214 -25.12 31.36 -17.86
CA LYS C 214 -26.47 30.85 -17.66
C LYS C 214 -26.95 30.04 -18.86
N MET C 215 -26.67 30.52 -20.06
CA MET C 215 -27.06 29.79 -21.27
C MET C 215 -26.34 28.45 -21.34
N ASN C 216 -25.04 28.42 -21.02
CA ASN C 216 -24.31 27.16 -21.03
C ASN C 216 -24.84 26.19 -19.99
N TYR C 217 -25.17 26.69 -18.80
CA TYR C 217 -25.72 25.83 -17.75
C TYR C 217 -27.08 25.28 -18.17
N LEU C 218 -27.92 26.12 -18.79
CA LEU C 218 -29.21 25.65 -19.27
C LEU C 218 -29.05 24.59 -20.35
N LYS C 219 -28.13 24.81 -21.29
CA LYS C 219 -27.90 23.84 -22.35
C LYS C 219 -27.33 22.53 -21.81
N SER C 220 -26.57 22.59 -20.72
CA SER C 220 -25.94 21.40 -20.18
C SER C 220 -26.90 20.61 -19.29
N TRP C 221 -27.26 21.16 -18.13
CA TRP C 221 -28.08 20.42 -17.17
C TRP C 221 -29.23 21.22 -16.58
N PHE C 222 -29.21 22.55 -16.60
CA PHE C 222 -30.22 23.32 -15.88
C PHE C 222 -31.61 23.15 -16.50
N VAL C 223 -31.67 22.97 -17.82
CA VAL C 223 -32.97 22.83 -18.48
C VAL C 223 -33.66 21.54 -18.04
N VAL C 224 -32.90 20.45 -17.95
CA VAL C 224 -33.49 19.17 -17.54
C VAL C 224 -34.01 19.25 -16.11
N ASP C 225 -33.24 19.86 -15.21
CA ASP C 225 -33.68 20.01 -13.83
C ASP C 225 -34.90 20.91 -13.73
N PHE C 226 -34.92 22.00 -14.50
CA PHE C 226 -36.08 22.89 -14.49
C PHE C 226 -37.33 22.18 -15.02
N ILE C 227 -37.18 21.36 -16.05
CA ILE C 227 -38.30 20.59 -16.57
C ILE C 227 -38.78 19.58 -15.51
N SER C 228 -37.84 18.94 -14.81
CA SER C 228 -38.20 18.02 -13.75
C SER C 228 -38.84 18.72 -12.55
N SER C 229 -38.53 20.00 -12.34
CA SER C 229 -39.08 20.77 -11.23
C SER C 229 -40.24 21.60 -11.75
N ILE C 230 -41.44 21.03 -11.69
CA ILE C 230 -42.64 21.72 -12.19
C ILE C 230 -43.85 21.25 -11.39
N PRO C 231 -44.84 22.12 -11.16
CA PRO C 231 -46.05 21.69 -10.44
C PRO C 231 -47.00 20.94 -11.35
N VAL C 232 -46.79 19.63 -11.50
CA VAL C 232 -47.60 18.83 -12.41
C VAL C 232 -49.06 18.77 -11.98
N ASP C 233 -49.36 19.11 -10.73
CA ASP C 233 -50.75 19.12 -10.29
C ASP C 233 -51.56 20.16 -11.05
N TYR C 234 -50.99 21.35 -11.27
CA TYR C 234 -51.68 22.37 -12.05
C TYR C 234 -51.89 21.93 -13.49
N ILE C 235 -50.89 21.27 -14.08
CA ILE C 235 -51.03 20.77 -15.45
C ILE C 235 -52.14 19.73 -15.53
N PHE C 236 -52.19 18.82 -14.54
CA PHE C 236 -53.24 17.81 -14.53
C PHE C 236 -54.61 18.44 -14.37
N LEU C 237 -54.72 19.46 -13.51
CA LEU C 237 -56.00 20.14 -13.33
C LEU C 237 -56.42 20.85 -14.61
N ILE C 238 -55.48 21.48 -15.31
CA ILE C 238 -55.80 22.15 -16.56
C ILE C 238 -56.24 21.14 -17.62
N VAL C 239 -55.56 19.99 -17.67
CA VAL C 239 -55.93 18.96 -18.64
C VAL C 239 -57.33 18.42 -18.34
N GLU C 240 -57.63 18.19 -17.06
CA GLU C 240 -58.95 17.71 -16.69
C GLU C 240 -60.03 18.74 -16.95
N LYS C 241 -59.70 20.03 -16.82
CA LYS C 241 -60.67 21.08 -17.09
C LYS C 241 -61.09 21.10 -18.56
N GLY C 242 -60.14 20.90 -19.47
CA GLY C 242 -60.43 20.89 -20.89
C GLY C 242 -61.11 19.61 -21.35
N ARG C 252 -61.33 8.36 -17.58
CA ARG C 252 -59.92 7.98 -17.50
C ARG C 252 -59.32 8.42 -16.17
N ALA C 253 -60.06 8.20 -15.08
CA ALA C 253 -59.57 8.56 -13.76
C ALA C 253 -58.33 7.76 -13.39
N LEU C 254 -58.33 6.45 -13.70
CA LEU C 254 -57.16 5.63 -13.43
C LEU C 254 -55.98 6.07 -14.27
N ARG C 255 -56.22 6.41 -15.55
CA ARG C 255 -55.15 6.89 -16.40
C ARG C 255 -54.61 8.22 -15.90
N ILE C 256 -55.49 9.10 -15.43
CA ILE C 256 -55.06 10.39 -14.89
C ILE C 256 -54.21 10.19 -13.64
N VAL C 257 -54.63 9.27 -12.77
CA VAL C 257 -53.86 8.99 -11.56
C VAL C 257 -52.50 8.41 -11.91
N ARG C 258 -52.46 7.51 -12.90
CA ARG C 258 -51.18 6.94 -13.33
C ARG C 258 -50.27 8.01 -13.90
N PHE C 259 -50.82 8.92 -14.70
CA PHE C 259 -50.01 10.01 -15.26
C PHE C 259 -49.49 10.93 -14.17
N THR C 260 -50.33 11.23 -13.17
CA THR C 260 -49.88 12.06 -12.05
C THR C 260 -48.76 11.37 -11.28
N LYS C 261 -48.90 10.07 -11.05
CA LYS C 261 -47.86 9.33 -10.35
C LYS C 261 -46.56 9.31 -11.14
N ILE C 262 -46.66 9.14 -12.46
CA ILE C 262 -45.47 9.14 -13.31
C ILE C 262 -44.80 10.50 -13.28
N LEU C 263 -45.59 11.58 -13.32
CA LEU C 263 -45.03 12.93 -13.24
C LEU C 263 -44.35 13.16 -11.90
N CYS C 264 -44.97 12.69 -10.80
CA CYS C 264 -44.36 12.83 -9.49
C CYS C 264 -43.05 12.07 -9.40
N LEU C 265 -43.01 10.86 -9.97
CA LEU C 265 -41.78 10.08 -9.98
C LEU C 265 -40.69 10.78 -10.80
N LEU C 266 -41.06 11.33 -11.96
CA LEU C 266 -40.09 12.04 -12.79
C LEU C 266 -39.62 13.33 -12.14
N ARG C 267 -40.43 13.93 -11.25
CA ARG C 267 -40.03 15.13 -10.54
C ARG C 267 -38.90 14.89 -9.56
N LEU C 268 -38.56 13.63 -9.27
CA LEU C 268 -37.47 13.28 -8.36
C LEU C 268 -36.10 13.31 -9.04
N LEU C 269 -35.97 13.99 -10.17
CA LEU C 269 -34.69 14.04 -10.89
C LEU C 269 -33.69 14.98 -10.23
N ARG C 270 -34.04 15.61 -9.10
CA ARG C 270 -33.13 16.46 -8.35
C ARG C 270 -32.07 15.68 -7.59
N LEU C 271 -31.97 14.37 -7.85
CA LEU C 271 -30.99 13.54 -7.14
C LEU C 271 -29.57 13.96 -7.48
N SER C 272 -29.34 14.44 -8.70
CA SER C 272 -28.00 14.90 -9.07
C SER C 272 -27.60 16.11 -8.24
N ARG C 273 -28.50 17.10 -8.11
CA ARG C 273 -28.23 18.26 -7.29
C ARG C 273 -28.07 17.88 -5.82
N LEU C 274 -28.88 16.93 -5.36
CA LEU C 274 -28.76 16.47 -3.97
C LEU C 274 -27.40 15.81 -3.73
N ILE C 275 -26.93 15.01 -4.67
CA ILE C 275 -25.64 14.35 -4.53
C ILE C 275 -24.52 15.38 -4.58
N ARG C 276 -24.64 16.40 -5.44
CA ARG C 276 -23.64 17.45 -5.48
C ARG C 276 -23.58 18.21 -4.17
N TYR C 277 -24.74 18.53 -3.59
CA TYR C 277 -24.78 19.22 -2.31
C TYR C 277 -24.20 18.35 -1.20
N ILE C 278 -24.48 17.04 -1.24
CA ILE C 278 -23.94 16.13 -0.23
C ILE C 278 -22.42 16.05 -0.33
N HIS C 279 -21.91 16.01 -1.57
CA HIS C 279 -20.46 16.00 -1.76
C HIS C 279 -19.83 17.29 -1.26
N GLN C 280 -20.48 18.43 -1.53
CA GLN C 280 -19.97 19.71 -1.04
C GLN C 280 -19.95 19.74 0.48
N TRP C 281 -21.02 19.24 1.11
CA TRP C 281 -21.06 19.21 2.58
C TRP C 281 -19.98 18.29 3.13
N GLU C 282 -19.77 17.14 2.49
CA GLU C 282 -18.71 16.23 2.93
C GLU C 282 -17.34 16.89 2.82
N GLU C 283 -17.10 17.61 1.73
CA GLU C 283 -15.83 18.30 1.56
C GLU C 283 -15.67 19.45 2.55
N ILE C 284 -16.77 20.05 2.99
CA ILE C 284 -16.67 21.22 3.86
C ILE C 284 -16.66 20.87 5.35
N PHE C 285 -17.25 19.75 5.74
CA PHE C 285 -17.46 19.43 7.15
C PHE C 285 -16.85 18.10 7.58
N HIS C 286 -16.93 17.08 6.73
CA HIS C 286 -16.40 15.77 7.11
C HIS C 286 -14.90 15.79 7.32
N MET C 287 -14.18 16.68 6.64
CA MET C 287 -12.75 16.82 6.81
C MET C 287 -12.38 17.81 7.92
N THR C 288 -13.36 18.48 8.52
CA THR C 288 -13.05 19.44 9.58
C THR C 288 -12.44 18.75 10.79
N TYR C 289 -12.98 17.60 11.19
CA TYR C 289 -12.44 16.82 12.29
C TYR C 289 -11.88 15.48 11.82
N ASP C 290 -12.72 14.66 11.19
CA ASP C 290 -12.31 13.36 10.63
C ASP C 290 -11.59 12.48 11.64
N LEU C 291 -11.87 12.68 12.93
CA LEU C 291 -11.18 11.92 13.97
C LEU C 291 -12.11 11.49 15.09
N ALA C 292 -13.41 11.38 14.84
CA ALA C 292 -14.37 10.97 15.85
C ALA C 292 -14.37 9.46 16.09
N SER C 293 -13.78 8.68 15.18
CA SER C 293 -13.75 7.22 15.27
C SER C 293 -15.16 6.65 15.41
N ALA C 294 -16.10 7.25 14.67
CA ALA C 294 -17.49 6.84 14.70
C ALA C 294 -17.91 6.34 13.32
N VAL C 295 -18.97 5.53 13.31
CA VAL C 295 -19.47 4.95 12.05
C VAL C 295 -20.48 5.95 11.49
N VAL C 296 -19.96 6.94 10.78
CA VAL C 296 -20.81 7.92 10.10
C VAL C 296 -21.03 7.51 8.64
N ARG C 297 -19.97 7.10 7.95
CA ARG C 297 -20.12 6.59 6.60
C ARG C 297 -20.98 5.33 6.58
N ILE C 298 -20.86 4.49 7.61
CA ILE C 298 -21.71 3.31 7.72
C ILE C 298 -23.17 3.73 7.76
N PHE C 299 -23.48 4.75 8.55
CA PHE C 299 -24.85 5.28 8.56
C PHE C 299 -25.23 5.88 7.21
N ASN C 300 -24.26 6.43 6.48
CA ASN C 300 -24.54 6.97 5.15
C ASN C 300 -25.01 5.86 4.21
N LEU C 301 -24.26 4.76 4.12
CA LEU C 301 -24.72 3.66 3.28
C LEU C 301 -25.98 3.00 3.85
N ILE C 302 -26.18 3.03 5.16
CA ILE C 302 -27.41 2.49 5.72
C ILE C 302 -28.61 3.30 5.23
N GLY C 303 -28.50 4.63 5.26
CA GLY C 303 -29.57 5.46 4.76
C GLY C 303 -29.77 5.31 3.26
N MET C 304 -28.68 5.16 2.51
CA MET C 304 -28.80 4.93 1.07
C MET C 304 -29.53 3.63 0.78
N MET C 305 -29.18 2.56 1.51
CA MET C 305 -29.87 1.28 1.34
C MET C 305 -31.33 1.36 1.74
N LEU C 306 -31.62 2.11 2.81
CA LEU C 306 -33.02 2.29 3.22
C LEU C 306 -33.82 3.01 2.15
N LEU C 307 -33.24 4.05 1.54
CA LEU C 307 -33.91 4.77 0.48
C LEU C 307 -34.11 3.87 -0.74
N LEU C 308 -33.09 3.08 -1.10
CA LEU C 308 -33.22 2.17 -2.22
C LEU C 308 -34.31 1.13 -1.97
N ALA C 309 -34.39 0.61 -0.74
CA ALA C 309 -35.42 -0.34 -0.39
C ALA C 309 -36.81 0.30 -0.45
N HIS C 310 -36.93 1.55 0.01
CA HIS C 310 -38.21 2.25 -0.08
C HIS C 310 -38.64 2.43 -1.52
N TRP C 311 -37.69 2.81 -2.38
CA TRP C 311 -38.00 2.95 -3.81
C TRP C 311 -38.41 1.61 -4.42
N ASP C 312 -37.70 0.54 -4.07
CA ASP C 312 -38.03 -0.78 -4.60
C ASP C 312 -39.42 -1.22 -4.15
N GLY C 313 -39.75 -0.99 -2.88
CA GLY C 313 -41.08 -1.33 -2.40
C GLY C 313 -42.16 -0.50 -3.06
N CYS C 314 -41.89 0.79 -3.28
CA CYS C 314 -42.85 1.63 -3.98
C CYS C 314 -43.09 1.12 -5.40
N LEU C 315 -42.02 0.74 -6.10
CA LEU C 315 -42.18 0.19 -7.44
C LEU C 315 -42.93 -1.13 -7.43
N GLN C 316 -42.60 -2.02 -6.48
CA GLN C 316 -43.25 -3.32 -6.41
C GLN C 316 -44.70 -3.23 -5.97
N PHE C 317 -45.09 -2.12 -5.34
CA PHE C 317 -46.49 -1.90 -5.01
C PHE C 317 -47.24 -1.18 -6.11
N LEU C 318 -46.57 -0.29 -6.84
CA LEU C 318 -47.22 0.47 -7.90
C LEU C 318 -47.40 -0.38 -9.16
N VAL C 319 -46.50 -1.34 -9.41
CA VAL C 319 -46.64 -2.17 -10.60
C VAL C 319 -47.97 -2.93 -10.62
N PRO C 320 -48.39 -3.61 -9.54
CA PRO C 320 -49.77 -4.14 -9.54
C PRO C 320 -50.82 -3.04 -9.63
N LEU C 321 -50.56 -1.88 -9.03
CA LEU C 321 -51.50 -0.77 -9.11
C LEU C 321 -51.54 -0.19 -10.52
N LEU C 322 -50.40 -0.14 -11.21
CA LEU C 322 -50.37 0.36 -12.57
C LEU C 322 -51.22 -0.50 -13.49
N GLN C 323 -51.13 -1.82 -13.35
CA GLN C 323 -51.95 -2.75 -14.11
C GLN C 323 -53.30 -3.04 -13.46
N ASP C 324 -53.57 -2.45 -12.29
CA ASP C 324 -54.75 -2.65 -11.47
C ASP C 324 -54.83 -4.06 -10.88
N PHE C 325 -53.80 -4.88 -11.06
CA PHE C 325 -53.72 -6.25 -10.55
C PHE C 325 -54.96 -7.07 -10.91
N PRO C 326 -55.17 -7.41 -12.17
CA PRO C 326 -56.32 -8.25 -12.55
C PRO C 326 -56.22 -9.65 -11.93
N PRO C 327 -55.11 -10.41 -12.15
CA PRO C 327 -55.11 -11.80 -11.69
C PRO C 327 -54.75 -11.93 -10.21
N ASP C 328 -54.59 -13.17 -9.74
CA ASP C 328 -54.29 -13.44 -8.33
C ASP C 328 -52.79 -13.33 -8.11
N CYS C 329 -52.31 -12.08 -8.03
CA CYS C 329 -50.95 -11.80 -7.60
C CYS C 329 -50.92 -11.82 -6.08
N TRP C 330 -49.89 -11.23 -5.48
CA TRP C 330 -49.78 -11.22 -4.03
C TRP C 330 -50.92 -10.42 -3.39
N VAL C 331 -51.39 -9.40 -4.09
CA VAL C 331 -52.43 -8.53 -3.54
C VAL C 331 -53.70 -9.31 -3.32
N SER C 332 -54.10 -10.11 -4.30
CA SER C 332 -55.24 -11.00 -4.12
C SER C 332 -54.91 -12.21 -3.26
N LEU C 333 -53.62 -12.57 -3.16
CA LEU C 333 -53.24 -13.71 -2.35
C LEU C 333 -53.40 -13.43 -0.86
N ASN C 334 -53.02 -12.23 -0.42
CA ASN C 334 -53.10 -11.86 0.98
C ASN C 334 -54.24 -10.90 1.28
N GLU C 335 -54.99 -10.46 0.26
CA GLU C 335 -56.08 -9.51 0.41
C GLU C 335 -55.59 -8.22 1.08
N MET C 336 -54.40 -7.76 0.66
CA MET C 336 -53.82 -6.56 1.22
C MET C 336 -54.62 -5.30 0.87
N VAL C 337 -55.38 -5.34 -0.22
CA VAL C 337 -56.21 -4.19 -0.58
C VAL C 337 -57.27 -3.95 0.49
N ASN C 338 -57.91 -5.03 0.96
CA ASN C 338 -58.91 -4.90 2.02
C ASN C 338 -58.28 -4.57 3.36
N ASP C 339 -56.98 -4.79 3.52
CA ASP C 339 -56.31 -4.50 4.77
C ASP C 339 -55.96 -3.01 4.84
N SER C 340 -55.40 -2.60 5.97
CA SER C 340 -55.01 -1.21 6.16
C SER C 340 -53.84 -0.85 5.25
N TRP C 341 -53.72 0.45 4.96
CA TRP C 341 -52.61 0.93 4.13
C TRP C 341 -51.27 0.66 4.81
N GLY C 342 -51.21 0.78 6.14
CA GLY C 342 -49.98 0.47 6.85
C GLY C 342 -49.57 -0.97 6.71
N LYS C 343 -50.54 -1.89 6.77
CA LYS C 343 -50.24 -3.31 6.63
C LYS C 343 -49.69 -3.62 5.23
N GLN C 344 -50.34 -3.06 4.19
CA GLN C 344 -49.87 -3.28 2.83
C GLN C 344 -48.48 -2.70 2.64
N TYR C 345 -48.23 -1.51 3.19
CA TYR C 345 -46.90 -0.92 3.11
C TYR C 345 -45.87 -1.81 3.82
N SER C 346 -46.25 -2.39 4.96
CA SER C 346 -45.34 -3.27 5.68
C SER C 346 -44.99 -4.51 4.86
N TYR C 347 -45.99 -5.13 4.22
CA TYR C 347 -45.72 -6.31 3.40
C TYR C 347 -44.84 -5.95 2.20
N ALA C 348 -45.15 -4.84 1.53
CA ALA C 348 -44.37 -4.43 0.37
C ALA C 348 -42.92 -4.15 0.77
N LEU C 349 -42.72 -3.41 1.86
CA LEU C 349 -41.39 -3.17 2.38
C LEU C 349 -40.72 -4.46 2.83
N PHE C 350 -41.50 -5.42 3.32
CA PHE C 350 -40.95 -6.70 3.74
C PHE C 350 -40.28 -7.41 2.58
N LYS C 351 -41.00 -7.57 1.46
CA LYS C 351 -40.37 -8.22 0.32
C LYS C 351 -39.29 -7.34 -0.31
N ALA C 352 -39.47 -6.01 -0.25
CA ALA C 352 -38.42 -5.14 -0.78
C ALA C 352 -37.11 -5.36 -0.05
N MET C 353 -37.17 -5.44 1.29
CA MET C 353 -35.97 -5.65 2.07
C MET C 353 -35.44 -7.07 1.89
N SER C 354 -36.34 -8.06 1.77
CA SER C 354 -35.90 -9.43 1.59
C SER C 354 -35.14 -9.61 0.28
N HIS C 355 -35.65 -9.03 -0.81
CA HIS C 355 -34.97 -9.14 -2.09
C HIS C 355 -33.73 -8.27 -2.15
N MET C 356 -33.80 -7.05 -1.61
CA MET C 356 -32.65 -6.17 -1.63
C MET C 356 -31.51 -6.77 -0.80
N LEU C 357 -31.84 -7.38 0.33
CA LEU C 357 -30.87 -8.17 1.07
C LEU C 357 -30.67 -9.53 0.40
N CYS C 358 -29.64 -10.23 0.86
CA CYS C 358 -29.41 -11.62 0.45
C CYS C 358 -30.09 -12.59 1.41
N ILE C 359 -31.37 -12.33 1.67
CA ILE C 359 -32.19 -13.19 2.54
C ILE C 359 -33.42 -13.54 1.72
N GLY C 360 -33.43 -14.72 1.11
CA GLY C 360 -34.49 -15.07 0.20
C GLY C 360 -35.71 -15.68 0.88
N TYR C 361 -36.67 -14.84 1.23
CA TYR C 361 -37.91 -15.34 1.80
C TYR C 361 -38.95 -15.16 0.72
N GLY C 362 -38.51 -15.01 -0.53
CA GLY C 362 -39.43 -14.79 -1.61
C GLY C 362 -40.31 -15.96 -1.96
N ALA C 363 -41.43 -15.69 -2.63
CA ALA C 363 -42.34 -16.75 -3.02
C ALA C 363 -41.65 -17.73 -3.95
N GLN C 364 -42.08 -18.99 -3.91
CA GLN C 364 -41.47 -19.98 -4.77
C GLN C 364 -41.44 -19.44 -6.19
N ALA C 365 -42.55 -18.82 -6.60
CA ALA C 365 -42.62 -18.26 -7.93
C ALA C 365 -43.83 -17.33 -8.05
N PRO C 366 -43.92 -16.60 -9.16
CA PRO C 366 -45.04 -15.68 -9.35
C PRO C 366 -46.09 -16.19 -10.37
N VAL C 367 -47.36 -15.82 -10.18
CA VAL C 367 -48.42 -16.26 -11.08
C VAL C 367 -48.43 -15.43 -12.36
N SER C 368 -48.20 -14.13 -12.26
CA SER C 368 -48.36 -13.22 -13.38
C SER C 368 -47.17 -13.33 -14.32
N MET C 369 -47.04 -12.36 -15.24
CA MET C 369 -45.97 -12.34 -16.22
C MET C 369 -44.93 -11.27 -15.98
N SER C 370 -45.35 -10.04 -15.69
CA SER C 370 -44.38 -8.96 -15.45
C SER C 370 -43.77 -9.03 -14.07
N ASP C 371 -44.42 -9.73 -13.13
CA ASP C 371 -43.92 -9.78 -11.76
C ASP C 371 -42.54 -10.43 -11.70
N LEU C 372 -42.32 -11.48 -12.50
CA LEU C 372 -40.99 -12.09 -12.53
C LEU C 372 -39.94 -11.09 -12.98
N TRP C 373 -40.24 -10.31 -14.02
CA TRP C 373 -39.25 -9.37 -14.54
C TRP C 373 -38.95 -8.25 -13.53
N ILE C 374 -39.99 -7.71 -12.88
CA ILE C 374 -39.71 -6.67 -11.90
C ILE C 374 -38.97 -7.25 -10.71
N THR C 375 -39.19 -8.53 -10.38
CA THR C 375 -38.42 -9.14 -9.31
C THR C 375 -36.97 -9.37 -9.73
N MET C 376 -36.71 -9.67 -11.00
CA MET C 376 -35.32 -9.69 -11.46
C MET C 376 -34.67 -8.33 -11.29
N LEU C 377 -35.40 -7.27 -11.65
CA LEU C 377 -34.86 -5.92 -11.48
C LEU C 377 -34.55 -5.64 -10.01
N SER C 378 -35.48 -6.00 -9.12
CA SER C 378 -35.29 -5.81 -7.70
C SER C 378 -34.10 -6.61 -7.18
N MET C 379 -33.97 -7.86 -7.62
CA MET C 379 -32.86 -8.69 -7.18
C MET C 379 -31.53 -8.11 -7.65
N ILE C 380 -31.50 -7.57 -8.88
CA ILE C 380 -30.27 -6.98 -9.40
C ILE C 380 -29.87 -5.76 -8.59
N VAL C 381 -30.82 -4.86 -8.33
CA VAL C 381 -30.45 -3.65 -7.60
C VAL C 381 -30.07 -4.00 -6.17
N GLY C 382 -30.75 -4.97 -5.57
CA GLY C 382 -30.38 -5.39 -4.23
C GLY C 382 -29.00 -6.03 -4.16
N ALA C 383 -28.66 -6.84 -5.17
CA ALA C 383 -27.33 -7.43 -5.22
C ALA C 383 -26.26 -6.36 -5.35
N THR C 384 -26.48 -5.39 -6.24
CA THR C 384 -25.52 -4.30 -6.38
C THR C 384 -25.37 -3.51 -5.09
N CYS C 385 -26.49 -3.21 -4.43
CA CYS C 385 -26.44 -2.47 -3.17
C CYS C 385 -25.70 -3.25 -2.10
N TYR C 386 -25.94 -4.56 -2.01
CA TYR C 386 -25.27 -5.36 -0.99
C TYR C 386 -23.78 -5.47 -1.28
N ALA C 387 -23.40 -5.61 -2.56
CA ALA C 387 -21.98 -5.65 -2.90
C ALA C 387 -21.30 -4.34 -2.55
N MET C 388 -21.94 -3.21 -2.86
CA MET C 388 -21.37 -1.91 -2.52
C MET C 388 -21.28 -1.74 -1.01
N PHE C 389 -22.28 -2.24 -0.28
CA PHE C 389 -22.26 -2.20 1.18
C PHE C 389 -21.07 -2.96 1.72
N VAL C 390 -20.85 -4.18 1.22
CA VAL C 390 -19.72 -4.99 1.68
C VAL C 390 -18.41 -4.31 1.33
N GLY C 391 -18.32 -3.73 0.14
CA GLY C 391 -17.09 -3.03 -0.25
C GLY C 391 -16.78 -1.85 0.65
N HIS C 392 -17.80 -1.03 0.93
CA HIS C 392 -17.59 0.10 1.83
C HIS C 392 -17.21 -0.39 3.24
N ALA C 393 -17.84 -1.47 3.69
CA ALA C 393 -17.53 -2.00 5.02
C ALA C 393 -16.08 -2.46 5.12
N THR C 394 -15.61 -3.20 4.13
CA THR C 394 -14.24 -3.68 4.18
C THR C 394 -13.24 -2.54 3.98
N ALA C 395 -13.60 -1.53 3.19
CA ALA C 395 -12.73 -0.36 3.05
C ALA C 395 -12.59 0.36 4.39
N LEU C 396 -13.71 0.55 5.10
CA LEU C 396 -13.65 1.19 6.41
C LEU C 396 -12.85 0.34 7.39
N ILE C 397 -13.03 -0.98 7.35
CA ILE C 397 -12.29 -1.86 8.25
C ILE C 397 -10.80 -1.76 8.00
N GLN C 398 -10.39 -1.76 6.72
CA GLN C 398 -8.99 -1.64 6.39
C GLN C 398 -8.43 -0.28 6.83
N SER C 399 -9.21 0.78 6.63
CA SER C 399 -8.74 2.12 7.01
C SER C 399 -8.67 2.29 8.53
N LEU C 400 -9.46 1.50 9.27
CA LEU C 400 -9.51 1.69 10.72
C LEU C 400 -8.21 1.24 11.39
N ASP C 401 -7.71 0.06 11.02
CA ASP C 401 -6.56 -0.55 11.68
C ASP C 401 -5.24 -0.27 10.96
N SER C 402 -5.14 0.90 10.31
CA SER C 402 -3.97 1.18 9.47
C SER C 402 -2.69 1.20 10.27
N SER C 403 -2.67 1.92 11.40
CA SER C 403 -1.42 2.08 12.15
C SER C 403 -0.89 0.74 12.64
N ARG C 404 -1.78 -0.10 13.20
CA ARG C 404 -1.38 -1.43 13.60
C ARG C 404 -0.86 -2.24 12.41
N ARG C 405 -1.49 -2.07 11.25
CA ARG C 405 -1.07 -2.80 10.06
C ARG C 405 0.36 -2.43 9.67
N GLN C 406 0.66 -1.12 9.59
CA GLN C 406 2.03 -0.74 9.22
C GLN C 406 3.04 -1.13 10.28
N TYR C 407 2.68 -1.02 11.56
CA TYR C 407 3.62 -1.43 12.60
C TYR C 407 3.92 -2.92 12.52
N GLN C 408 2.88 -3.74 12.33
CA GLN C 408 3.10 -5.17 12.19
C GLN C 408 3.93 -5.48 10.95
N GLU C 409 3.65 -4.79 9.85
CA GLU C 409 4.42 -5.00 8.63
C GLU C 409 5.89 -4.68 8.85
N LYS C 410 6.17 -3.54 9.49
CA LYS C 410 7.55 -3.13 9.72
C LYS C 410 8.27 -4.11 10.65
N TYR C 411 7.62 -4.53 11.72
CA TYR C 411 8.28 -5.43 12.66
C TYR C 411 8.51 -6.80 12.03
N LYS C 412 7.54 -7.32 11.29
CA LYS C 412 7.75 -8.59 10.60
C LYS C 412 8.85 -8.45 9.55
N GLN C 413 8.91 -7.30 8.88
CA GLN C 413 9.97 -7.03 7.92
C GLN C 413 11.34 -7.11 8.57
N VAL C 414 11.53 -6.41 9.69
CA VAL C 414 12.86 -6.38 10.32
C VAL C 414 13.20 -7.75 10.91
N GLU C 415 12.22 -8.42 11.53
CA GLU C 415 12.51 -9.74 12.10
C GLU C 415 12.82 -10.75 11.00
N GLN C 416 12.15 -10.63 9.86
CA GLN C 416 12.41 -11.53 8.74
C GLN C 416 13.78 -11.27 8.12
N TYR C 417 14.17 -10.00 8.00
CA TYR C 417 15.55 -9.70 7.58
C TYR C 417 16.55 -10.33 8.55
N MET C 418 16.31 -10.15 9.85
CA MET C 418 17.22 -10.69 10.86
C MET C 418 17.30 -12.21 10.78
N SER C 419 16.16 -12.86 10.52
CA SER C 419 16.16 -14.31 10.32
C SER C 419 16.90 -14.72 9.06
N PHE C 420 16.91 -13.85 8.04
CA PHE C 420 17.65 -14.16 6.81
C PHE C 420 19.13 -14.39 7.11
N HIS C 421 19.71 -13.61 8.01
CA HIS C 421 21.11 -13.78 8.38
C HIS C 421 21.31 -14.83 9.45
N LYS C 422 20.24 -15.44 9.94
CA LYS C 422 20.31 -16.53 10.94
C LYS C 422 21.02 -16.06 12.21
N LEU C 423 20.46 -15.05 12.84
CA LEU C 423 21.00 -14.54 14.09
C LEU C 423 20.48 -15.37 15.27
N PRO C 424 21.24 -15.42 16.37
CA PRO C 424 20.78 -16.19 17.53
C PRO C 424 19.52 -15.58 18.15
N ALA C 425 18.81 -16.41 18.91
CA ALA C 425 17.56 -15.97 19.51
C ALA C 425 17.77 -14.84 20.51
N ASP C 426 18.91 -14.85 21.22
CA ASP C 426 19.24 -13.75 22.11
C ASP C 426 19.33 -12.44 21.34
N MET C 427 19.95 -12.47 20.16
CA MET C 427 19.97 -11.30 19.29
C MET C 427 18.56 -10.86 18.94
N ARG C 428 17.68 -11.82 18.64
CA ARG C 428 16.30 -11.49 18.30
C ARG C 428 15.61 -10.78 19.45
N GLN C 429 15.78 -11.30 20.67
CA GLN C 429 15.15 -10.68 21.83
C GLN C 429 15.70 -9.29 22.09
N LYS C 430 17.02 -9.12 21.96
CA LYS C 430 17.61 -7.81 22.20
C LYS C 430 17.14 -6.79 21.17
N ILE C 431 17.08 -7.19 19.90
CA ILE C 431 16.63 -6.27 18.86
C ILE C 431 15.17 -5.91 19.06
N HIS C 432 14.34 -6.90 19.42
CA HIS C 432 12.94 -6.64 19.68
C HIS C 432 12.77 -5.69 20.85
N ASP C 433 13.57 -5.86 21.90
CA ASP C 433 13.51 -4.96 23.05
C ASP C 433 13.89 -3.54 22.64
N TYR C 434 14.95 -3.40 21.84
CA TYR C 434 15.36 -2.07 21.40
C TYR C 434 14.26 -1.42 20.57
N TYR C 435 13.67 -2.16 19.65
CA TYR C 435 12.61 -1.60 18.81
C TYR C 435 11.40 -1.21 19.64
N GLU C 436 11.00 -2.06 20.58
CA GLU C 436 9.85 -1.75 21.43
C GLU C 436 10.12 -0.61 22.39
N HIS C 437 11.38 -0.34 22.72
CA HIS C 437 11.69 0.73 23.66
C HIS C 437 11.95 2.06 22.97
N ARG C 438 12.48 2.06 21.76
CA ARG C 438 12.68 3.31 21.04
C ARG C 438 11.34 3.86 20.56
N TYR C 439 10.64 3.09 19.73
CA TYR C 439 9.28 3.41 19.34
C TYR C 439 8.33 2.79 20.35
N GLN C 440 7.46 3.62 20.93
CA GLN C 440 6.47 3.14 21.90
C GLN C 440 5.31 2.45 21.17
N GLY C 441 5.65 1.40 20.44
CA GLY C 441 4.69 0.76 19.55
C GLY C 441 4.21 1.70 18.46
N LYS C 442 5.07 2.57 17.98
CA LYS C 442 4.69 3.63 17.04
C LYS C 442 5.62 3.62 15.84
N ILE C 443 5.17 4.27 14.77
CA ILE C 443 6.00 4.46 13.58
C ILE C 443 5.90 5.92 13.15
N PHE C 444 7.04 6.48 12.75
CA PHE C 444 7.07 7.80 12.15
C PHE C 444 8.40 8.08 11.47
N ASP C 445 8.35 8.68 10.28
CA ASP C 445 9.56 9.14 9.58
C ASP C 445 9.92 10.51 10.15
N GLU C 446 10.58 10.47 11.30
CA GLU C 446 10.91 11.71 12.01
C GLU C 446 11.76 12.63 11.16
N GLU C 447 12.76 12.07 10.47
CA GLU C 447 13.59 12.87 9.58
C GLU C 447 12.75 13.51 8.47
N ASN C 448 11.91 12.72 7.82
CA ASN C 448 11.10 13.25 6.73
C ASN C 448 10.12 14.30 7.21
N ILE C 449 9.41 14.02 8.31
CA ILE C 449 8.41 14.96 8.82
C ILE C 449 9.09 16.26 9.26
N LEU C 450 10.21 16.16 9.97
CA LEU C 450 10.93 17.35 10.39
C LEU C 450 11.47 18.14 9.21
N ASN C 451 11.92 17.44 8.16
CA ASN C 451 12.40 18.13 6.97
C ASN C 451 11.28 18.85 6.24
N GLU C 452 10.07 18.28 6.24
CA GLU C 452 8.95 18.91 5.54
C GLU C 452 8.60 20.25 6.16
N LEU C 453 8.56 20.32 7.49
CA LEU C 453 8.15 21.53 8.17
C LEU C 453 9.07 22.69 7.85
N ASN C 454 8.56 23.91 8.04
CA ASN C 454 9.31 25.10 7.70
C ASN C 454 10.32 25.40 8.81
N ASP C 455 10.95 26.58 8.74
CA ASP C 455 11.98 26.91 9.71
C ASP C 455 11.40 27.18 11.09
N PRO C 456 10.46 28.13 11.27
CA PRO C 456 10.04 28.46 12.66
C PRO C 456 9.34 27.32 13.36
N LEU C 457 8.46 26.59 12.68
CA LEU C 457 7.73 25.50 13.33
C LEU C 457 8.69 24.41 13.81
N ARG C 458 9.58 23.96 12.93
CA ARG C 458 10.55 22.94 13.30
C ARG C 458 11.45 23.44 14.42
N GLU C 459 11.92 24.69 14.32
CA GLU C 459 12.83 25.23 15.32
C GLU C 459 12.16 25.29 16.68
N GLU C 460 10.89 25.73 16.74
CA GLU C 460 10.23 25.87 18.02
C GLU C 460 9.82 24.51 18.57
N ILE C 461 9.53 23.55 17.68
CA ILE C 461 9.29 22.17 18.11
C ILE C 461 10.54 21.62 18.79
N VAL C 462 11.71 21.85 18.18
CA VAL C 462 12.96 21.40 18.78
C VAL C 462 13.19 22.11 20.11
N ASN C 463 12.89 23.41 20.17
CA ASN C 463 13.06 24.16 21.41
C ASN C 463 12.20 23.59 22.52
N PHE C 464 10.95 23.22 22.21
CA PHE C 464 10.08 22.65 23.24
C PHE C 464 10.53 21.26 23.64
N ASN C 465 10.96 20.44 22.66
CA ASN C 465 11.28 19.05 22.94
C ASN C 465 12.45 18.92 23.90
N CYS C 466 13.35 19.91 23.94
CA CYS C 466 14.51 19.89 24.81
C CYS C 466 14.50 21.03 25.82
N ARG C 467 13.31 21.39 26.32
CA ARG C 467 13.23 22.48 27.30
C ARG C 467 13.95 22.11 28.58
N LYS C 468 13.90 20.83 28.98
CA LYS C 468 14.63 20.40 30.17
C LYS C 468 16.13 20.57 29.98
N LEU C 469 16.64 20.22 28.79
CA LEU C 469 18.06 20.33 28.53
C LEU C 469 18.53 21.79 28.62
N VAL C 470 17.82 22.69 27.93
CA VAL C 470 18.23 24.08 27.91
C VAL C 470 18.05 24.73 29.29
N ALA C 471 17.02 24.31 30.04
CA ALA C 471 16.78 24.90 31.35
C ALA C 471 17.75 24.38 32.40
N THR C 472 18.26 23.16 32.24
CA THR C 472 19.08 22.55 33.28
C THR C 472 20.54 22.95 33.16
N MET C 473 21.15 22.73 32.00
CA MET C 473 22.59 22.91 31.83
C MET C 473 22.90 24.40 31.88
N PRO C 474 23.68 24.88 32.85
CA PRO C 474 23.85 26.33 33.01
C PRO C 474 24.49 27.03 31.81
N LEU C 475 25.25 26.33 30.97
CA LEU C 475 25.88 26.99 29.83
C LEU C 475 24.86 27.55 28.85
N PHE C 476 23.74 26.85 28.66
CA PHE C 476 22.75 27.28 27.69
C PHE C 476 22.05 28.56 28.14
N ALA C 477 21.68 28.64 29.42
CA ALA C 477 20.92 29.79 29.90
C ALA C 477 21.71 31.08 29.81
N ASN C 478 22.99 31.04 30.18
CA ASN C 478 23.83 32.24 30.15
C ASN C 478 24.55 32.34 28.80
N ALA C 479 23.76 32.34 27.73
CA ALA C 479 24.28 32.40 26.38
C ALA C 479 23.22 32.99 25.47
N ASP C 480 23.65 33.39 24.27
CA ASP C 480 22.73 33.94 23.28
C ASP C 480 21.72 32.88 22.88
N PRO C 481 20.41 33.16 22.99
CA PRO C 481 19.42 32.17 22.54
C PRO C 481 19.56 31.81 21.07
N ASN C 482 20.07 32.72 20.24
CA ASN C 482 20.31 32.41 18.85
C ASN C 482 21.29 31.24 18.70
N PHE C 483 22.37 31.27 19.48
CA PHE C 483 23.31 30.15 19.50
C PHE C 483 22.62 28.88 20.00
N VAL C 484 21.78 29.01 21.03
CA VAL C 484 21.10 27.85 21.60
C VAL C 484 20.27 27.16 20.53
N THR C 485 19.43 27.92 19.83
CA THR C 485 18.57 27.30 18.82
C THR C 485 19.38 26.83 17.62
N ALA C 486 20.44 27.56 17.26
CA ALA C 486 21.27 27.14 16.13
C ALA C 486 21.89 25.78 16.38
N MET C 487 22.37 25.53 17.58
CA MET C 487 22.91 24.21 17.87
C MET C 487 21.79 23.18 18.05
N LEU C 488 20.69 23.57 18.72
CA LEU C 488 19.61 22.64 18.99
C LEU C 488 18.98 22.11 17.70
N SER C 489 19.03 22.89 16.63
CA SER C 489 18.41 22.47 15.38
C SER C 489 19.08 21.26 14.74
N LYS C 490 20.28 20.87 15.22
CA LYS C 490 21.05 19.81 14.58
C LYS C 490 21.14 18.54 15.44
N LEU C 491 20.44 18.47 16.57
CA LEU C 491 20.53 17.29 17.40
C LEU C 491 19.78 16.12 16.77
N ARG C 492 20.09 14.90 17.24
CA ARG C 492 19.45 13.70 16.77
C ARG C 492 19.13 12.79 17.95
N PHE C 493 17.93 12.22 17.95
CA PHE C 493 17.52 11.33 19.02
C PHE C 493 18.25 10.01 18.95
N GLU C 494 18.66 9.49 20.11
CA GLU C 494 19.26 8.17 20.21
C GLU C 494 18.84 7.53 21.52
N VAL C 495 18.77 6.20 21.52
CA VAL C 495 18.41 5.43 22.70
C VAL C 495 19.37 4.27 22.84
N PHE C 496 19.85 4.04 24.06
CA PHE C 496 20.83 3.00 24.32
C PHE C 496 20.36 2.07 25.42
N GLN C 497 20.56 0.77 25.19
CA GLN C 497 20.23 -0.25 26.16
C GLN C 497 21.20 -0.19 27.34
N PRO C 498 20.77 -0.69 28.50
CA PRO C 498 21.69 -0.80 29.63
C PRO C 498 22.81 -1.78 29.31
N GLY C 499 24.01 -1.46 29.79
CA GLY C 499 25.17 -2.30 29.60
C GLY C 499 25.89 -2.14 28.28
N ASP C 500 25.27 -1.50 27.29
CA ASP C 500 25.91 -1.32 25.99
C ASP C 500 26.94 -0.21 26.05
N TYR C 501 28.13 -0.48 25.54
CA TYR C 501 29.19 0.52 25.48
C TYR C 501 28.80 1.60 24.48
N ILE C 502 28.96 2.87 24.88
CA ILE C 502 28.68 3.98 23.98
C ILE C 502 29.96 4.57 23.41
N ILE C 503 30.95 4.80 24.27
CA ILE C 503 32.24 5.33 23.85
C ILE C 503 33.32 4.45 24.45
N ARG C 504 34.21 3.95 23.61
CA ARG C 504 35.29 3.07 24.03
C ARG C 504 36.62 3.81 23.96
N GLU C 505 37.46 3.63 24.99
CA GLU C 505 38.74 4.32 25.04
C GLU C 505 39.62 3.90 23.89
N GLY C 506 40.31 4.88 23.29
CA GLY C 506 41.20 4.64 22.19
C GLY C 506 40.58 4.74 20.81
N ALA C 507 39.24 4.69 20.72
CA ALA C 507 38.58 4.78 19.44
C ALA C 507 38.59 6.22 18.92
N VAL C 508 38.25 6.37 17.66
CA VAL C 508 38.14 7.69 17.03
C VAL C 508 36.72 8.20 17.22
N GLY C 509 36.60 9.45 17.65
CA GLY C 509 35.32 10.06 17.94
C GLY C 509 34.75 10.80 16.75
N LYS C 510 33.42 10.82 16.67
CA LYS C 510 32.75 11.47 15.56
C LYS C 510 31.52 12.28 15.95
N LYS C 511 31.13 12.30 17.22
CA LYS C 511 29.91 13.01 17.60
C LYS C 511 29.92 13.33 19.09
N MET C 512 29.06 14.27 19.47
CA MET C 512 28.82 14.65 20.84
C MET C 512 27.72 13.76 21.42
N TYR C 513 27.46 13.89 22.72
CA TYR C 513 26.30 13.24 23.31
C TYR C 513 25.73 14.10 24.42
N PHE C 514 24.45 14.44 24.31
CA PHE C 514 23.72 15.15 25.34
C PHE C 514 22.77 14.17 26.02
N ILE C 515 22.96 13.97 27.32
CA ILE C 515 22.13 13.04 28.09
C ILE C 515 20.80 13.73 28.36
N GLN C 516 19.79 13.45 27.55
CA GLN C 516 18.48 14.03 27.80
C GLN C 516 17.80 13.37 28.99
N HIS C 517 17.88 12.03 29.08
CA HIS C 517 17.25 11.33 30.19
C HIS C 517 17.98 10.01 30.41
N GLY C 518 18.08 9.62 31.67
CA GLY C 518 18.79 8.41 32.05
C GLY C 518 20.17 8.71 32.62
N VAL C 519 20.74 7.70 33.26
CA VAL C 519 22.05 7.82 33.88
C VAL C 519 23.07 7.11 32.99
N ALA C 520 24.33 7.51 33.15
CA ALA C 520 25.42 6.89 32.40
C ALA C 520 26.64 6.82 33.30
N GLY C 521 27.56 5.93 32.96
CA GLY C 521 28.77 5.73 33.75
C GLY C 521 30.01 6.04 32.94
N VAL C 522 30.97 6.71 33.58
CA VAL C 522 32.27 7.01 32.98
C VAL C 522 33.30 6.22 33.75
N ILE C 523 34.08 5.41 33.03
CA ILE C 523 35.07 4.52 33.62
C ILE C 523 36.41 4.71 32.91
N THR C 524 37.47 4.44 33.65
CA THR C 524 38.85 4.52 33.19
C THR C 524 39.73 3.84 34.21
N LYS C 525 40.69 3.05 33.74
CA LYS C 525 41.55 2.27 34.63
C LYS C 525 42.29 3.18 35.61
N SER C 526 42.43 2.70 36.85
CA SER C 526 43.16 3.40 37.91
C SER C 526 42.55 4.76 38.23
N SER C 527 41.24 4.91 38.02
CA SER C 527 40.55 6.14 38.37
C SER C 527 39.17 5.89 38.95
N LYS C 528 38.88 4.67 39.38
CA LYS C 528 37.55 4.27 39.88
C LYS C 528 36.54 4.56 38.77
N GLU C 529 35.40 5.15 39.09
CA GLU C 529 34.40 5.46 38.08
C GLU C 529 33.49 6.57 38.62
N MET C 530 32.73 7.18 37.72
CA MET C 530 31.79 8.22 38.11
C MET C 530 30.53 8.11 37.27
N LYS C 531 29.53 8.91 37.62
CA LYS C 531 28.23 8.85 36.98
C LYS C 531 27.83 10.22 36.45
N LEU C 532 27.09 10.20 35.35
CA LEU C 532 26.52 11.41 34.75
C LEU C 532 25.01 11.23 34.70
N THR C 533 24.29 12.21 35.24
CA THR C 533 22.83 12.18 35.29
C THR C 533 22.26 12.93 34.08
N ASP C 534 20.96 13.20 34.12
CA ASP C 534 20.31 13.92 33.04
C ASP C 534 20.79 15.37 33.01
N GLY C 535 20.58 16.02 31.87
CA GLY C 535 21.01 17.39 31.71
C GLY C 535 22.51 17.58 31.70
N SER C 536 23.25 16.64 31.12
CA SER C 536 24.70 16.76 31.01
C SER C 536 25.14 16.32 29.63
N TYR C 537 26.45 16.22 29.40
CA TYR C 537 26.94 15.89 28.07
C TYR C 537 28.36 15.33 28.18
N PHE C 538 28.75 14.57 27.15
CA PHE C 538 30.11 14.09 27.04
C PHE C 538 30.47 13.96 25.56
N GLY C 539 31.74 13.63 25.32
CA GLY C 539 32.25 13.49 23.97
C GLY C 539 32.86 14.73 23.37
N GLU C 540 33.23 15.72 24.18
CA GLU C 540 33.80 16.96 23.65
C GLU C 540 35.30 16.89 23.44
N ILE C 541 36.01 15.99 24.13
CA ILE C 541 37.47 15.96 24.06
C ILE C 541 37.93 15.66 22.64
N CYS C 542 37.39 14.59 22.05
CA CYS C 542 37.83 14.21 20.70
C CYS C 542 37.39 15.23 19.66
N LEU C 543 36.18 15.79 19.81
CA LEU C 543 35.74 16.80 18.87
C LEU C 543 36.53 18.09 18.98
N LEU C 544 37.11 18.37 20.15
CA LEU C 544 37.91 19.58 20.34
C LEU C 544 39.34 19.38 19.86
N THR C 545 40.05 18.41 20.44
CA THR C 545 41.46 18.20 20.13
C THR C 545 41.70 17.38 18.86
N LYS C 546 40.64 16.84 18.25
CA LYS C 546 40.76 16.01 17.06
C LYS C 546 41.71 14.83 17.29
N GLY C 547 41.61 14.22 18.47
CA GLY C 547 42.44 13.09 18.81
C GLY C 547 41.67 11.78 18.88
N ARG C 548 41.77 11.09 20.01
CA ARG C 548 41.08 9.83 20.23
C ARG C 548 40.36 9.86 21.57
N ARG C 549 39.36 8.99 21.70
CA ARG C 549 38.59 8.93 22.94
C ARG C 549 39.49 8.51 24.10
N THR C 550 39.37 9.23 25.22
CA THR C 550 40.21 9.00 26.38
C THR C 550 39.59 8.01 27.36
N ALA C 551 38.40 8.33 27.87
CA ALA C 551 37.74 7.48 28.85
C ALA C 551 36.83 6.48 28.15
N SER C 552 36.01 5.78 28.93
CA SER C 552 35.00 4.88 28.39
C SER C 552 33.65 5.21 29.02
N VAL C 553 32.59 5.06 28.22
CA VAL C 553 31.26 5.44 28.64
C VAL C 553 30.32 4.24 28.47
N ARG C 554 29.62 3.89 29.54
CA ARG C 554 28.65 2.82 29.53
C ARG C 554 27.28 3.35 29.92
N ALA C 555 26.24 2.57 29.60
CA ALA C 555 24.87 2.90 29.96
C ALA C 555 24.40 1.91 31.01
N ASP C 556 24.02 2.42 32.17
CA ASP C 556 23.52 1.60 33.27
C ASP C 556 22.00 1.47 33.25
N THR C 557 21.33 2.05 32.26
CA THR C 557 19.88 1.98 32.14
C THR C 557 19.50 2.33 30.71
N TYR C 558 18.21 2.27 30.43
CA TYR C 558 17.72 2.67 29.12
C TYR C 558 17.83 4.18 28.98
N CYS C 559 18.88 4.66 28.31
CA CYS C 559 19.18 6.08 28.31
C CYS C 559 18.83 6.70 26.96
N ARG C 560 18.13 7.84 27.01
CA ARG C 560 17.76 8.58 25.81
C ARG C 560 18.66 9.81 25.72
N LEU C 561 19.52 9.83 24.69
CA LEU C 561 20.51 10.88 24.50
C LEU C 561 20.25 11.62 23.20
N TYR C 562 20.95 12.73 23.04
CA TYR C 562 20.90 13.55 21.83
C TYR C 562 22.30 13.66 21.27
N SER C 563 22.50 13.13 20.06
CA SER C 563 23.80 13.14 19.40
C SER C 563 23.92 14.36 18.49
N LEU C 564 25.15 14.84 18.34
CA LEU C 564 25.46 15.98 17.49
C LEU C 564 26.73 15.66 16.71
N SER C 565 26.62 15.69 15.38
CA SER C 565 27.74 15.28 14.53
C SER C 565 28.90 16.26 14.64
N VAL C 566 30.09 15.76 14.30
CA VAL C 566 31.31 16.56 14.46
C VAL C 566 31.31 17.75 13.51
N ASP C 567 30.87 17.55 12.27
CA ASP C 567 30.88 18.65 11.31
C ASP C 567 29.85 19.71 11.69
N ASN C 568 28.66 19.30 12.08
CA ASN C 568 27.64 20.25 12.53
C ASN C 568 28.11 21.01 13.77
N PHE C 569 28.71 20.30 14.71
CA PHE C 569 29.22 20.95 15.92
C PHE C 569 30.28 21.98 15.59
N ASN C 570 31.22 21.62 14.70
CA ASN C 570 32.28 22.54 14.32
C ASN C 570 31.72 23.76 13.58
N GLU C 571 30.76 23.54 12.69
CA GLU C 571 30.22 24.66 11.92
C GLU C 571 29.37 25.58 12.79
N VAL C 572 28.68 25.02 13.79
CA VAL C 572 27.91 25.85 14.71
C VAL C 572 28.84 26.63 15.62
N LEU C 573 29.88 25.98 16.14
CA LEU C 573 30.73 26.56 17.17
C LEU C 573 31.84 27.45 16.62
N GLU C 574 32.12 27.39 15.32
CA GLU C 574 33.28 28.11 14.79
C GLU C 574 33.10 29.62 14.90
N GLU C 575 31.89 30.13 14.65
CA GLU C 575 31.65 31.56 14.66
C GLU C 575 31.17 32.08 16.01
N TYR C 576 31.11 31.22 17.03
CA TYR C 576 30.70 31.59 18.39
C TYR C 576 31.85 31.24 19.33
N PRO C 577 32.91 32.04 19.36
CA PRO C 577 34.10 31.67 20.14
C PRO C 577 33.86 31.60 21.64
N MET C 578 32.83 32.27 22.17
CA MET C 578 32.57 32.18 23.60
C MET C 578 32.20 30.75 24.00
N MET C 579 31.36 30.10 23.20
CA MET C 579 31.01 28.71 23.47
C MET C 579 32.24 27.81 23.39
N ARG C 580 33.12 28.07 22.41
CA ARG C 580 34.35 27.29 22.31
C ARG C 580 35.21 27.47 23.55
N ARG C 581 35.34 28.70 24.03
CA ARG C 581 36.15 28.95 25.23
C ARG C 581 35.55 28.26 26.45
N ALA C 582 34.23 28.32 26.61
CA ALA C 582 33.59 27.66 27.74
C ALA C 582 33.77 26.13 27.67
N PHE C 583 33.60 25.56 26.47
CA PHE C 583 33.81 24.13 26.30
C PHE C 583 35.25 23.75 26.59
N GLU C 584 36.19 24.58 26.14
CA GLU C 584 37.60 24.29 26.42
C GLU C 584 37.89 24.32 27.91
N THR C 585 37.33 25.30 28.63
CA THR C 585 37.55 25.40 30.06
C THR C 585 36.98 24.19 30.79
N VAL C 586 35.73 23.82 30.49
CA VAL C 586 35.13 22.67 31.16
C VAL C 586 35.86 21.38 30.78
N ALA C 587 36.33 21.29 29.54
CA ALA C 587 37.08 20.12 29.11
C ALA C 587 38.41 20.01 29.86
N ILE C 588 39.09 21.14 30.05
CA ILE C 588 40.33 21.14 30.81
C ILE C 588 40.06 20.72 32.25
N ASP C 589 38.96 21.22 32.84
CA ASP C 589 38.62 20.84 34.20
C ASP C 589 38.37 19.33 34.30
N ARG C 590 37.60 18.79 33.36
CA ARG C 590 37.30 17.35 33.38
C ARG C 590 38.57 16.52 33.19
N LEU C 591 39.42 16.93 32.26
CA LEU C 591 40.64 16.18 32.00
C LEU C 591 41.59 16.21 33.20
N ASP C 592 41.70 17.37 33.86
CA ASP C 592 42.47 17.44 35.10
C ASP C 592 41.86 16.58 36.18
N ARG C 593 40.53 16.48 36.21
CA ARG C 593 39.87 15.57 37.15
C ARG C 593 40.29 14.13 36.88
N ILE C 594 40.32 13.74 35.61
CA ILE C 594 40.79 12.40 35.25
C ILE C 594 42.28 12.27 35.55
N GLY C 595 43.07 13.25 35.13
CA GLY C 595 44.51 13.24 35.36
C GLY C 595 45.32 13.44 34.11
N LYS C 596 44.86 12.90 32.99
CA LYS C 596 45.55 13.08 31.72
C LYS C 596 45.50 14.55 31.30
N LYS C 597 46.55 14.99 30.63
CA LYS C 597 46.66 16.37 30.16
C LYS C 597 46.85 16.37 28.65
N ASN C 598 46.00 17.13 27.96
CA ASN C 598 46.09 17.26 26.50
C ASN C 598 46.95 18.47 26.17
N SER C 599 48.03 18.25 25.42
CA SER C 599 48.92 19.35 25.06
C SER C 599 48.23 20.37 24.17
N ILE C 600 47.42 19.89 23.22
CA ILE C 600 46.74 20.81 22.30
C ILE C 600 45.74 21.68 23.05
N LEU C 601 44.95 21.07 23.94
CA LEU C 601 43.97 21.84 24.70
C LEU C 601 44.67 22.82 25.64
N LEU C 602 45.76 22.40 26.28
CA LEU C 602 46.50 23.31 27.16
C LEU C 602 47.08 24.48 26.38
N GLN C 603 47.63 24.20 25.19
CA GLN C 603 48.16 25.29 24.37
C GLN C 603 47.07 26.24 23.93
N LYS C 604 45.90 25.71 23.56
CA LYS C 604 44.78 26.56 23.18
C LYS C 604 44.33 27.44 24.35
N PHE C 605 44.27 26.86 25.55
CA PHE C 605 43.88 27.63 26.72
C PHE C 605 44.90 28.72 27.03
N GLN C 606 46.20 28.40 26.89
CA GLN C 606 47.23 29.39 27.13
C GLN C 606 47.16 30.51 26.10
N LYS C 607 46.91 30.18 24.84
CA LYS C 607 46.77 31.20 23.82
C LYS C 607 45.55 32.08 24.08
N ASP C 608 44.44 31.48 24.51
CA ASP C 608 43.26 32.26 24.84
C ASP C 608 43.51 33.20 26.01
N LEU C 609 44.23 32.70 27.03
CA LEU C 609 44.58 33.55 28.16
C LEU C 609 45.48 34.71 27.72
N ASN C 610 46.44 34.42 26.85
CA ASN C 610 47.30 35.48 26.32
C ASN C 610 46.57 36.38 25.34
N THR C 611 45.45 35.94 24.80
CA THR C 611 44.68 36.74 23.87
C THR C 611 43.91 37.83 24.61
N GLY C 612 43.26 38.70 23.84
CA GLY C 612 42.51 39.81 24.38
C GLY C 612 41.13 39.48 24.91
N VAL C 613 40.69 38.22 24.77
CA VAL C 613 39.37 37.81 25.26
C VAL C 613 39.54 37.42 26.72
N PHE C 614 39.50 38.43 27.59
CA PHE C 614 39.65 38.25 29.02
C PHE C 614 38.63 39.10 29.77
N ASN C 615 37.39 39.08 29.30
CA ASN C 615 36.33 39.86 29.93
C ASN C 615 36.05 39.34 31.34
N ASN C 616 35.87 40.28 32.28
CA ASN C 616 35.62 39.89 33.67
C ASN C 616 34.31 39.14 33.79
N GLN C 617 33.25 39.62 33.12
CA GLN C 617 31.96 38.93 33.18
C GLN C 617 32.05 37.55 32.54
N GLU C 618 32.73 37.45 31.39
CA GLU C 618 32.91 36.15 30.75
C GLU C 618 33.73 35.21 31.61
N ASN C 619 34.78 35.73 32.25
CA ASN C 619 35.59 34.89 33.14
C ASN C 619 34.77 34.39 34.33
N GLU C 620 33.95 35.28 34.91
CA GLU C 620 33.11 34.87 36.03
C GLU C 620 32.09 33.82 35.60
N ILE C 621 31.48 34.00 34.43
CA ILE C 621 30.52 33.02 33.93
C ILE C 621 31.20 31.67 33.69
N LEU C 622 32.40 31.69 33.10
CA LEU C 622 33.13 30.45 32.88
C LEU C 622 33.49 29.77 34.19
N LYS C 623 33.91 30.56 35.19
CA LYS C 623 34.24 29.97 36.49
C LYS C 623 33.02 29.35 37.14
N GLN C 624 31.87 30.04 37.07
CA GLN C 624 30.64 29.48 37.64
C GLN C 624 30.22 28.20 36.92
N ILE C 625 30.34 28.19 35.59
CA ILE C 625 30.00 26.99 34.82
C ILE C 625 30.93 25.84 35.19
N VAL C 626 32.22 26.13 35.35
CA VAL C 626 33.19 25.10 35.72
C VAL C 626 32.88 24.56 37.11
N LYS C 627 32.54 25.45 38.04
CA LYS C 627 32.20 24.99 39.39
C LYS C 627 30.95 24.12 39.37
N HIS C 628 29.93 24.51 38.61
CA HIS C 628 28.72 23.70 38.51
C HIS C 628 29.02 22.34 37.89
N ASP C 629 29.84 22.32 36.84
CA ASP C 629 30.20 21.05 36.20
C ASP C 629 30.98 20.16 37.16
N ARG C 630 31.89 20.75 37.94
CA ARG C 630 32.64 19.96 38.92
C ARG C 630 31.73 19.39 39.99
N GLU C 631 30.77 20.20 40.46
CA GLU C 631 29.82 19.71 41.46
C GLU C 631 28.97 18.58 40.90
N MET C 632 28.51 18.72 39.65
CA MET C 632 27.72 17.66 39.03
C MET C 632 28.54 16.39 38.83
N VAL C 633 29.80 16.54 38.42
CA VAL C 633 30.65 15.37 38.21
C VAL C 633 30.94 14.67 39.53
N GLN C 634 31.11 15.44 40.60
CA GLN C 634 31.31 14.84 41.92
C GLN C 634 30.09 14.04 42.35
N ALA C 635 28.89 14.55 42.07
CA ALA C 635 27.65 13.86 42.40
C ALA C 635 27.43 12.65 41.50
N LYS D 108 -0.71 6.22 -33.41
CA LYS D 108 -1.63 6.03 -32.29
C LYS D 108 -1.00 5.15 -31.22
N PHE D 109 -1.80 4.27 -30.64
CA PHE D 109 -1.29 3.36 -29.61
C PHE D 109 -0.24 2.43 -30.18
N SER D 110 -0.46 1.89 -31.38
CA SER D 110 0.53 1.02 -32.01
C SER D 110 1.81 1.77 -32.30
N LEU D 111 1.70 3.01 -32.78
CA LEU D 111 2.89 3.80 -33.06
C LEU D 111 3.70 4.06 -31.79
N ARG D 112 3.01 4.40 -30.69
CA ARG D 112 3.71 4.60 -29.42
C ARG D 112 4.35 3.32 -28.92
N MET D 113 3.66 2.18 -29.07
CA MET D 113 4.21 0.91 -28.61
C MET D 113 5.38 0.46 -29.47
N PHE D 114 5.44 0.89 -30.73
CA PHE D 114 6.53 0.51 -31.62
C PHE D 114 7.72 1.45 -31.50
N GLY D 115 7.47 2.75 -31.50
CA GLY D 115 8.54 3.73 -31.44
C GLY D 115 8.08 5.13 -31.82
N SER D 116 8.81 5.76 -32.75
CA SER D 116 8.44 7.06 -33.28
C SER D 116 7.82 6.89 -34.66
N GLN D 117 7.59 8.01 -35.34
CA GLN D 117 7.04 7.96 -36.69
C GLN D 117 8.00 7.26 -37.65
N LYS D 118 9.30 7.54 -37.53
CA LYS D 118 10.28 6.89 -38.40
C LYS D 118 10.33 5.39 -38.16
N ALA D 119 10.29 4.97 -36.89
CA ALA D 119 10.32 3.55 -36.58
C ALA D 119 9.06 2.85 -37.08
N VAL D 120 7.90 3.50 -36.93
CA VAL D 120 6.65 2.93 -37.41
C VAL D 120 6.67 2.79 -38.93
N GLU D 121 7.16 3.81 -39.62
CA GLU D 121 7.26 3.76 -41.07
C GLU D 121 8.21 2.65 -41.52
N LYS D 122 9.34 2.51 -40.83
CA LYS D 122 10.29 1.46 -41.18
C LYS D 122 9.68 0.08 -40.96
N GLU D 123 8.95 -0.11 -39.86
CA GLU D 123 8.30 -1.38 -39.60
C GLU D 123 7.23 -1.68 -40.66
N GLN D 124 6.46 -0.67 -41.05
CA GLN D 124 5.45 -0.86 -42.09
C GLN D 124 6.09 -1.21 -43.42
N GLU D 125 7.19 -0.55 -43.77
CA GLU D 125 7.89 -0.87 -45.00
C GLU D 125 8.45 -2.29 -44.98
N ARG D 126 9.02 -2.70 -43.84
CA ARG D 126 9.54 -4.05 -43.72
C ARG D 126 8.43 -5.09 -43.84
N VAL D 127 7.27 -4.81 -43.24
CA VAL D 127 6.13 -5.73 -43.35
C VAL D 127 5.65 -5.80 -44.79
N LYS D 128 5.56 -4.66 -45.48
CA LYS D 128 5.14 -4.65 -46.87
C LYS D 128 6.14 -5.37 -47.76
N THR D 129 7.42 -5.17 -47.51
CA THR D 129 8.47 -5.82 -48.32
C THR D 129 8.71 -7.25 -47.83
N ILE D 135 -1.30 -7.27 -42.84
CA ILE D 135 -1.70 -8.55 -42.27
C ILE D 135 -1.20 -8.66 -40.83
N HIS D 136 -0.29 -7.76 -40.46
CA HIS D 136 0.24 -7.74 -39.11
C HIS D 136 -0.84 -7.31 -38.13
N PRO D 137 -0.78 -7.77 -36.87
CA PRO D 137 -1.87 -7.47 -35.93
C PRO D 137 -2.10 -5.99 -35.69
N TYR D 138 -1.06 -5.18 -35.73
CA TYR D 138 -1.21 -3.73 -35.51
C TYR D 138 -1.58 -3.00 -36.79
N SER D 139 -2.64 -3.47 -37.45
CA SER D 139 -3.11 -2.88 -38.69
C SER D 139 -4.51 -2.31 -38.51
N ASP D 140 -4.79 -1.22 -39.22
CA ASP D 140 -6.07 -0.54 -39.08
C ASP D 140 -7.22 -1.43 -39.51
N PHE D 141 -7.04 -2.21 -40.58
CA PHE D 141 -8.10 -3.09 -41.05
C PHE D 141 -8.47 -4.11 -39.99
N ARG D 142 -7.48 -4.78 -39.40
CA ARG D 142 -7.75 -5.74 -38.34
C ARG D 142 -8.27 -5.03 -37.09
N PHE D 143 -7.69 -3.88 -36.75
CA PHE D 143 -8.10 -3.13 -35.57
C PHE D 143 -9.50 -2.54 -35.69
N TYR D 144 -10.08 -2.56 -36.89
CA TYR D 144 -11.48 -2.18 -37.08
C TYR D 144 -12.40 -3.38 -37.25
N TRP D 145 -11.90 -4.47 -37.86
CA TRP D 145 -12.70 -5.67 -38.06
C TRP D 145 -12.85 -6.51 -36.81
N ASP D 146 -11.95 -6.36 -35.83
CA ASP D 146 -12.07 -7.13 -34.60
C ASP D 146 -13.36 -6.78 -33.87
N LEU D 147 -13.77 -5.52 -33.90
CA LEU D 147 -15.02 -5.11 -33.26
C LEU D 147 -16.22 -5.79 -33.91
N ILE D 148 -16.24 -5.85 -35.24
CA ILE D 148 -17.34 -6.52 -35.95
C ILE D 148 -17.34 -8.01 -35.63
N MET D 149 -16.15 -8.62 -35.59
CA MET D 149 -16.07 -10.04 -35.25
C MET D 149 -16.57 -10.31 -33.84
N LEU D 150 -16.21 -9.43 -32.89
CA LEU D 150 -16.67 -9.59 -31.51
C LEU D 150 -18.18 -9.40 -31.42
N ILE D 151 -18.73 -8.44 -32.17
CA ILE D 151 -20.18 -8.24 -32.18
C ILE D 151 -20.89 -9.47 -32.72
N MET D 152 -20.36 -10.05 -33.80
CA MET D 152 -20.95 -11.26 -34.35
C MET D 152 -20.85 -12.42 -33.37
N MET D 153 -19.72 -12.55 -32.68
CA MET D 153 -19.56 -13.61 -31.69
C MET D 153 -20.55 -13.43 -30.53
N VAL D 154 -20.74 -12.19 -30.08
CA VAL D 154 -21.68 -11.92 -29.00
C VAL D 154 -23.11 -12.25 -29.45
N GLY D 155 -23.47 -11.86 -30.67
CA GLY D 155 -24.79 -12.21 -31.18
C GLY D 155 -25.00 -13.70 -31.27
N ASN D 156 -23.98 -14.43 -31.75
CA ASN D 156 -24.10 -15.88 -31.83
C ASN D 156 -24.21 -16.51 -30.45
N LEU D 157 -23.45 -16.02 -29.48
CA LEU D 157 -23.50 -16.56 -28.13
C LEU D 157 -24.82 -16.22 -27.45
N VAL D 158 -25.48 -15.14 -27.86
CA VAL D 158 -26.77 -14.80 -27.30
C VAL D 158 -27.89 -15.58 -27.99
N ILE D 159 -27.71 -15.92 -29.26
CA ILE D 159 -28.78 -16.58 -30.00
C ILE D 159 -28.72 -18.10 -29.89
N ILE D 160 -27.54 -18.68 -29.62
CA ILE D 160 -27.43 -20.13 -29.54
C ILE D 160 -28.30 -20.73 -28.44
N PRO D 161 -28.31 -20.20 -27.21
CA PRO D 161 -29.23 -20.75 -26.21
C PRO D 161 -30.70 -20.64 -26.60
N VAL D 162 -31.07 -19.56 -27.30
CA VAL D 162 -32.45 -19.41 -27.75
C VAL D 162 -32.80 -20.50 -28.75
N GLY D 163 -31.90 -20.77 -29.70
CA GLY D 163 -32.15 -21.85 -30.65
C GLY D 163 -32.17 -23.21 -29.99
N ILE D 164 -31.32 -23.42 -28.99
CA ILE D 164 -31.31 -24.69 -28.28
C ILE D 164 -32.64 -24.89 -27.54
N THR D 165 -33.14 -23.84 -26.90
CA THR D 165 -34.43 -23.92 -26.24
C THR D 165 -35.55 -24.17 -27.25
N PHE D 166 -35.48 -23.51 -28.40
CA PHE D 166 -36.47 -23.74 -29.46
C PHE D 166 -36.29 -25.08 -30.15
N PHE D 167 -35.15 -25.75 -29.95
CA PHE D 167 -34.86 -27.07 -30.51
C PHE D 167 -34.85 -27.06 -32.03
N THR D 168 -34.71 -25.88 -32.65
CA THR D 168 -34.67 -25.72 -34.10
C THR D 168 -35.90 -26.32 -34.77
N GLU D 169 -37.03 -26.33 -34.07
CA GLU D 169 -38.26 -26.88 -34.64
C GLU D 169 -38.81 -25.98 -35.74
N GLN D 170 -38.65 -24.67 -35.59
CA GLN D 170 -39.14 -23.68 -36.55
C GLN D 170 -38.01 -22.77 -37.00
N THR D 171 -36.87 -23.36 -37.35
CA THR D 171 -35.70 -22.61 -37.80
C THR D 171 -35.97 -22.10 -39.23
N THR D 172 -36.81 -21.07 -39.31
CA THR D 172 -37.22 -20.52 -40.59
C THR D 172 -36.14 -19.58 -41.12
N THR D 173 -36.47 -18.79 -42.14
CA THR D 173 -35.50 -17.89 -42.74
C THR D 173 -34.90 -16.89 -41.75
N PRO D 174 -35.66 -16.22 -40.87
CA PRO D 174 -35.02 -15.26 -39.95
C PRO D 174 -33.95 -15.86 -39.08
N TRP D 175 -34.07 -17.14 -38.70
CA TRP D 175 -33.10 -17.81 -37.87
C TRP D 175 -32.04 -18.57 -38.68
N ILE D 176 -32.45 -19.21 -39.78
CA ILE D 176 -31.48 -19.92 -40.62
C ILE D 176 -30.49 -18.93 -41.23
N ILE D 177 -30.99 -17.78 -41.68
CA ILE D 177 -30.11 -16.77 -42.26
C ILE D 177 -29.14 -16.24 -41.22
N PHE D 178 -29.62 -16.02 -39.99
CA PHE D 178 -28.74 -15.55 -38.92
C PHE D 178 -27.67 -16.59 -38.60
N ASN D 179 -28.05 -17.86 -38.54
CA ASN D 179 -27.08 -18.91 -38.28
C ASN D 179 -26.04 -19.00 -39.40
N VAL D 180 -26.49 -18.87 -40.65
CA VAL D 180 -25.57 -18.92 -41.78
C VAL D 180 -24.61 -17.73 -41.74
N ALA D 181 -25.13 -16.55 -41.40
CA ALA D 181 -24.27 -15.37 -41.30
C ALA D 181 -23.24 -15.53 -40.19
N SER D 182 -23.66 -16.08 -39.05
CA SER D 182 -22.72 -16.31 -37.95
C SER D 182 -21.65 -17.32 -38.34
N ASP D 183 -22.05 -18.39 -39.03
CA ASP D 183 -21.08 -19.38 -39.48
C ASP D 183 -20.10 -18.79 -40.49
N THR D 184 -20.59 -17.96 -41.41
CA THR D 184 -19.72 -17.31 -42.38
C THR D 184 -18.74 -16.36 -41.70
N VAL D 185 -19.23 -15.61 -40.70
CA VAL D 185 -18.34 -14.70 -39.97
C VAL D 185 -17.27 -15.49 -39.23
N CYS D 186 -17.65 -16.60 -38.60
CA CYS D 186 -16.67 -17.43 -37.90
C CYS D 186 -15.65 -18.02 -38.86
N LEU D 187 -16.10 -18.47 -40.03
CA LEU D 187 -15.19 -19.01 -41.02
C LEU D 187 -14.22 -17.95 -41.53
N LEU D 188 -14.72 -16.74 -41.78
CA LEU D 188 -13.85 -15.65 -42.20
C LEU D 188 -12.84 -15.30 -41.12
N ASP D 189 -13.27 -15.30 -39.86
CA ASP D 189 -12.35 -15.02 -38.75
C ASP D 189 -11.27 -16.08 -38.66
N LEU D 190 -11.64 -17.36 -38.82
CA LEU D 190 -10.66 -18.43 -38.79
C LEU D 190 -9.69 -18.32 -39.95
N ILE D 191 -10.19 -17.98 -41.14
CA ILE D 191 -9.31 -17.82 -42.31
C ILE D 191 -8.34 -16.68 -42.10
N MET D 192 -8.82 -15.56 -41.55
CA MET D 192 -7.93 -14.43 -41.28
C MET D 192 -6.89 -14.79 -40.22
N ASN D 193 -7.30 -15.50 -39.17
CA ASN D 193 -6.36 -15.93 -38.15
C ASN D 193 -5.36 -16.94 -38.66
N PHE D 194 -5.70 -17.69 -39.72
CA PHE D 194 -4.75 -18.64 -40.29
C PHE D 194 -3.53 -17.93 -40.85
N ARG D 195 -3.73 -16.79 -41.51
CA ARG D 195 -2.64 -16.02 -42.08
C ARG D 195 -2.07 -15.04 -41.06
N ASP D 209 9.00 -17.56 -43.27
CA ASP D 209 8.61 -16.73 -42.14
C ASP D 209 7.10 -16.77 -41.85
N PRO D 210 6.24 -16.46 -42.86
CA PRO D 210 4.80 -16.47 -42.57
C PRO D 210 4.22 -17.87 -42.53
N LYS D 211 4.74 -18.77 -43.36
CA LYS D 211 4.28 -20.15 -43.34
C LYS D 211 4.58 -20.83 -42.01
N VAL D 212 5.78 -20.62 -41.48
CA VAL D 212 6.15 -21.21 -40.19
C VAL D 212 5.29 -20.64 -39.08
N ILE D 213 5.03 -19.33 -39.10
CA ILE D 213 4.18 -18.72 -38.09
C ILE D 213 2.77 -19.26 -38.16
N LYS D 214 2.24 -19.42 -39.38
CA LYS D 214 0.90 -19.97 -39.55
C LYS D 214 0.84 -21.41 -39.05
N MET D 215 1.87 -22.21 -39.35
CA MET D 215 1.89 -23.58 -38.87
C MET D 215 1.95 -23.65 -37.36
N ASN D 216 2.76 -22.79 -36.74
CA ASN D 216 2.85 -22.76 -35.28
C ASN D 216 1.52 -22.33 -34.66
N TYR D 217 0.85 -21.33 -35.25
CA TYR D 217 -0.44 -20.90 -34.74
C TYR D 217 -1.48 -22.00 -34.87
N LEU D 218 -1.47 -22.72 -36.00
CA LEU D 218 -2.41 -23.83 -36.17
C LEU D 218 -2.14 -24.94 -35.15
N LYS D 219 -0.86 -25.27 -34.93
CA LYS D 219 -0.54 -26.31 -33.97
C LYS D 219 -0.88 -25.89 -32.55
N SER D 220 -0.84 -24.58 -32.25
CA SER D 220 -1.10 -24.12 -30.90
C SER D 220 -2.60 -23.98 -30.63
N TRP D 221 -3.25 -23.01 -31.28
CA TRP D 221 -4.66 -22.75 -31.01
C TRP D 221 -5.53 -22.57 -32.24
N PHE D 222 -4.98 -22.26 -33.41
CA PHE D 222 -5.82 -21.92 -34.56
C PHE D 222 -6.63 -23.13 -35.03
N VAL D 223 -6.07 -24.33 -34.92
CA VAL D 223 -6.78 -25.52 -35.37
C VAL D 223 -8.04 -25.76 -34.54
N VAL D 224 -7.94 -25.60 -33.22
CA VAL D 224 -9.10 -25.81 -32.37
C VAL D 224 -10.19 -24.81 -32.68
N ASP D 225 -9.82 -23.53 -32.86
CA ASP D 225 -10.81 -22.51 -33.19
C ASP D 225 -11.44 -22.78 -34.55
N PHE D 226 -10.64 -23.19 -35.53
CA PHE D 226 -11.19 -23.51 -36.86
C PHE D 226 -12.15 -24.68 -36.79
N ILE D 227 -11.82 -25.70 -35.99
CA ILE D 227 -12.73 -26.83 -35.82
C ILE D 227 -14.02 -26.38 -35.16
N SER D 228 -13.91 -25.51 -34.15
CA SER D 228 -15.09 -24.98 -33.49
C SER D 228 -15.91 -24.07 -34.40
N SER D 229 -15.29 -23.45 -35.40
CA SER D 229 -15.97 -22.56 -36.33
C SER D 229 -16.27 -23.35 -37.61
N ILE D 230 -17.44 -23.97 -37.66
CA ILE D 230 -17.83 -24.79 -38.80
C ILE D 230 -19.35 -24.77 -38.94
N PRO D 231 -19.88 -24.80 -40.16
CA PRO D 231 -21.35 -24.84 -40.33
C PRO D 231 -21.90 -26.23 -40.11
N VAL D 232 -22.17 -26.57 -38.84
CA VAL D 232 -22.64 -27.91 -38.50
C VAL D 232 -24.00 -28.23 -39.12
N ASP D 233 -24.74 -27.20 -39.56
CA ASP D 233 -26.02 -27.46 -40.21
C ASP D 233 -25.85 -28.24 -41.50
N TYR D 234 -24.83 -27.89 -42.29
CA TYR D 234 -24.55 -28.63 -43.52
C TYR D 234 -24.16 -30.07 -43.22
N ILE D 235 -23.35 -30.28 -42.18
CA ILE D 235 -22.94 -31.62 -41.80
C ILE D 235 -24.15 -32.44 -41.38
N PHE D 236 -25.06 -31.84 -40.59
CA PHE D 236 -26.26 -32.54 -40.18
C PHE D 236 -27.15 -32.88 -41.37
N LEU D 237 -27.28 -31.94 -42.32
CA LEU D 237 -28.07 -32.21 -43.51
C LEU D 237 -27.47 -33.35 -44.33
N ILE D 238 -26.14 -33.36 -44.47
CA ILE D 238 -25.48 -34.44 -45.21
C ILE D 238 -25.66 -35.77 -44.51
N VAL D 239 -25.57 -35.78 -43.18
CA VAL D 239 -25.77 -37.03 -42.43
C VAL D 239 -27.19 -37.52 -42.59
N GLU D 240 -28.17 -36.63 -42.52
CA GLU D 240 -29.56 -37.03 -42.70
C GLU D 240 -29.85 -37.50 -44.11
N LYS D 241 -29.16 -36.93 -45.11
CA LYS D 241 -29.35 -37.36 -46.49
C LYS D 241 -28.91 -38.80 -46.69
N GLY D 242 -27.79 -39.20 -46.08
CA GLY D 242 -27.29 -40.55 -46.21
C GLY D 242 -28.08 -41.55 -45.39
N ARG D 252 -34.59 -41.07 -35.46
CA ARG D 252 -33.71 -40.44 -34.48
C ARG D 252 -33.76 -38.92 -34.60
N ALA D 253 -34.97 -38.38 -34.75
CA ALA D 253 -35.12 -36.93 -34.85
C ALA D 253 -34.68 -36.24 -33.56
N LEU D 254 -35.03 -36.81 -32.41
CA LEU D 254 -34.61 -36.24 -31.14
C LEU D 254 -33.09 -36.32 -30.99
N ARG D 255 -32.49 -37.45 -31.39
CA ARG D 255 -31.04 -37.59 -31.33
C ARG D 255 -30.36 -36.60 -32.28
N ILE D 256 -30.93 -36.39 -33.47
CA ILE D 256 -30.38 -35.42 -34.41
C ILE D 256 -30.45 -34.01 -33.84
N VAL D 257 -31.58 -33.67 -33.21
CA VAL D 257 -31.72 -32.35 -32.62
C VAL D 257 -30.73 -32.16 -31.48
N ARG D 258 -30.54 -33.20 -30.65
CA ARG D 258 -29.57 -33.12 -29.56
C ARG D 258 -28.15 -32.95 -30.10
N PHE D 259 -27.81 -33.68 -31.17
CA PHE D 259 -26.48 -33.54 -31.76
C PHE D 259 -26.28 -32.14 -32.34
N THR D 260 -27.32 -31.59 -33.00
CA THR D 260 -27.22 -30.24 -33.53
C THR D 260 -27.04 -29.22 -32.40
N LYS D 261 -27.77 -29.39 -31.30
CA LYS D 261 -27.62 -28.48 -30.17
C LYS D 261 -26.22 -28.59 -29.56
N ILE D 262 -25.70 -29.81 -29.45
CA ILE D 262 -24.35 -30.00 -28.92
C ILE D 262 -23.32 -29.34 -29.82
N LEU D 263 -23.48 -29.48 -31.14
CA LEU D 263 -22.57 -28.84 -32.08
C LEU D 263 -22.65 -27.33 -31.98
N CYS D 264 -23.86 -26.78 -31.84
CA CYS D 264 -24.01 -25.33 -31.69
C CYS D 264 -23.35 -24.84 -30.41
N LEU D 265 -23.51 -25.60 -29.32
CA LEU D 265 -22.86 -25.22 -28.06
C LEU D 265 -21.35 -25.27 -28.18
N LEU D 266 -20.81 -26.30 -28.84
CA LEU D 266 -19.37 -26.41 -29.04
C LEU D 266 -18.84 -25.33 -29.97
N ARG D 267 -19.68 -24.81 -30.86
CA ARG D 267 -19.27 -23.73 -31.76
C ARG D 267 -18.99 -22.43 -31.02
N LEU D 268 -19.38 -22.33 -29.74
CA LEU D 268 -19.14 -21.13 -28.94
C LEU D 268 -17.75 -21.08 -28.33
N LEU D 269 -16.79 -21.83 -28.88
CA LEU D 269 -15.44 -21.85 -28.35
C LEU D 269 -14.64 -20.61 -28.73
N ARG D 270 -15.25 -19.65 -29.43
CA ARG D 270 -14.60 -18.39 -29.79
C ARG D 270 -14.48 -17.44 -28.60
N LEU D 271 -14.79 -17.91 -27.39
CA LEU D 271 -14.72 -17.07 -26.20
C LEU D 271 -13.30 -16.60 -25.93
N SER D 272 -12.31 -17.44 -26.25
CA SER D 272 -10.92 -17.04 -26.06
C SER D 272 -10.55 -15.86 -26.95
N ARG D 273 -10.94 -15.94 -28.23
CA ARG D 273 -10.68 -14.83 -29.14
C ARG D 273 -11.47 -13.59 -28.73
N LEU D 274 -12.70 -13.78 -28.26
CA LEU D 274 -13.49 -12.64 -27.79
C LEU D 274 -12.84 -11.97 -26.59
N ILE D 275 -12.31 -12.76 -25.66
CA ILE D 275 -11.65 -12.20 -24.48
C ILE D 275 -10.37 -11.48 -24.89
N ARG D 276 -9.62 -12.04 -25.84
CA ARG D 276 -8.42 -11.38 -26.32
C ARG D 276 -8.75 -10.04 -26.97
N TYR D 277 -9.81 -10.00 -27.79
CA TYR D 277 -10.23 -8.76 -28.41
C TYR D 277 -10.69 -7.75 -27.37
N ILE D 278 -11.40 -8.21 -26.34
CA ILE D 278 -11.86 -7.32 -25.28
C ILE D 278 -10.68 -6.74 -24.53
N HIS D 279 -9.66 -7.56 -24.24
CA HIS D 279 -8.47 -7.07 -23.58
C HIS D 279 -7.73 -6.06 -24.45
N GLN D 280 -7.64 -6.32 -25.75
CA GLN D 280 -7.01 -5.37 -26.65
C GLN D 280 -7.76 -4.03 -26.67
N TRP D 281 -9.09 -4.09 -26.71
CA TRP D 281 -9.89 -2.88 -26.70
C TRP D 281 -9.72 -2.12 -25.40
N GLU D 282 -9.67 -2.84 -24.28
CA GLU D 282 -9.45 -2.19 -22.99
C GLU D 282 -8.08 -1.51 -22.94
N GLU D 283 -7.06 -2.18 -23.47
CA GLU D 283 -5.73 -1.56 -23.50
C GLU D 283 -5.67 -0.38 -24.45
N ILE D 284 -6.50 -0.35 -25.49
CA ILE D 284 -6.41 0.70 -26.49
C ILE D 284 -7.30 1.90 -26.17
N PHE D 285 -8.39 1.71 -25.43
CA PHE D 285 -9.39 2.76 -25.25
C PHE D 285 -9.67 3.08 -23.79
N HIS D 286 -9.70 2.07 -22.91
CA HIS D 286 -10.00 2.34 -21.52
C HIS D 286 -8.95 3.21 -20.84
N MET D 287 -7.70 3.16 -21.31
CA MET D 287 -6.63 3.99 -20.78
C MET D 287 -6.54 5.34 -21.49
N THR D 288 -7.34 5.58 -22.53
CA THR D 288 -7.27 6.85 -23.24
C THR D 288 -7.69 8.00 -22.34
N TYR D 289 -8.76 7.83 -21.58
CA TYR D 289 -9.21 8.84 -20.63
C TYR D 289 -9.08 8.37 -19.19
N ASP D 290 -9.71 7.25 -18.83
CA ASP D 290 -9.62 6.65 -17.50
C ASP D 290 -9.94 7.65 -16.38
N LEU D 291 -10.73 8.69 -16.68
CA LEU D 291 -11.04 9.70 -15.68
C LEU D 291 -12.50 10.14 -15.74
N ALA D 292 -13.40 9.30 -16.24
CA ALA D 292 -14.81 9.65 -16.30
C ALA D 292 -15.51 9.49 -14.97
N SER D 293 -14.91 8.79 -14.00
CA SER D 293 -15.51 8.55 -12.68
C SER D 293 -16.88 7.88 -12.82
N ALA D 294 -16.99 6.97 -13.78
CA ALA D 294 -18.23 6.26 -14.05
C ALA D 294 -18.04 4.77 -13.82
N VAL D 295 -19.15 4.09 -13.57
CA VAL D 295 -19.11 2.64 -13.29
C VAL D 295 -19.21 1.94 -14.63
N VAL D 296 -18.06 1.80 -15.28
CA VAL D 296 -17.98 1.04 -16.54
C VAL D 296 -17.56 -0.39 -16.29
N ARG D 297 -16.56 -0.60 -15.43
CA ARG D 297 -16.18 -1.95 -15.04
C ARG D 297 -17.32 -2.65 -14.32
N ILE D 298 -18.08 -1.91 -13.51
CA ILE D 298 -19.24 -2.48 -12.85
C ILE D 298 -20.23 -3.02 -13.89
N PHE D 299 -20.47 -2.24 -14.94
CA PHE D 299 -21.31 -2.73 -16.04
C PHE D 299 -20.68 -3.92 -16.75
N ASN D 300 -19.35 -3.97 -16.79
CA ASN D 300 -18.66 -5.12 -17.41
C ASN D 300 -18.98 -6.41 -16.64
N LEU D 301 -18.79 -6.39 -15.31
CA LEU D 301 -19.15 -7.58 -14.54
C LEU D 301 -20.65 -7.83 -14.54
N ILE D 302 -21.47 -6.78 -14.65
CA ILE D 302 -22.91 -6.98 -14.73
C ILE D 302 -23.26 -7.76 -16.00
N GLY D 303 -22.67 -7.37 -17.12
CA GLY D 303 -22.90 -8.11 -18.36
C GLY D 303 -22.35 -9.52 -18.31
N MET D 304 -21.18 -9.69 -17.69
CA MET D 304 -20.62 -11.04 -17.54
C MET D 304 -21.55 -11.92 -16.71
N MET D 305 -22.09 -11.39 -15.61
CA MET D 305 -23.01 -12.14 -14.78
C MET D 305 -24.30 -12.45 -15.53
N LEU D 306 -24.79 -11.50 -16.32
CA LEU D 306 -25.99 -11.73 -17.12
C LEU D 306 -25.76 -12.85 -18.12
N LEU D 307 -24.60 -12.85 -18.79
CA LEU D 307 -24.30 -13.92 -19.74
C LEU D 307 -24.17 -15.27 -19.04
N LEU D 308 -23.52 -15.28 -17.86
CA LEU D 308 -23.41 -16.53 -17.10
C LEU D 308 -24.78 -17.05 -16.69
N ALA D 309 -25.66 -16.15 -16.26
CA ALA D 309 -27.02 -16.54 -15.89
C ALA D 309 -27.78 -17.08 -17.08
N HIS D 310 -27.63 -16.44 -18.24
CA HIS D 310 -28.28 -16.93 -19.45
C HIS D 310 -27.80 -18.33 -19.81
N TRP D 311 -26.49 -18.55 -19.71
CA TRP D 311 -25.94 -19.89 -19.99
C TRP D 311 -26.46 -20.91 -18.99
N ASP D 312 -26.51 -20.54 -17.70
CA ASP D 312 -27.02 -21.44 -16.68
C ASP D 312 -28.48 -21.80 -16.92
N GLY D 313 -29.29 -20.81 -17.28
CA GLY D 313 -30.69 -21.08 -17.58
C GLY D 313 -30.85 -21.95 -18.82
N CYS D 314 -30.03 -21.71 -19.84
CA CYS D 314 -30.07 -22.55 -21.03
C CYS D 314 -29.73 -24.00 -20.69
N LEU D 315 -28.71 -24.19 -19.85
CA LEU D 315 -28.35 -25.55 -19.44
C LEU D 315 -29.45 -26.19 -18.61
N GLN D 316 -30.03 -25.44 -17.67
CA GLN D 316 -31.07 -25.97 -16.80
C GLN D 316 -32.37 -26.23 -17.55
N PHE D 317 -32.56 -25.61 -18.71
CA PHE D 317 -33.71 -25.91 -19.55
C PHE D 317 -33.43 -27.04 -20.53
N LEU D 318 -32.20 -27.14 -21.03
CA LEU D 318 -31.86 -28.18 -21.98
C LEU D 318 -31.68 -29.54 -21.33
N VAL D 319 -31.25 -29.58 -20.06
CA VAL D 319 -31.07 -30.86 -19.38
C VAL D 319 -32.37 -31.65 -19.32
N PRO D 320 -33.51 -31.07 -18.90
CA PRO D 320 -34.78 -31.82 -19.07
C PRO D 320 -35.10 -32.12 -20.52
N LEU D 321 -34.75 -31.21 -21.42
CA LEU D 321 -34.99 -31.46 -22.85
C LEU D 321 -34.08 -32.55 -23.39
N LEU D 322 -32.83 -32.60 -22.91
CA LEU D 322 -31.92 -33.65 -23.34
C LEU D 322 -32.44 -35.03 -22.97
N GLN D 323 -32.96 -35.17 -21.75
CA GLN D 323 -33.55 -36.42 -21.30
C GLN D 323 -35.03 -36.53 -21.66
N ASP D 324 -35.60 -35.52 -22.30
CA ASP D 324 -37.02 -35.40 -22.67
C ASP D 324 -37.92 -35.26 -21.44
N PHE D 325 -37.37 -35.15 -20.24
CA PHE D 325 -38.10 -35.00 -18.98
C PHE D 325 -39.18 -36.05 -18.82
N PRO D 326 -38.83 -37.32 -18.63
CA PRO D 326 -39.85 -38.35 -18.39
C PRO D 326 -40.63 -38.12 -17.11
N PRO D 327 -39.97 -37.97 -15.93
CA PRO D 327 -40.76 -37.89 -14.69
C PRO D 327 -41.29 -36.50 -14.42
N ASP D 328 -41.89 -36.31 -13.24
CA ASP D 328 -42.49 -35.03 -12.86
C ASP D 328 -41.42 -34.13 -12.27
N CYS D 329 -40.60 -33.56 -13.16
CA CYS D 329 -39.67 -32.50 -12.79
C CYS D 329 -40.43 -31.17 -12.75
N TRP D 330 -39.73 -30.06 -12.81
CA TRP D 330 -40.38 -28.76 -12.77
C TRP D 330 -41.25 -28.54 -14.00
N VAL D 331 -40.86 -29.12 -15.13
CA VAL D 331 -41.59 -28.91 -16.37
C VAL D 331 -43.00 -29.49 -16.26
N SER D 332 -43.11 -30.70 -15.72
CA SER D 332 -44.42 -31.28 -15.45
C SER D 332 -45.07 -30.67 -14.22
N LEU D 333 -44.29 -30.08 -13.32
CA LEU D 333 -44.86 -29.48 -12.12
C LEU D 333 -45.63 -28.20 -12.45
N ASN D 334 -45.09 -27.37 -13.34
CA ASN D 334 -45.74 -26.12 -13.70
C ASN D 334 -46.38 -26.16 -15.09
N GLU D 335 -46.27 -27.28 -15.81
CA GLU D 335 -46.80 -27.41 -17.17
C GLU D 335 -46.26 -26.31 -18.08
N MET D 336 -44.95 -26.03 -17.94
CA MET D 336 -44.33 -24.99 -18.76
C MET D 336 -44.27 -25.37 -20.22
N VAL D 337 -44.31 -26.67 -20.55
CA VAL D 337 -44.30 -27.07 -21.95
C VAL D 337 -45.57 -26.59 -22.65
N ASN D 338 -46.72 -26.73 -21.99
CA ASN D 338 -47.97 -26.25 -22.55
C ASN D 338 -48.06 -24.73 -22.55
N ASP D 339 -47.23 -24.05 -21.77
CA ASP D 339 -47.24 -22.60 -21.72
C ASP D 339 -46.43 -22.03 -22.88
N SER D 340 -46.41 -20.70 -22.98
CA SER D 340 -45.67 -20.05 -24.05
C SER D 340 -44.17 -20.21 -23.84
N TRP D 341 -43.42 -20.10 -24.94
CA TRP D 341 -41.96 -20.19 -24.86
C TRP D 341 -41.39 -19.07 -24.00
N GLY D 342 -41.98 -17.87 -24.08
CA GLY D 342 -41.52 -16.77 -23.25
C GLY D 342 -41.71 -17.04 -21.77
N LYS D 343 -42.83 -17.64 -21.40
CA LYS D 343 -43.08 -17.97 -20.00
C LYS D 343 -42.08 -18.98 -19.48
N GLN D 344 -41.82 -20.04 -20.27
CA GLN D 344 -40.85 -21.05 -19.86
C GLN D 344 -39.46 -20.44 -19.74
N TYR D 345 -39.09 -19.58 -20.69
CA TYR D 345 -37.80 -18.90 -20.60
C TYR D 345 -37.73 -18.05 -19.34
N SER D 346 -38.82 -17.37 -19.00
CA SER D 346 -38.84 -16.53 -17.79
C SER D 346 -38.64 -17.38 -16.54
N TYR D 347 -39.33 -18.53 -16.45
CA TYR D 347 -39.15 -19.38 -15.27
C TYR D 347 -37.73 -19.93 -15.19
N ALA D 348 -37.18 -20.38 -16.32
CA ALA D 348 -35.83 -20.92 -16.33
C ALA D 348 -34.83 -19.85 -15.91
N LEU D 349 -34.94 -18.66 -16.48
CA LEU D 349 -34.09 -17.55 -16.09
C LEU D 349 -34.32 -17.16 -14.63
N PHE D 350 -35.54 -17.31 -14.13
CA PHE D 350 -35.84 -17.00 -12.74
C PHE D 350 -35.01 -17.87 -11.81
N LYS D 351 -35.05 -19.19 -12.00
CA LYS D 351 -34.24 -20.04 -11.12
C LYS D 351 -32.75 -19.87 -11.42
N ALA D 352 -32.39 -19.61 -12.68
CA ALA D 352 -30.98 -19.38 -12.99
C ALA D 352 -30.44 -18.19 -12.18
N MET D 353 -31.19 -17.10 -12.14
CA MET D 353 -30.77 -15.93 -11.40
C MET D 353 -30.83 -16.17 -9.89
N SER D 354 -31.84 -16.91 -9.43
CA SER D 354 -31.95 -17.19 -8.01
C SER D 354 -30.77 -18.02 -7.50
N HIS D 355 -30.37 -19.05 -8.25
CA HIS D 355 -29.24 -19.87 -7.84
C HIS D 355 -27.92 -19.15 -8.05
N MET D 356 -27.77 -18.43 -9.17
CA MET D 356 -26.54 -17.70 -9.42
C MET D 356 -26.32 -16.62 -8.38
N LEU D 357 -27.40 -15.94 -7.99
CA LEU D 357 -27.34 -15.06 -6.84
C LEU D 357 -27.39 -15.86 -5.53
N CYS D 358 -27.11 -15.16 -4.44
CA CYS D 358 -27.26 -15.74 -3.10
C CYS D 358 -28.66 -15.46 -2.54
N ILE D 359 -29.67 -15.75 -3.35
CA ILE D 359 -31.07 -15.57 -2.98
C ILE D 359 -31.73 -16.93 -3.23
N GLY D 360 -31.89 -17.71 -2.17
CA GLY D 360 -32.38 -19.07 -2.35
C GLY D 360 -33.88 -19.19 -2.36
N TYR D 361 -34.47 -19.13 -3.55
CA TYR D 361 -35.90 -19.34 -3.67
C TYR D 361 -36.08 -20.69 -4.31
N GLY D 362 -35.04 -21.51 -4.25
CA GLY D 362 -35.08 -22.82 -4.88
C GLY D 362 -36.02 -23.80 -4.23
N ALA D 363 -36.42 -24.82 -4.99
CA ALA D 363 -37.33 -25.82 -4.46
C ALA D 363 -36.72 -26.52 -3.26
N GLN D 364 -37.56 -26.98 -2.35
CA GLN D 364 -37.06 -27.68 -1.19
C GLN D 364 -36.12 -28.76 -1.66
N ALA D 365 -36.50 -29.47 -2.71
CA ALA D 365 -35.66 -30.53 -3.25
C ALA D 365 -36.16 -30.95 -4.62
N PRO D 366 -35.36 -31.78 -5.32
CA PRO D 366 -35.77 -32.23 -6.65
C PRO D 366 -36.24 -33.69 -6.68
N VAL D 367 -37.18 -34.02 -7.57
CA VAL D 367 -37.70 -35.38 -7.66
C VAL D 367 -36.73 -36.30 -8.41
N SER D 368 -36.10 -35.79 -9.47
CA SER D 368 -35.29 -36.62 -10.35
C SER D 368 -33.94 -36.91 -9.71
N MET D 369 -32.99 -37.40 -10.51
CA MET D 369 -31.66 -37.77 -10.03
C MET D 369 -30.57 -36.82 -10.51
N SER D 370 -30.55 -36.48 -11.80
CA SER D 370 -29.52 -35.60 -12.32
C SER D 370 -29.78 -34.13 -11.98
N ASP D 371 -31.04 -33.78 -11.65
CA ASP D 371 -31.37 -32.40 -11.37
C ASP D 371 -30.60 -31.87 -10.17
N LEU D 372 -30.44 -32.69 -9.13
CA LEU D 372 -29.65 -32.26 -7.98
C LEU D 372 -28.22 -31.94 -8.39
N TRP D 373 -27.61 -32.78 -9.22
CA TRP D 373 -26.22 -32.55 -9.61
C TRP D 373 -26.08 -31.30 -10.46
N ILE D 374 -26.99 -31.09 -11.42
CA ILE D 374 -26.87 -29.87 -12.22
C ILE D 374 -27.14 -28.64 -11.36
N THR D 375 -27.98 -28.77 -10.32
CA THR D 375 -28.18 -27.63 -9.42
C THR D 375 -26.95 -27.38 -8.56
N MET D 376 -26.21 -28.43 -8.18
CA MET D 376 -24.92 -28.21 -7.53
C MET D 376 -23.98 -27.45 -8.45
N LEU D 377 -23.93 -27.84 -9.72
CA LEU D 377 -23.07 -27.12 -10.67
C LEU D 377 -23.49 -25.66 -10.77
N SER D 378 -24.80 -25.41 -10.87
CA SER D 378 -25.30 -24.03 -10.96
C SER D 378 -24.97 -23.24 -9.70
N MET D 379 -25.15 -23.86 -8.53
CA MET D 379 -24.84 -23.17 -7.28
C MET D 379 -23.36 -22.84 -7.20
N ILE D 380 -22.50 -23.74 -7.66
CA ILE D 380 -21.06 -23.49 -7.62
C ILE D 380 -20.69 -22.33 -8.52
N VAL D 381 -21.19 -22.33 -9.76
CA VAL D 381 -20.82 -21.25 -10.68
C VAL D 381 -21.39 -19.92 -10.19
N GLY D 382 -22.60 -19.95 -9.63
CA GLY D 382 -23.17 -18.73 -9.09
C GLY D 382 -22.39 -18.19 -7.89
N ALA D 383 -21.94 -19.09 -7.01
CA ALA D 383 -21.13 -18.68 -5.88
C ALA D 383 -19.83 -18.05 -6.34
N THR D 384 -19.16 -18.68 -7.31
CA THR D 384 -17.92 -18.12 -7.84
C THR D 384 -18.17 -16.75 -8.47
N CYS D 385 -19.24 -16.62 -9.24
CA CYS D 385 -19.54 -15.35 -9.88
C CYS D 385 -19.84 -14.27 -8.85
N TYR D 386 -20.59 -14.60 -7.80
CA TYR D 386 -20.91 -13.61 -6.77
C TYR D 386 -19.67 -13.20 -5.99
N ALA D 387 -18.78 -14.16 -5.70
CA ALA D 387 -17.53 -13.83 -5.02
C ALA D 387 -16.68 -12.91 -5.88
N MET D 388 -16.56 -13.21 -7.17
CA MET D 388 -15.79 -12.34 -8.06
C MET D 388 -16.44 -10.96 -8.18
N PHE D 389 -17.77 -10.91 -8.18
CA PHE D 389 -18.48 -9.65 -8.21
C PHE D 389 -18.13 -8.81 -6.98
N VAL D 390 -18.21 -9.43 -5.80
CA VAL D 390 -17.89 -8.72 -4.57
C VAL D 390 -16.44 -8.24 -4.57
N GLY D 391 -15.54 -9.10 -5.05
CA GLY D 391 -14.13 -8.71 -5.11
C GLY D 391 -13.88 -7.52 -6.01
N HIS D 392 -14.49 -7.54 -7.21
CA HIS D 392 -14.35 -6.40 -8.11
C HIS D 392 -14.97 -5.15 -7.51
N ALA D 393 -16.10 -5.29 -6.84
CA ALA D 393 -16.76 -4.14 -6.22
C ALA D 393 -15.88 -3.50 -5.16
N THR D 394 -15.31 -4.32 -4.28
CA THR D 394 -14.47 -3.75 -3.23
C THR D 394 -13.16 -3.21 -3.78
N ALA D 395 -12.63 -3.81 -4.85
CA ALA D 395 -11.45 -3.26 -5.49
C ALA D 395 -11.74 -1.88 -6.06
N LEU D 396 -12.88 -1.73 -6.74
CA LEU D 396 -13.26 -0.43 -7.28
C LEU D 396 -13.49 0.57 -6.17
N ILE D 397 -14.12 0.15 -5.08
CA ILE D 397 -14.36 1.05 -3.96
C ILE D 397 -13.04 1.55 -3.37
N GLN D 398 -12.09 0.63 -3.18
CA GLN D 398 -10.79 1.02 -2.64
C GLN D 398 -10.06 1.96 -3.59
N SER D 399 -10.13 1.69 -4.90
CA SER D 399 -9.44 2.54 -5.86
C SER D 399 -10.10 3.91 -5.98
N LEU D 400 -11.39 4.01 -5.65
CA LEU D 400 -12.10 5.28 -5.83
C LEU D 400 -11.62 6.33 -4.85
N ASP D 401 -11.52 5.97 -3.56
CA ASP D 401 -11.22 6.92 -2.49
C ASP D 401 -9.73 6.96 -2.15
N SER D 402 -8.86 6.72 -3.13
CA SER D 402 -7.44 6.60 -2.86
C SER D 402 -6.85 7.88 -2.28
N SER D 403 -7.13 9.02 -2.92
CA SER D 403 -6.51 10.28 -2.49
C SER D 403 -6.87 10.62 -1.05
N ARG D 404 -8.17 10.50 -0.71
CA ARG D 404 -8.59 10.71 0.67
C ARG D 404 -7.90 9.74 1.61
N ARG D 405 -7.71 8.49 1.17
CA ARG D 405 -7.07 7.50 2.02
C ARG D 405 -5.64 7.90 2.34
N GLN D 406 -4.85 8.27 1.32
CA GLN D 406 -3.47 8.67 1.59
C GLN D 406 -3.40 9.95 2.40
N TYR D 407 -4.28 10.91 2.15
CA TYR D 407 -4.25 12.13 2.94
C TYR D 407 -4.56 11.85 4.40
N GLN D 408 -5.58 11.02 4.66
CA GLN D 408 -5.91 10.66 6.03
C GLN D 408 -4.77 9.91 6.68
N GLU D 409 -4.13 8.99 5.94
CA GLU D 409 -3.00 8.25 6.48
C GLU D 409 -1.87 9.18 6.86
N LYS D 410 -1.54 10.13 5.98
CA LYS D 410 -0.45 11.05 6.24
C LYS D 410 -0.74 11.95 7.45
N TYR D 411 -1.97 12.48 7.52
CA TYR D 411 -2.29 13.37 8.63
C TYR D 411 -2.32 12.61 9.95
N LYS D 412 -2.90 11.41 9.97
CA LYS D 412 -2.88 10.62 11.20
C LYS D 412 -1.45 10.25 11.57
N GLN D 413 -0.61 9.97 10.57
CA GLN D 413 0.79 9.69 10.82
C GLN D 413 1.49 10.85 11.51
N VAL D 414 1.32 12.07 10.98
CA VAL D 414 2.03 13.21 11.57
C VAL D 414 1.46 13.56 12.94
N GLU D 415 0.13 13.49 13.09
CA GLU D 415 -0.46 13.80 14.39
C GLU D 415 -0.06 12.76 15.43
N GLN D 416 0.06 11.50 15.02
CA GLN D 416 0.48 10.45 15.94
C GLN D 416 1.94 10.60 16.34
N TYR D 417 2.81 10.98 15.39
CA TYR D 417 4.18 11.31 15.75
C TYR D 417 4.21 12.45 16.75
N MET D 418 3.43 13.50 16.49
CA MET D 418 3.39 14.65 17.39
C MET D 418 2.90 14.26 18.78
N SER D 419 1.91 13.37 18.84
CA SER D 419 1.44 12.86 20.13
C SER D 419 2.50 12.01 20.82
N PHE D 420 3.37 11.36 20.06
CA PHE D 420 4.44 10.58 20.67
C PHE D 420 5.33 11.44 21.56
N HIS D 421 5.62 12.66 21.12
CA HIS D 421 6.43 13.57 21.91
C HIS D 421 5.62 14.34 22.95
N LYS D 422 4.31 14.13 23.00
CA LYS D 422 3.43 14.76 24.00
C LYS D 422 3.51 16.29 23.91
N LEU D 423 3.15 16.81 22.74
CA LEU D 423 3.12 18.24 22.55
C LEU D 423 1.80 18.83 23.05
N PRO D 424 1.79 20.10 23.44
CA PRO D 424 0.55 20.72 23.91
C PRO D 424 -0.49 20.82 22.80
N ALA D 425 -1.75 20.96 23.21
CA ALA D 425 -2.85 21.00 22.25
C ALA D 425 -2.75 22.23 21.35
N ASP D 426 -2.24 23.35 21.88
CA ASP D 426 -2.02 24.52 21.04
C ASP D 426 -1.04 24.21 19.92
N MET D 427 0.02 23.46 20.23
CA MET D 427 0.94 23.01 19.20
C MET D 427 0.21 22.16 18.16
N ARG D 428 -0.68 21.29 18.61
CA ARG D 428 -1.43 20.43 17.69
C ARG D 428 -2.26 21.29 16.74
N GLN D 429 -2.97 22.28 17.28
CA GLN D 429 -3.80 23.14 16.45
C GLN D 429 -2.96 23.93 15.46
N LYS D 430 -1.83 24.47 15.91
CA LYS D 430 -0.99 25.25 15.02
C LYS D 430 -0.42 24.40 13.89
N ILE D 431 0.04 23.19 14.21
CA ILE D 431 0.59 22.30 13.19
C ILE D 431 -0.50 21.88 12.21
N HIS D 432 -1.70 21.59 12.72
CA HIS D 432 -2.81 21.23 11.84
C HIS D 432 -3.16 22.39 10.91
N ASP D 433 -3.16 23.61 11.44
CA ASP D 433 -3.44 24.78 10.61
C ASP D 433 -2.38 24.93 9.52
N TYR D 434 -1.11 24.77 9.89
CA TYR D 434 -0.04 24.88 8.89
C TYR D 434 -0.21 23.83 7.80
N TYR D 435 -0.49 22.59 8.19
CA TYR D 435 -0.63 21.52 7.21
C TYR D 435 -1.83 21.76 6.30
N GLU D 436 -2.95 22.21 6.88
CA GLU D 436 -4.14 22.48 6.09
C GLU D 436 -3.98 23.70 5.19
N HIS D 437 -3.08 24.62 5.53
CA HIS D 437 -2.90 25.81 4.71
C HIS D 437 -1.84 25.65 3.64
N ARG D 438 -0.80 24.85 3.90
CA ARG D 438 0.20 24.62 2.86
C ARG D 438 -0.35 23.72 1.76
N TYR D 439 -0.77 22.52 2.13
CA TYR D 439 -1.48 21.64 1.23
C TYR D 439 -2.98 21.93 1.35
N GLN D 440 -3.62 22.22 0.20
CA GLN D 440 -5.05 22.49 0.19
C GLN D 440 -5.83 21.17 0.26
N GLY D 441 -5.61 20.46 1.36
CA GLY D 441 -6.14 19.11 1.48
C GLY D 441 -5.59 18.17 0.43
N LYS D 442 -4.34 18.35 0.04
CA LYS D 442 -3.73 17.62 -1.06
C LYS D 442 -2.41 17.02 -0.65
N ILE D 443 -1.95 16.04 -1.41
CA ILE D 443 -0.63 15.45 -1.21
C ILE D 443 0.08 15.37 -2.55
N PHE D 444 1.38 15.67 -2.53
CA PHE D 444 2.23 15.48 -3.70
C PHE D 444 3.71 15.57 -3.33
N ASP D 445 4.51 14.66 -3.90
CA ASP D 445 5.97 14.72 -3.75
C ASP D 445 6.49 15.70 -4.80
N GLU D 446 6.39 16.99 -4.47
CA GLU D 446 6.77 18.03 -5.42
C GLU D 446 8.22 17.90 -5.85
N GLU D 447 9.11 17.63 -4.89
CA GLU D 447 10.51 17.43 -5.23
C GLU D 447 10.70 16.25 -6.19
N ASN D 448 10.07 15.13 -5.87
CA ASN D 448 10.22 13.94 -6.70
C ASN D 448 9.64 14.16 -8.10
N ILE D 449 8.43 14.71 -8.16
CA ILE D 449 7.77 14.92 -9.45
C ILE D 449 8.57 15.90 -10.29
N LEU D 450 9.02 17.00 -9.69
CA LEU D 450 9.83 17.98 -10.42
C LEU D 450 11.15 17.39 -10.88
N ASN D 451 11.76 16.53 -10.06
CA ASN D 451 13.00 15.88 -10.45
C ASN D 451 12.80 14.92 -11.62
N GLU D 452 11.66 14.23 -11.65
CA GLU D 452 11.42 13.28 -12.72
C GLU D 452 11.35 13.96 -14.08
N LEU D 453 10.67 15.11 -14.14
CA LEU D 453 10.46 15.78 -15.42
C LEU D 453 11.80 16.20 -16.03
N ASN D 454 11.79 16.41 -17.34
CA ASN D 454 13.00 16.74 -18.06
C ASN D 454 13.32 18.23 -17.87
N ASP D 455 14.30 18.72 -18.63
CA ASP D 455 14.73 20.11 -18.46
C ASP D 455 13.67 21.10 -18.96
N PRO D 456 13.24 21.05 -20.22
CA PRO D 456 12.34 22.12 -20.70
C PRO D 456 10.99 22.14 -20.02
N LEU D 457 10.39 20.98 -19.76
CA LEU D 457 9.07 20.96 -19.13
C LEU D 457 9.13 21.55 -17.73
N ARG D 458 10.08 21.09 -16.92
CA ARG D 458 10.23 21.61 -15.58
C ARG D 458 10.55 23.11 -15.59
N GLU D 459 11.44 23.52 -16.50
CA GLU D 459 11.83 24.93 -16.57
C GLU D 459 10.65 25.80 -16.93
N GLU D 460 9.83 25.38 -17.89
CA GLU D 460 8.71 26.21 -18.31
C GLU D 460 7.59 26.17 -17.28
N ILE D 461 7.45 25.05 -16.57
CA ILE D 461 6.51 24.99 -15.46
C ILE D 461 6.90 26.02 -14.39
N VAL D 462 8.19 26.07 -14.06
CA VAL D 462 8.66 27.05 -13.10
C VAL D 462 8.43 28.47 -13.62
N ASN D 463 8.69 28.69 -14.91
CA ASN D 463 8.48 30.00 -15.50
C ASN D 463 7.02 30.43 -15.39
N PHE D 464 6.09 29.51 -15.63
CA PHE D 464 4.68 29.87 -15.52
C PHE D 464 4.26 30.08 -14.07
N ASN D 465 4.77 29.25 -13.16
CA ASN D 465 4.33 29.31 -11.77
C ASN D 465 4.69 30.64 -11.11
N CYS D 466 5.73 31.31 -11.59
CA CYS D 466 6.17 32.58 -11.04
C CYS D 466 6.10 33.71 -12.06
N ARG D 467 5.07 33.69 -12.92
CA ARG D 467 4.93 34.74 -13.92
C ARG D 467 4.68 36.10 -13.27
N LYS D 468 3.94 36.10 -12.15
CA LYS D 468 3.72 37.35 -11.43
C LYS D 468 5.02 37.92 -10.90
N LEU D 469 5.88 37.05 -10.35
CA LEU D 469 7.15 37.50 -9.80
C LEU D 469 8.03 38.13 -10.88
N VAL D 470 8.20 37.43 -12.01
CA VAL D 470 9.07 37.94 -13.06
C VAL D 470 8.47 39.17 -13.71
N ALA D 471 7.14 39.25 -13.82
CA ALA D 471 6.52 40.41 -14.45
C ALA D 471 6.51 41.64 -13.54
N THR D 472 6.52 41.43 -12.22
CA THR D 472 6.37 42.56 -11.31
C THR D 472 7.71 43.22 -10.99
N MET D 473 8.67 42.44 -10.53
CA MET D 473 9.93 43.00 -10.03
C MET D 473 10.72 43.53 -11.22
N PRO D 474 11.01 44.83 -11.28
CA PRO D 474 11.63 45.39 -12.49
C PRO D 474 13.00 44.82 -12.83
N LEU D 475 13.74 44.28 -11.86
CA LEU D 475 15.07 43.74 -12.15
C LEU D 475 15.01 42.57 -13.11
N PHE D 476 13.97 41.72 -13.00
CA PHE D 476 13.89 40.54 -13.85
C PHE D 476 13.62 40.91 -15.31
N ALA D 477 12.71 41.86 -15.54
CA ALA D 477 12.33 42.20 -16.91
C ALA D 477 13.50 42.77 -17.69
N ASN D 478 14.27 43.67 -17.08
CA ASN D 478 15.41 44.31 -17.76
C ASN D 478 16.69 43.50 -17.52
N ALA D 479 16.61 42.23 -17.88
CA ALA D 479 17.74 41.32 -17.71
C ALA D 479 17.62 40.18 -18.72
N ASP D 480 18.71 39.45 -18.87
CA ASP D 480 18.75 38.32 -19.78
C ASP D 480 17.75 37.26 -19.30
N PRO D 481 16.81 36.82 -20.14
CA PRO D 481 15.90 35.75 -19.71
C PRO D 481 16.61 34.46 -19.34
N ASN D 482 17.79 34.21 -19.91
CA ASN D 482 18.57 33.04 -19.53
C ASN D 482 18.92 33.09 -18.05
N PHE D 483 19.37 34.26 -17.58
CA PHE D 483 19.63 34.43 -16.14
C PHE D 483 18.36 34.26 -15.33
N VAL D 484 17.24 34.79 -15.83
CA VAL D 484 15.97 34.70 -15.10
C VAL D 484 15.60 33.24 -14.87
N THR D 485 15.62 32.43 -15.94
CA THR D 485 15.24 31.02 -15.78
C THR D 485 16.30 30.25 -15.00
N ALA D 486 17.57 30.60 -15.16
CA ALA D 486 18.62 29.91 -14.41
C ALA D 486 18.43 30.08 -12.91
N MET D 487 18.09 31.28 -12.47
CA MET D 487 17.83 31.45 -11.05
C MET D 487 16.48 30.86 -10.65
N LEU D 488 15.45 31.03 -11.49
CA LEU D 488 14.12 30.55 -11.16
C LEU D 488 14.10 29.03 -10.97
N SER D 489 14.99 28.31 -11.65
CA SER D 489 14.99 26.86 -11.56
C SER D 489 15.35 26.35 -10.18
N LYS D 490 15.87 27.20 -9.29
CA LYS D 490 16.37 26.76 -7.98
C LYS D 490 15.51 27.23 -6.81
N LEU D 491 14.38 27.87 -7.07
CA LEU D 491 13.54 28.34 -5.98
C LEU D 491 12.83 27.18 -5.28
N ARG D 492 12.36 27.46 -4.06
CA ARG D 492 11.63 26.47 -3.28
C ARG D 492 10.44 27.12 -2.62
N PHE D 493 9.29 26.45 -2.66
CA PHE D 493 8.07 26.97 -2.06
C PHE D 493 8.15 26.93 -0.54
N GLU D 494 7.66 27.99 0.10
CA GLU D 494 7.56 28.04 1.56
C GLU D 494 6.32 28.83 1.93
N VAL D 495 5.75 28.48 3.08
CA VAL D 495 4.56 29.15 3.60
C VAL D 495 4.77 29.44 5.08
N PHE D 496 4.42 30.65 5.50
CA PHE D 496 4.64 31.08 6.87
C PHE D 496 3.33 31.59 7.48
N GLN D 497 3.10 31.18 8.73
CA GLN D 497 1.95 31.61 9.49
C GLN D 497 2.10 33.08 9.89
N PRO D 498 1.00 33.77 10.13
CA PRO D 498 1.08 35.14 10.66
C PRO D 498 1.71 35.14 12.04
N GLY D 499 2.51 36.17 12.30
CA GLY D 499 3.16 36.34 13.58
C GLY D 499 4.45 35.57 13.76
N ASP D 500 4.74 34.59 12.91
CA ASP D 500 5.96 33.81 13.05
C ASP D 500 7.15 34.59 12.52
N TYR D 501 8.22 34.63 13.30
CA TYR D 501 9.45 35.30 12.90
C TYR D 501 10.09 34.52 11.76
N ILE D 502 10.50 35.23 10.71
CA ILE D 502 11.18 34.59 9.58
C ILE D 502 12.68 34.81 9.65
N ILE D 503 13.10 36.06 9.90
CA ILE D 503 14.50 36.42 10.01
C ILE D 503 14.68 37.21 11.28
N ARG D 504 15.59 36.78 12.14
CA ARG D 504 15.86 37.44 13.42
C ARG D 504 17.20 38.15 13.36
N GLU D 505 17.23 39.36 13.90
CA GLU D 505 18.46 40.17 13.89
C GLU D 505 19.57 39.47 14.66
N GLY D 506 20.77 39.50 14.10
CA GLY D 506 21.93 38.91 14.72
C GLY D 506 22.19 37.46 14.35
N ALA D 507 21.21 36.77 13.78
CA ALA D 507 21.38 35.38 13.39
C ALA D 507 22.22 35.28 12.11
N VAL D 508 22.68 34.08 11.83
CA VAL D 508 23.42 33.79 10.60
C VAL D 508 22.44 33.43 9.50
N GLY D 509 22.62 34.04 8.34
CA GLY D 509 21.73 33.85 7.21
C GLY D 509 22.20 32.75 6.29
N LYS D 510 21.23 32.07 5.66
CA LYS D 510 21.55 30.96 4.78
C LYS D 510 20.71 30.92 3.50
N LYS D 511 19.78 31.85 3.29
CA LYS D 511 18.93 31.79 2.11
C LYS D 511 18.31 33.15 1.84
N MET D 512 17.82 33.30 0.61
CA MET D 512 17.08 34.47 0.16
C MET D 512 15.60 34.26 0.45
N TYR D 513 14.78 35.28 0.22
CA TYR D 513 13.34 35.09 0.27
C TYR D 513 12.67 36.00 -0.76
N PHE D 514 11.89 35.40 -1.65
CA PHE D 514 11.07 36.12 -2.62
C PHE D 514 9.62 36.05 -2.18
N ILE D 515 9.01 37.20 -1.91
CA ILE D 515 7.63 37.25 -1.46
C ILE D 515 6.75 37.06 -2.68
N GLN D 516 6.27 35.83 -2.90
CA GLN D 516 5.37 35.58 -4.01
C GLN D 516 3.98 36.15 -3.73
N HIS D 517 3.48 35.94 -2.51
CA HIS D 517 2.16 36.44 -2.17
C HIS D 517 2.07 36.65 -0.66
N GLY D 518 1.35 37.69 -0.27
CA GLY D 518 1.22 38.05 1.14
C GLY D 518 2.10 39.23 1.50
N VAL D 519 1.82 39.82 2.66
CA VAL D 519 2.55 40.96 3.15
C VAL D 519 3.51 40.50 4.24
N ALA D 520 4.55 41.30 4.47
CA ALA D 520 5.51 41.02 5.53
C ALA D 520 5.96 42.33 6.15
N GLY D 521 6.49 42.25 7.35
CA GLY D 521 6.93 43.43 8.09
C GLY D 521 8.42 43.37 8.38
N VAL D 522 9.09 44.51 8.22
CA VAL D 522 10.49 44.66 8.54
C VAL D 522 10.60 45.61 9.72
N ILE D 523 11.24 45.15 10.79
CA ILE D 523 11.34 45.90 12.03
C ILE D 523 12.80 45.96 12.47
N THR D 524 13.13 47.02 13.21
CA THR D 524 14.45 47.25 13.76
C THR D 524 14.34 48.38 14.78
N LYS D 525 15.01 48.22 15.92
CA LYS D 525 14.90 49.19 16.99
C LYS D 525 15.31 50.58 16.53
N SER D 526 14.60 51.60 17.02
CA SER D 526 14.89 53.00 16.74
C SER D 526 14.79 53.32 15.24
N SER D 527 13.94 52.58 14.52
CA SER D 527 13.74 52.86 13.10
C SER D 527 12.28 52.67 12.69
N LYS D 528 11.36 52.62 13.65
CA LYS D 528 9.93 52.35 13.41
C LYS D 528 9.84 51.00 12.68
N GLU D 529 9.03 50.89 11.63
CA GLU D 529 8.91 49.64 10.89
C GLU D 529 8.38 49.96 9.50
N MET D 530 8.50 48.98 8.60
CA MET D 530 7.99 49.14 7.25
C MET D 530 7.41 47.81 6.78
N LYS D 531 6.78 47.85 5.60
CA LYS D 531 6.09 46.69 5.07
C LYS D 531 6.60 46.37 3.66
N LEU D 532 6.59 45.09 3.34
CA LEU D 532 6.92 44.59 2.01
C LEU D 532 5.73 43.82 1.46
N THR D 533 5.29 44.20 0.26
CA THR D 533 4.14 43.56 -0.37
C THR D 533 4.60 42.44 -1.29
N ASP D 534 3.70 41.94 -2.13
CA ASP D 534 4.04 40.89 -3.07
C ASP D 534 4.98 41.43 -4.14
N GLY D 535 5.67 40.50 -4.81
CA GLY D 535 6.62 40.87 -5.84
C GLY D 535 7.84 41.60 -5.32
N SER D 536 8.34 41.23 -4.15
CA SER D 536 9.55 41.81 -3.60
C SER D 536 10.44 40.72 -3.00
N TYR D 537 11.51 41.10 -2.31
CA TYR D 537 12.43 40.10 -1.79
C TYR D 537 13.23 40.71 -0.65
N PHE D 538 13.76 39.83 0.19
CA PHE D 538 14.67 40.24 1.25
C PHE D 538 15.66 39.10 1.53
N GLY D 539 16.61 39.39 2.41
CA GLY D 539 17.64 38.43 2.76
C GLY D 539 18.91 38.49 1.93
N GLU D 540 19.16 39.59 1.23
CA GLU D 540 20.35 39.68 0.38
C GLU D 540 21.58 40.17 1.13
N ILE D 541 21.42 40.87 2.25
CA ILE D 541 22.55 41.47 2.95
C ILE D 541 23.51 40.39 3.43
N CYS D 542 22.99 39.38 4.13
CA CYS D 542 23.86 38.34 4.67
C CYS D 542 24.46 37.49 3.55
N LEU D 543 23.68 37.20 2.51
CA LEU D 543 24.22 36.42 1.40
C LEU D 543 25.27 37.18 0.61
N LEU D 544 25.23 38.51 0.63
CA LEU D 544 26.22 39.33 -0.07
C LEU D 544 27.48 39.51 0.76
N THR D 545 27.35 40.11 1.95
CA THR D 545 28.50 40.44 2.77
C THR D 545 29.00 39.27 3.61
N LYS D 546 28.29 38.14 3.61
CA LYS D 546 28.68 36.96 4.41
C LYS D 546 28.82 37.32 5.89
N GLY D 547 27.89 38.15 6.38
CA GLY D 547 27.91 38.56 7.77
C GLY D 547 26.79 37.96 8.59
N ARG D 548 26.01 38.81 9.24
CA ARG D 548 24.88 38.38 10.05
C ARG D 548 23.66 39.21 9.69
N ARG D 549 22.48 38.68 10.01
CA ARG D 549 21.24 39.37 9.72
C ARG D 549 21.16 40.68 10.49
N THR D 550 20.77 41.75 9.79
CA THR D 550 20.74 43.08 10.39
C THR D 550 19.37 43.40 10.98
N ALA D 551 18.32 43.38 10.17
CA ALA D 551 16.98 43.72 10.61
C ALA D 551 16.26 42.46 11.10
N SER D 552 14.96 42.59 11.34
CA SER D 552 14.11 41.46 11.68
C SER D 552 12.88 41.47 10.78
N VAL D 553 12.42 40.27 10.42
CA VAL D 553 11.33 40.10 9.47
C VAL D 553 10.24 39.26 10.11
N ARG D 554 9.02 39.77 10.10
CA ARG D 554 7.86 39.07 10.61
C ARG D 554 6.82 38.91 9.52
N ALA D 555 5.89 37.97 9.73
CA ALA D 555 4.79 37.74 8.82
C ALA D 555 3.50 38.19 9.48
N ASP D 556 2.81 39.13 8.85
CA ASP D 556 1.55 39.65 9.36
C ASP D 556 0.35 38.91 8.79
N THR D 557 0.57 37.90 7.96
CA THR D 557 -0.50 37.12 7.36
C THR D 557 0.08 35.80 6.87
N TYR D 558 -0.78 34.95 6.33
CA TYR D 558 -0.35 33.70 5.75
C TYR D 558 0.42 33.99 4.47
N CYS D 559 1.74 34.00 4.51
CA CYS D 559 2.53 34.48 3.38
C CYS D 559 3.19 33.30 2.67
N ARG D 560 3.08 33.29 1.34
CA ARG D 560 3.71 32.27 0.50
C ARG D 560 4.92 32.88 -0.17
N LEU D 561 6.11 32.40 0.19
CA LEU D 561 7.37 32.93 -0.28
C LEU D 561 8.14 31.86 -1.06
N TYR D 562 9.19 32.32 -1.73
CA TYR D 562 10.10 31.44 -2.47
C TYR D 562 11.50 31.62 -1.94
N SER D 563 12.07 30.56 -1.38
CA SER D 563 13.40 30.59 -0.80
C SER D 563 14.44 30.13 -1.82
N LEU D 564 15.64 30.68 -1.69
CA LEU D 564 16.75 30.37 -2.56
C LEU D 564 18.00 30.19 -1.70
N SER D 565 18.62 29.02 -1.78
CA SER D 565 19.73 28.69 -0.91
C SER D 565 20.95 29.55 -1.24
N VAL D 566 21.84 29.69 -0.25
CA VAL D 566 23.00 30.56 -0.40
C VAL D 566 23.95 30.03 -1.47
N ASP D 567 24.18 28.72 -1.50
CA ASP D 567 25.10 28.15 -2.47
C ASP D 567 24.55 28.26 -3.88
N ASN D 568 23.26 27.95 -4.06
CA ASN D 568 22.63 28.10 -5.37
C ASN D 568 22.66 29.55 -5.83
N PHE D 569 22.35 30.47 -4.92
CA PHE D 569 22.37 31.89 -5.27
C PHE D 569 23.77 32.33 -5.69
N ASN D 570 24.79 31.91 -4.95
CA ASN D 570 26.16 32.29 -5.28
C ASN D 570 26.58 31.69 -6.62
N GLU D 571 26.23 30.43 -6.88
CA GLU D 571 26.64 29.78 -8.12
C GLU D 571 25.92 30.36 -9.32
N VAL D 572 24.66 30.76 -9.13
CA VAL D 572 23.92 31.40 -10.22
C VAL D 572 24.46 32.80 -10.49
N LEU D 573 24.74 33.56 -9.44
CA LEU D 573 25.09 34.97 -9.57
C LEU D 573 26.57 35.21 -9.85
N GLU D 574 27.43 34.21 -9.66
CA GLU D 574 28.87 34.45 -9.79
C GLU D 574 29.26 34.82 -11.21
N GLU D 575 28.67 34.18 -12.21
CA GLU D 575 29.04 34.41 -13.60
C GLU D 575 28.18 35.48 -14.27
N TYR D 576 27.28 36.12 -13.54
CA TYR D 576 26.42 37.18 -14.05
C TYR D 576 26.67 38.44 -13.21
N PRO D 577 27.79 39.13 -13.45
CA PRO D 577 28.15 40.25 -12.57
C PRO D 577 27.18 41.42 -12.61
N MET D 578 26.38 41.56 -13.68
CA MET D 578 25.40 42.65 -13.72
C MET D 578 24.36 42.49 -12.62
N MET D 579 23.87 41.26 -12.42
CA MET D 579 22.92 41.02 -11.35
C MET D 579 23.55 41.29 -9.99
N ARG D 580 24.82 40.92 -9.82
CA ARG D 580 25.50 41.21 -8.56
C ARG D 580 25.61 42.71 -8.32
N ARG D 581 25.93 43.48 -9.36
CA ARG D 581 26.03 44.92 -9.21
C ARG D 581 24.68 45.53 -8.86
N ALA D 582 23.62 45.08 -9.53
CA ALA D 582 22.29 45.62 -9.22
C ALA D 582 21.87 45.27 -7.79
N PHE D 583 22.13 44.03 -7.36
CA PHE D 583 21.81 43.64 -5.99
C PHE D 583 22.62 44.45 -5.00
N GLU D 584 23.89 44.71 -5.29
CA GLU D 584 24.72 45.51 -4.41
C GLU D 584 24.18 46.94 -4.30
N THR D 585 23.77 47.52 -5.42
CA THR D 585 23.24 48.88 -5.41
C THR D 585 21.95 48.96 -4.58
N VAL D 586 21.01 48.04 -4.83
CA VAL D 586 19.77 48.09 -4.09
C VAL D 586 20.00 47.78 -2.61
N ALA D 587 20.97 46.90 -2.31
CA ALA D 587 21.31 46.61 -0.92
C ALA D 587 21.89 47.83 -0.23
N ILE D 588 22.76 48.57 -0.91
CA ILE D 588 23.31 49.80 -0.34
C ILE D 588 22.21 50.80 -0.10
N ASP D 589 21.26 50.93 -1.04
CA ASP D 589 20.15 51.85 -0.86
C ASP D 589 19.32 51.47 0.36
N ARG D 590 18.99 50.18 0.49
CA ARG D 590 18.19 49.73 1.63
C ARG D 590 18.94 49.94 2.96
N LEU D 591 20.23 49.63 2.98
CA LEU D 591 21.00 49.79 4.21
C LEU D 591 21.12 51.26 4.61
N ASP D 592 21.31 52.14 3.63
CA ASP D 592 21.31 53.57 3.93
C ASP D 592 19.94 54.03 4.41
N ARG D 593 18.87 53.42 3.89
CA ARG D 593 17.54 53.71 4.40
C ARG D 593 17.42 53.33 5.87
N ILE D 594 17.95 52.16 6.24
CA ILE D 594 17.97 51.77 7.64
C ILE D 594 18.91 52.67 8.44
N GLY D 595 20.10 52.89 7.92
CA GLY D 595 21.07 53.75 8.59
C GLY D 595 22.42 53.10 8.78
N LYS D 596 22.42 51.79 9.05
CA LYS D 596 23.67 51.06 9.20
C LYS D 596 24.42 51.01 7.88
N LYS D 597 25.75 51.03 7.96
CA LYS D 597 26.61 50.99 6.79
C LYS D 597 27.53 49.78 6.87
N ASN D 598 27.53 48.97 5.81
CA ASN D 598 28.40 47.80 5.73
C ASN D 598 29.70 48.19 5.05
N SER D 599 30.82 47.98 5.74
CA SER D 599 32.12 48.35 5.17
C SER D 599 32.45 47.49 3.95
N ILE D 600 32.13 46.20 4.00
CA ILE D 600 32.44 45.32 2.87
C ILE D 600 31.64 45.72 1.64
N LEU D 601 30.34 45.98 1.82
CA LEU D 601 29.51 46.37 0.68
C LEU D 601 29.93 47.72 0.13
N LEU D 602 30.27 48.67 1.01
CA LEU D 602 30.74 49.97 0.54
C LEU D 602 32.05 49.84 -0.24
N GLN D 603 32.97 49.01 0.26
CA GLN D 603 34.23 48.79 -0.46
C GLN D 603 33.99 48.13 -1.81
N LYS D 604 33.07 47.17 -1.87
CA LYS D 604 32.75 46.53 -3.14
C LYS D 604 32.15 47.54 -4.13
N PHE D 605 31.26 48.40 -3.64
CA PHE D 605 30.66 49.42 -4.51
C PHE D 605 31.73 50.40 -5.00
N GLN D 606 32.65 50.80 -4.12
CA GLN D 606 33.71 51.71 -4.53
C GLN D 606 34.62 51.06 -5.57
N LYS D 607 34.94 49.78 -5.38
CA LYS D 607 35.77 49.07 -6.37
C LYS D 607 35.04 48.94 -7.70
N ASP D 608 33.74 48.68 -7.67
CA ASP D 608 32.97 48.59 -8.91
C ASP D 608 32.93 49.95 -9.62
N LEU D 609 32.76 51.02 -8.86
CA LEU D 609 32.78 52.36 -9.45
C LEU D 609 34.15 52.67 -10.06
N ASN D 610 35.22 52.29 -9.37
CA ASN D 610 36.56 52.47 -9.92
C ASN D 610 36.86 51.51 -11.05
N THR D 611 36.11 50.43 -11.18
CA THR D 611 36.30 49.47 -12.24
C THR D 611 35.77 50.01 -13.56
N GLY D 612 36.02 49.25 -14.63
CA GLY D 612 35.58 49.64 -15.96
C GLY D 612 34.13 49.38 -16.29
N VAL D 613 33.38 48.78 -15.38
CA VAL D 613 31.95 48.49 -15.62
C VAL D 613 31.19 49.74 -15.19
N PHE D 614 31.10 50.69 -16.11
CA PHE D 614 30.42 51.96 -15.88
C PHE D 614 29.59 52.34 -17.10
N ASN D 615 28.87 51.36 -17.65
CA ASN D 615 28.05 51.61 -18.82
C ASN D 615 26.91 52.57 -18.49
N ASN D 616 26.66 53.51 -19.40
CA ASN D 616 25.61 54.49 -19.18
C ASN D 616 24.24 53.83 -19.11
N GLN D 617 23.96 52.89 -20.02
CA GLN D 617 22.68 52.19 -19.99
C GLN D 617 22.54 51.35 -18.72
N GLU D 618 23.60 50.65 -18.32
CA GLU D 618 23.56 49.88 -17.09
C GLU D 618 23.38 50.77 -15.88
N ASN D 619 24.05 51.92 -15.86
CA ASN D 619 23.89 52.86 -14.74
C ASN D 619 22.46 53.39 -14.67
N GLU D 620 21.88 53.72 -15.83
CA GLU D 620 20.50 54.20 -15.85
C GLU D 620 19.53 53.13 -15.38
N ILE D 621 19.74 51.88 -15.81
CA ILE D 621 18.88 50.78 -15.39
C ILE D 621 18.99 50.57 -13.89
N LEU D 622 20.22 50.63 -13.36
CA LEU D 622 20.41 50.47 -11.91
C LEU D 622 19.74 51.60 -11.14
N LYS D 623 19.85 52.84 -11.64
CA LYS D 623 19.21 53.97 -10.98
C LYS D 623 17.69 53.83 -10.99
N GLN D 624 17.12 53.40 -12.12
CA GLN D 624 15.68 53.20 -12.19
C GLN D 624 15.24 52.09 -11.24
N ILE D 625 16.00 50.99 -11.17
CA ILE D 625 15.66 49.91 -10.27
C ILE D 625 15.73 50.37 -8.81
N VAL D 626 16.76 51.16 -8.49
CA VAL D 626 16.89 51.67 -7.13
C VAL D 626 15.74 52.61 -6.78
N LYS D 627 15.34 53.46 -7.72
CA LYS D 627 14.21 54.35 -7.48
C LYS D 627 12.92 53.57 -7.27
N HIS D 628 12.70 52.55 -8.09
CA HIS D 628 11.50 51.72 -7.92
C HIS D 628 11.52 51.00 -6.59
N ASP D 629 12.67 50.47 -6.18
CA ASP D 629 12.78 49.78 -4.90
C ASP D 629 12.53 50.75 -3.74
N ARG D 630 13.06 51.97 -3.85
CA ARG D 630 12.83 52.96 -2.81
C ARG D 630 11.35 53.34 -2.72
N GLU D 631 10.69 53.50 -3.87
CA GLU D 631 9.27 53.81 -3.87
C GLU D 631 8.46 52.68 -3.25
N MET D 632 8.80 51.42 -3.58
CA MET D 632 8.10 50.29 -3.01
C MET D 632 8.33 50.19 -1.50
N VAL D 633 9.56 50.44 -1.05
CA VAL D 633 9.87 50.38 0.37
C VAL D 633 9.14 51.48 1.13
N GLN D 634 9.01 52.66 0.52
CA GLN D 634 8.26 53.74 1.15
C GLN D 634 6.79 53.37 1.30
N ALA D 635 6.22 52.70 0.30
CA ALA D 635 4.84 52.27 0.35
C ALA D 635 4.66 51.10 1.31
P CMP E . 27.40 23.70 -27.57
O1P CMP E . 27.09 22.63 -26.55
O2P CMP E . 28.00 25.01 -27.12
O5' CMP E . 26.03 24.02 -28.35
C5' CMP E . 25.38 23.02 -29.13
C4' CMP E . 26.40 22.06 -29.63
O4' CMP E . 26.05 21.50 -30.92
C3' CMP E . 27.74 22.68 -29.89
O3' CMP E . 28.38 23.04 -28.68
C2' CMP E . 28.44 21.63 -30.74
O2' CMP E . 28.88 20.56 -29.94
C1' CMP E . 27.26 21.15 -31.60
N9 CMP E . 27.24 21.77 -32.93
C8 CMP E . 26.80 23.01 -33.22
N7 CMP E . 26.93 23.27 -34.55
C5 CMP E . 27.45 22.19 -35.13
C6 CMP E . 27.84 21.79 -36.50
N6 CMP E . 27.69 22.63 -37.55
N1 CMP E . 28.36 20.55 -36.68
C2 CMP E . 28.52 19.70 -35.65
N3 CMP E . 28.18 19.99 -34.38
C4 CMP E . 27.66 21.19 -34.06
P CMP F . 44.35 -5.64 -8.58
O1P CMP F . 43.17 -5.15 -7.78
O2P CMP F . 45.10 -4.67 -9.48
O5' CMP F . 43.84 -6.85 -9.49
C5' CMP F . 43.34 -8.05 -8.91
C4' CMP F . 44.01 -8.24 -7.58
O4' CMP F . 44.19 -9.64 -7.25
C3' CMP F . 45.40 -7.71 -7.54
O3' CMP F . 45.42 -6.29 -7.55
C2' CMP F . 45.96 -8.37 -6.29
O2' CMP F . 45.46 -7.74 -5.12
C1' CMP F . 45.30 -9.76 -6.38
N9 CMP F . 46.22 -10.77 -6.96
C8 CMP F . 46.52 -10.92 -8.26
N7 CMP F . 47.40 -11.94 -8.44
C5 CMP F . 47.67 -12.46 -7.23
C6 CMP F . 48.52 -13.55 -6.69
N6 CMP F . 49.27 -14.32 -7.52
N1 CMP F . 48.52 -13.75 -5.36
C2 CMP F . 47.78 -13.00 -4.52
N3 CMP F . 46.99 -12.00 -4.94
C4 CMP F . 46.90 -11.68 -6.25
P CMP G . 36.08 11.51 25.27
O1P CMP G . 34.96 11.78 24.29
O2P CMP G . 37.48 11.30 24.75
O5' CMP G . 35.68 10.20 26.11
C5' CMP G . 34.53 10.19 26.95
C4' CMP G . 34.27 11.59 27.43
O4' CMP G . 33.69 11.63 28.75
C3' CMP G . 35.54 12.39 27.60
O3' CMP G . 36.10 12.72 26.35
C2' CMP G . 35.06 13.56 28.44
O2' CMP G . 34.33 14.49 27.64
C1' CMP G . 34.07 12.85 29.38
N9 CMP G . 34.66 12.55 30.69
C8 CMP G . 35.50 11.53 30.96
N7 CMP G . 35.86 11.53 32.27
C5 CMP G . 35.25 12.58 32.86
C6 CMP G . 35.20 13.15 34.22
N6 CMP G . 35.89 12.61 35.23
N1 CMP G . 34.43 14.26 34.40
C2 CMP G . 33.73 14.81 33.40
N3 CMP G . 33.73 14.34 32.14
C4 CMP G . 34.45 13.24 31.81
P CMP H . 19.12 40.83 6.28
O1P CMP H . 18.87 39.54 5.53
O2P CMP H . 20.38 40.98 7.10
O5' CMP H . 17.88 41.06 7.26
C5' CMP H . 16.57 41.26 6.73
C4' CMP H . 16.68 41.89 5.38
O4' CMP H . 15.57 42.76 5.08
C3' CMP H . 17.88 42.79 5.23
O3' CMP H . 19.08 42.05 5.21
C2' CMP H . 17.52 43.57 3.98
O2' CMP H . 17.75 42.78 2.83
C1' CMP H . 16.01 43.76 4.16
N9 CMP H . 15.68 45.09 4.71
C8 CMP H . 15.77 45.46 5.99
N7 CMP H . 15.38 46.75 6.16
C5 CMP H . 15.03 47.22 4.95
C6 CMP H . 14.51 48.50 4.41
N6 CMP H . 14.31 49.56 5.22
N1 CMP H . 14.27 48.57 3.09
C2 CMP H . 14.47 47.51 2.27
N3 CMP H . 14.93 46.33 2.70
C4 CMP H . 15.22 46.11 4.00
#